data_3CBZ
# 
_entry.id   3CBZ 
# 
_audit_conform.dict_name       mmcif_pdbx.dic 
_audit_conform.dict_version    5.377 
_audit_conform.dict_location   http://mmcif.pdb.org/dictionaries/ascii/mmcif_pdbx.dic 
# 
loop_
_database_2.database_id 
_database_2.database_code 
_database_2.pdbx_database_accession 
_database_2.pdbx_DOI 
PDB   3CBZ         pdb_00003cbz 10.2210/pdb3cbz/pdb 
RCSB  RCSB046591   ?            ?                   
WWPDB D_1000046591 ?            ?                   
# 
loop_
_pdbx_database_related.db_name 
_pdbx_database_related.db_id 
_pdbx_database_related.details 
_pdbx_database_related.content_type 
PDB 3CBX . unspecified 
PDB 3CBY . unspecified 
PDB 3CC0 . unspecified 
# 
_pdbx_database_status.entry_id                        3CBZ 
_pdbx_database_status.deposit_site                    RCSB 
_pdbx_database_status.process_site                    RCSB 
_pdbx_database_status.recvd_initial_deposition_date   2008-02-23 
_pdbx_database_status.status_code                     REL 
_pdbx_database_status.status_code_sf                  REL 
_pdbx_database_status.status_code_mr                  ? 
_pdbx_database_status.SG_entry                        . 
_pdbx_database_status.pdb_format_compatible           Y 
_pdbx_database_status.status_code_cs                  ? 
_pdbx_database_status.methods_development_category    ? 
_pdbx_database_status.status_code_nmr_data            ? 
# 
loop_
_audit_author.name 
_audit_author.pdbx_ordinal 
'Appleton, B.A.' 1 
'Wiesmann, C.'   2 
# 
_citation.id                        primary 
_citation.title                     'Inhibition of Wnt signaling by Dishevelled PDZ peptides' 
_citation.journal_abbrev            Nat.Chem.Biol. 
_citation.journal_volume            5 
_citation.page_first                217 
_citation.page_last                 219 
_citation.year                      2009 
_citation.journal_id_ASTM           ? 
_citation.country                   US 
_citation.journal_id_ISSN           1552-4450 
_citation.journal_id_CSD            ? 
_citation.book_publisher            ? 
_citation.pdbx_database_id_PubMed   19252499 
_citation.pdbx_database_id_DOI      10.1038/nchembio.152 
# 
loop_
_citation_author.citation_id 
_citation_author.name 
_citation_author.ordinal 
_citation_author.identifier_ORCID 
primary 'Zhang, Y.'      1 ? 
primary 'Appleton, B.A.' 2 ? 
primary 'Wiesmann, C.'   3 ? 
primary 'Lau, T.'        4 ? 
primary 'Costa, M.'      5 ? 
primary 'Hannoush, R.N.' 6 ? 
primary 'Sidhu, S.S.'    7 ? 
# 
_cell.entry_id           3CBZ 
_cell.length_a           42.675 
_cell.length_b           43.554 
_cell.length_c           54.860 
_cell.angle_alpha        90.00 
_cell.angle_beta         90.00 
_cell.angle_gamma        90.00 
_cell.Z_PDB              4 
_cell.pdbx_unique_axis   ? 
_cell.length_a_esd       ? 
_cell.length_b_esd       ? 
_cell.length_c_esd       ? 
_cell.angle_alpha_esd    ? 
_cell.angle_beta_esd     ? 
_cell.angle_gamma_esd    ? 
# 
_symmetry.entry_id                         3CBZ 
_symmetry.space_group_name_H-M             'P 21 21 21' 
_symmetry.pdbx_full_space_group_name_H-M   ? 
_symmetry.cell_setting                     ? 
_symmetry.Int_Tables_number                19 
_symmetry.space_group_name_Hall            ? 
# 
loop_
_entity.id 
_entity.type 
_entity.src_method 
_entity.pdbx_description 
_entity.formula_weight 
_entity.pdbx_number_of_molecules 
_entity.pdbx_ec 
_entity.pdbx_mutation 
_entity.pdbx_fragment 
_entity.details 
1 polymer     man Dishevelled-2   11424.912 1  ? C341S 'PDZ domain (UNP residues 264-354)' ? 
2 non-polymer syn 'PHOSPHATE ION' 94.971    1  ? ?     ?                                   ? 
3 non-polymer syn 1,2-ETHANEDIOL  62.068    2  ? ?     ?                                   ? 
4 water       nat water           18.015    87 ? ?     ?                                   ? 
# 
_entity_name_com.entity_id   1 
_entity_name_com.name        'Segment polarity protein dishevelled homolog DVL-2, DSH homolog 2' 
# 
_entity_poly.entity_id                      1 
_entity_poly.type                           'polypeptide(L)' 
_entity_poly.nstd_linkage                   no 
_entity_poly.nstd_monomer                   no 
_entity_poly.pdbx_seq_one_letter_code       
;GSHMNIITVTLNMEKYNFLGISIVGQSNERGDGGIYIGSIMKGGAVAADGRIEPGDMLLQVNDMNFENMSNDDAVRVLRD
IVHKPGPIVLTVAKSGGGSGNEVWIDGP
;
_entity_poly.pdbx_seq_one_letter_code_can   
;GSHMNIITVTLNMEKYNFLGISIVGQSNERGDGGIYIGSIMKGGAVAADGRIEPGDMLLQVNDMNFENMSNDDAVRVLRD
IVHKPGPIVLTVAKSGGGSGNEVWIDGP
;
_entity_poly.pdbx_strand_id                 A 
_entity_poly.pdbx_target_identifier         ? 
# 
loop_
_entity_poly_seq.entity_id 
_entity_poly_seq.num 
_entity_poly_seq.mon_id 
_entity_poly_seq.hetero 
1 1   GLY n 
1 2   SER n 
1 3   HIS n 
1 4   MET n 
1 5   ASN n 
1 6   ILE n 
1 7   ILE n 
1 8   THR n 
1 9   VAL n 
1 10  THR n 
1 11  LEU n 
1 12  ASN n 
1 13  MET n 
1 14  GLU n 
1 15  LYS n 
1 16  TYR n 
1 17  ASN n 
1 18  PHE n 
1 19  LEU n 
1 20  GLY n 
1 21  ILE n 
1 22  SER n 
1 23  ILE n 
1 24  VAL n 
1 25  GLY n 
1 26  GLN n 
1 27  SER n 
1 28  ASN n 
1 29  GLU n 
1 30  ARG n 
1 31  GLY n 
1 32  ASP n 
1 33  GLY n 
1 34  GLY n 
1 35  ILE n 
1 36  TYR n 
1 37  ILE n 
1 38  GLY n 
1 39  SER n 
1 40  ILE n 
1 41  MET n 
1 42  LYS n 
1 43  GLY n 
1 44  GLY n 
1 45  ALA n 
1 46  VAL n 
1 47  ALA n 
1 48  ALA n 
1 49  ASP n 
1 50  GLY n 
1 51  ARG n 
1 52  ILE n 
1 53  GLU n 
1 54  PRO n 
1 55  GLY n 
1 56  ASP n 
1 57  MET n 
1 58  LEU n 
1 59  LEU n 
1 60  GLN n 
1 61  VAL n 
1 62  ASN n 
1 63  ASP n 
1 64  MET n 
1 65  ASN n 
1 66  PHE n 
1 67  GLU n 
1 68  ASN n 
1 69  MET n 
1 70  SER n 
1 71  ASN n 
1 72  ASP n 
1 73  ASP n 
1 74  ALA n 
1 75  VAL n 
1 76  ARG n 
1 77  VAL n 
1 78  LEU n 
1 79  ARG n 
1 80  ASP n 
1 81  ILE n 
1 82  VAL n 
1 83  HIS n 
1 84  LYS n 
1 85  PRO n 
1 86  GLY n 
1 87  PRO n 
1 88  ILE n 
1 89  VAL n 
1 90  LEU n 
1 91  THR n 
1 92  VAL n 
1 93  ALA n 
1 94  LYS n 
1 95  SER n 
1 96  GLY n 
1 97  GLY n 
1 98  GLY n 
1 99  SER n 
1 100 GLY n 
1 101 ASN n 
1 102 GLU n 
1 103 VAL n 
1 104 TRP n 
1 105 ILE n 
1 106 ASP n 
1 107 GLY n 
1 108 PRO n 
# 
_entity_src_gen.entity_id                          1 
_entity_src_gen.pdbx_src_id                        1 
_entity_src_gen.pdbx_alt_source_flag               sample 
_entity_src_gen.pdbx_seq_type                      ? 
_entity_src_gen.pdbx_beg_seq_num                   ? 
_entity_src_gen.pdbx_end_seq_num                   ? 
_entity_src_gen.gene_src_common_name               Human 
_entity_src_gen.gene_src_genus                     ? 
_entity_src_gen.pdbx_gene_src_gene                 DVL2 
_entity_src_gen.gene_src_species                   ? 
_entity_src_gen.gene_src_strain                    ? 
_entity_src_gen.gene_src_tissue                    ? 
_entity_src_gen.gene_src_tissue_fraction           ? 
_entity_src_gen.gene_src_details                   ? 
_entity_src_gen.pdbx_gene_src_fragment             ? 
_entity_src_gen.pdbx_gene_src_scientific_name      'Homo sapiens' 
_entity_src_gen.pdbx_gene_src_ncbi_taxonomy_id     9606 
_entity_src_gen.pdbx_gene_src_variant              ? 
_entity_src_gen.pdbx_gene_src_cell_line            ? 
_entity_src_gen.pdbx_gene_src_atcc                 ? 
_entity_src_gen.pdbx_gene_src_organ                ? 
_entity_src_gen.pdbx_gene_src_organelle            ? 
_entity_src_gen.pdbx_gene_src_cell                 ? 
_entity_src_gen.pdbx_gene_src_cellular_location    ? 
_entity_src_gen.host_org_common_name               ? 
_entity_src_gen.pdbx_host_org_scientific_name      'Escherichia coli' 
_entity_src_gen.pdbx_host_org_ncbi_taxonomy_id     562 
_entity_src_gen.host_org_genus                     ? 
_entity_src_gen.pdbx_host_org_gene                 ? 
_entity_src_gen.pdbx_host_org_organ                ? 
_entity_src_gen.host_org_species                   ? 
_entity_src_gen.pdbx_host_org_tissue               ? 
_entity_src_gen.pdbx_host_org_tissue_fraction      ? 
_entity_src_gen.pdbx_host_org_strain               ? 
_entity_src_gen.pdbx_host_org_variant              ? 
_entity_src_gen.pdbx_host_org_cell_line            ? 
_entity_src_gen.pdbx_host_org_atcc                 ? 
_entity_src_gen.pdbx_host_org_culture_collection   ? 
_entity_src_gen.pdbx_host_org_cell                 ? 
_entity_src_gen.pdbx_host_org_organelle            ? 
_entity_src_gen.pdbx_host_org_cellular_location    ? 
_entity_src_gen.pdbx_host_org_vector_type          plasmid 
_entity_src_gen.pdbx_host_org_vector               ? 
_entity_src_gen.host_org_details                   ? 
_entity_src_gen.expression_system_id               ? 
_entity_src_gen.plasmid_name                       ? 
_entity_src_gen.plasmid_details                    ? 
_entity_src_gen.pdbx_description                   ? 
# 
_struct_ref.id                         1 
_struct_ref.db_name                    UNP 
_struct_ref.db_code                    DVL2_HUMAN 
_struct_ref.pdbx_db_accession          O14641 
_struct_ref.entity_id                  1 
_struct_ref.pdbx_seq_one_letter_code   
;NIITVTLNMEKYNFLGISIVGQSNERGDGGIYIGSIMKGGAVAADGRIEPGDMLLQVNDMNFENMSNDDAVRVLRDIVHK
PGPIVLTVAK
;
_struct_ref.pdbx_align_begin           264 
_struct_ref.pdbx_db_isoform            ? 
# 
_struct_ref_seq.align_id                      1 
_struct_ref_seq.ref_id                        1 
_struct_ref_seq.pdbx_PDB_id_code              3CBZ 
_struct_ref_seq.pdbx_strand_id                A 
_struct_ref_seq.seq_align_beg                 5 
_struct_ref_seq.pdbx_seq_align_beg_ins_code   ? 
_struct_ref_seq.seq_align_end                 95 
_struct_ref_seq.pdbx_seq_align_end_ins_code   ? 
_struct_ref_seq.pdbx_db_accession             O14641 
_struct_ref_seq.db_align_beg                  264 
_struct_ref_seq.pdbx_db_align_beg_ins_code    ? 
_struct_ref_seq.db_align_end                  354 
_struct_ref_seq.pdbx_db_align_end_ins_code    ? 
_struct_ref_seq.pdbx_auth_seq_align_beg       264 
_struct_ref_seq.pdbx_auth_seq_align_end       354 
# 
loop_
_struct_ref_seq_dif.align_id 
_struct_ref_seq_dif.pdbx_pdb_id_code 
_struct_ref_seq_dif.mon_id 
_struct_ref_seq_dif.pdbx_pdb_strand_id 
_struct_ref_seq_dif.seq_num 
_struct_ref_seq_dif.pdbx_pdb_ins_code 
_struct_ref_seq_dif.pdbx_seq_db_name 
_struct_ref_seq_dif.pdbx_seq_db_accession_code 
_struct_ref_seq_dif.db_mon_id 
_struct_ref_seq_dif.pdbx_seq_db_seq_num 
_struct_ref_seq_dif.details 
_struct_ref_seq_dif.pdbx_auth_seq_num 
_struct_ref_seq_dif.pdbx_ordinal 
1 3CBZ GLY A 1   ? UNP O14641 ?   ?   'expression tag'      260 1  
1 3CBZ SER A 2   ? UNP O14641 ?   ?   'expression tag'      261 2  
1 3CBZ HIS A 3   ? UNP O14641 ?   ?   'expression tag'      262 3  
1 3CBZ MET A 4   ? UNP O14641 ?   ?   'expression tag'      263 4  
1 3CBZ SER A 95  ? UNP O14641 CYS 354 'engineered mutation' 354 5  
1 3CBZ GLY A 96  ? UNP O14641 ?   ?   linker                355 6  
1 3CBZ GLY A 97  ? UNP O14641 ?   ?   linker                356 7  
1 3CBZ GLY A 98  ? UNP O14641 ?   ?   linker                357 8  
1 3CBZ SER A 99  ? UNP O14641 ?   ?   'SEE REMARK 999'      358 9  
1 3CBZ GLY A 100 ? UNP O14641 ?   ?   'SEE REMARK 999'      359 10 
1 3CBZ ASN A 101 ? UNP O14641 ?   ?   'SEE REMARK 999'      360 11 
1 3CBZ GLU A 102 ? UNP O14641 ?   ?   'SEE REMARK 999'      361 12 
1 3CBZ VAL A 103 ? UNP O14641 ?   ?   'SEE REMARK 999'      362 13 
1 3CBZ TRP A 104 ? UNP O14641 ?   ?   'SEE REMARK 999'      363 14 
1 3CBZ ILE A 105 ? UNP O14641 ?   ?   'SEE REMARK 999'      364 15 
1 3CBZ ASP A 106 ? UNP O14641 ?   ?   'SEE REMARK 999'      365 16 
1 3CBZ GLY A 107 ? UNP O14641 ?   ?   'SEE REMARK 999'      366 17 
1 3CBZ PRO A 108 ? UNP O14641 ?   ?   'SEE REMARK 999'      367 18 
# 
loop_
_chem_comp.id 
_chem_comp.type 
_chem_comp.mon_nstd_flag 
_chem_comp.name 
_chem_comp.pdbx_synonyms 
_chem_comp.formula 
_chem_comp.formula_weight 
ALA 'L-peptide linking' y ALANINE         ?                 'C3 H7 N O2'     89.093  
ARG 'L-peptide linking' y ARGININE        ?                 'C6 H15 N4 O2 1' 175.209 
ASN 'L-peptide linking' y ASPARAGINE      ?                 'C4 H8 N2 O3'    132.118 
ASP 'L-peptide linking' y 'ASPARTIC ACID' ?                 'C4 H7 N O4'     133.103 
CYS 'L-peptide linking' y CYSTEINE        ?                 'C3 H7 N O2 S'   121.158 
EDO non-polymer         . 1,2-ETHANEDIOL  'ETHYLENE GLYCOL' 'C2 H6 O2'       62.068  
GLN 'L-peptide linking' y GLUTAMINE       ?                 'C5 H10 N2 O3'   146.144 
GLU 'L-peptide linking' y 'GLUTAMIC ACID' ?                 'C5 H9 N O4'     147.129 
GLY 'peptide linking'   y GLYCINE         ?                 'C2 H5 N O2'     75.067  
HIS 'L-peptide linking' y HISTIDINE       ?                 'C6 H10 N3 O2 1' 156.162 
HOH non-polymer         . WATER           ?                 'H2 O'           18.015  
ILE 'L-peptide linking' y ISOLEUCINE      ?                 'C6 H13 N O2'    131.173 
LEU 'L-peptide linking' y LEUCINE         ?                 'C6 H13 N O2'    131.173 
LYS 'L-peptide linking' y LYSINE          ?                 'C6 H15 N2 O2 1' 147.195 
MET 'L-peptide linking' y METHIONINE      ?                 'C5 H11 N O2 S'  149.211 
PHE 'L-peptide linking' y PHENYLALANINE   ?                 'C9 H11 N O2'    165.189 
PO4 non-polymer         . 'PHOSPHATE ION' ?                 'O4 P -3'        94.971  
PRO 'L-peptide linking' y PROLINE         ?                 'C5 H9 N O2'     115.130 
SER 'L-peptide linking' y SERINE          ?                 'C3 H7 N O3'     105.093 
THR 'L-peptide linking' y THREONINE       ?                 'C4 H9 N O3'     119.119 
TRP 'L-peptide linking' y TRYPTOPHAN      ?                 'C11 H12 N2 O2'  204.225 
TYR 'L-peptide linking' y TYROSINE        ?                 'C9 H11 N O3'    181.189 
VAL 'L-peptide linking' y VALINE          ?                 'C5 H11 N O2'    117.146 
# 
_exptl.crystals_number   1 
_exptl.entry_id          3CBZ 
_exptl.method            'X-RAY DIFFRACTION' 
# 
_exptl_crystal.id                    1 
_exptl_crystal.density_Matthews      2.23 
_exptl_crystal.density_meas          ? 
_exptl_crystal.density_percent_sol   44.87 
_exptl_crystal.description           ? 
_exptl_crystal.F_000                 ? 
_exptl_crystal.preparation           ? 
# 
_exptl_crystal_grow.crystal_id      1 
_exptl_crystal_grow.method          'VAPOR DIFFUSION, SITTING DROP' 
_exptl_crystal_grow.pH              7.5 
_exptl_crystal_grow.temp            292 
_exptl_crystal_grow.pdbx_details    
'0.1 M HEPES, 0.8 M sodium phosphate, 0.8 M Potassium phosphate, pH 7.5, VAPOR DIFFUSION, SITTING DROP, temperature 292K' 
_exptl_crystal_grow.temp_details    ? 
_exptl_crystal_grow.pdbx_pH_range   . 
# 
_diffrn.id                     1 
_diffrn.ambient_temp           100 
_diffrn.ambient_temp_details   ? 
_diffrn.crystal_id             1 
# 
_diffrn_detector.diffrn_id              1 
_diffrn_detector.detector               CCD 
_diffrn_detector.type                   'ADSC QUANTUM 315' 
_diffrn_detector.pdbx_collection_date   2006-06-09 
_diffrn_detector.details                ? 
# 
_diffrn_radiation.diffrn_id                        1 
_diffrn_radiation.pdbx_diffrn_protocol             'SINGLE WAVELENGTH' 
_diffrn_radiation.monochromator                    ? 
_diffrn_radiation.wavelength_id                    1 
_diffrn_radiation.pdbx_monochromatic_or_laue_m_l   M 
_diffrn_radiation.pdbx_scattering_type             x-ray 
# 
_diffrn_radiation_wavelength.id           1 
_diffrn_radiation_wavelength.wavelength   1.00 
_diffrn_radiation_wavelength.wt           1.0 
# 
_diffrn_source.diffrn_id                   1 
_diffrn_source.source                      SYNCHROTRON 
_diffrn_source.type                        'ALS BEAMLINE 5.0.2' 
_diffrn_source.pdbx_wavelength_list        1.00 
_diffrn_source.pdbx_wavelength             ? 
_diffrn_source.pdbx_synchrotron_site       ALS 
_diffrn_source.pdbx_synchrotron_beamline   5.0.2 
# 
_reflns.entry_id                     3CBZ 
_reflns.d_resolution_high            1.380 
_reflns.d_resolution_low             50.000 
_reflns.number_obs                   21576 
_reflns.pdbx_Rmerge_I_obs            0.046 
_reflns.pdbx_netI_over_sigmaI        32.1 
_reflns.pdbx_chi_squared             1.005 
_reflns.pdbx_redundancy              5.500 
_reflns.percent_possible_obs         99.300 
_reflns.observed_criterion_sigma_F   ? 
_reflns.observed_criterion_sigma_I   ? 
_reflns.number_all                   ? 
_reflns.pdbx_Rsym_value              ? 
_reflns.B_iso_Wilson_estimate        ? 
_reflns.R_free_details               ? 
_reflns.limit_h_max                  ? 
_reflns.limit_h_min                  ? 
_reflns.limit_k_max                  ? 
_reflns.limit_k_min                  ? 
_reflns.limit_l_max                  ? 
_reflns.limit_l_min                  ? 
_reflns.observed_criterion_F_max     ? 
_reflns.observed_criterion_F_min     ? 
_reflns.pdbx_scaling_rejects         ? 
_reflns.pdbx_diffrn_id               1 
_reflns.pdbx_ordinal                 1 
# 
_reflns_shell.d_res_high             1.38 
_reflns_shell.d_res_low              1.43 
_reflns_shell.number_measured_obs    ? 
_reflns_shell.number_measured_all    ? 
_reflns_shell.number_unique_obs      ? 
_reflns_shell.Rmerge_I_obs           0.397 
_reflns_shell.meanI_over_sigI_obs    2.8 
_reflns_shell.pdbx_Rsym_value        ? 
_reflns_shell.pdbx_chi_squared       0.972 
_reflns_shell.pdbx_redundancy        4.30 
_reflns_shell.percent_possible_obs   ? 
_reflns_shell.number_unique_all      2018 
_reflns_shell.percent_possible_all   94.60 
_reflns_shell.pdbx_diffrn_id         ? 
_reflns_shell.pdbx_ordinal           1 
# 
_refine.entry_id                                 3CBZ 
_refine.ls_d_res_high                            1.380 
_refine.ls_d_res_low                             20.000 
_refine.pdbx_ls_sigma_F                          0.00 
_refine.ls_percent_reflns_obs                    99.310 
_refine.ls_number_reflns_obs                     20391 
_refine.pdbx_ls_cross_valid_method               THROUGHOUT 
_refine.pdbx_R_Free_selection_details            RANDOM 
_refine.details                                  'HYDROGENS HAVE BEEN ADDED IN THE RIDING POSITIONS' 
_refine.ls_R_factor_obs                          0.139 
_refine.ls_R_factor_R_work                       0.137 
_refine.ls_R_factor_R_free                       0.166 
_refine.ls_percent_reflns_R_free                 5.100 
_refine.ls_number_reflns_R_free                  1096 
_refine.B_iso_mean                               13.494 
_refine.aniso_B[1][1]                            -0.660 
_refine.aniso_B[2][2]                            -0.170 
_refine.aniso_B[3][3]                            0.820 
_refine.aniso_B[1][2]                            0.000 
_refine.aniso_B[1][3]                            0.000 
_refine.aniso_B[2][3]                            0.000 
_refine.correlation_coeff_Fo_to_Fc               0.973 
_refine.correlation_coeff_Fo_to_Fc_free          0.972 
_refine.pdbx_overall_ESU_R                       0.052 
_refine.pdbx_overall_ESU_R_Free                  0.049 
_refine.overall_SU_ML                            0.029 
_refine.overall_SU_B                             1.569 
_refine.solvent_model_details                    MASK 
_refine.pdbx_solvent_vdw_probe_radii             1.400 
_refine.pdbx_solvent_ion_probe_radii             0.800 
_refine.pdbx_solvent_shrinkage_radii             0.800 
_refine.pdbx_method_to_determine_struct          'MOLECULAR REPLACEMENT' 
_refine.pdbx_stereochemistry_target_values       'MAXIMUM LIKELIHOOD' 
_refine.pdbx_ls_sigma_I                          ? 
_refine.ls_number_reflns_all                     ? 
_refine.ls_R_factor_all                          ? 
_refine.ls_redundancy_reflns_obs                 ? 
_refine.pdbx_data_cutoff_high_absF               ? 
_refine.pdbx_data_cutoff_low_absF                ? 
_refine.ls_number_parameters                     ? 
_refine.ls_number_restraints                     ? 
_refine.ls_R_factor_R_free_error                 ? 
_refine.ls_R_factor_R_free_error_details         ? 
_refine.pdbx_starting_model                      3CBX 
_refine.pdbx_stereochem_target_val_spec_case     ? 
_refine.solvent_model_param_bsol                 ? 
_refine.solvent_model_param_ksol                 ? 
_refine.occupancy_max                            ? 
_refine.occupancy_min                            ? 
_refine.pdbx_isotropic_thermal_model             ? 
_refine.B_iso_min                                ? 
_refine.B_iso_max                                ? 
_refine.overall_SU_R_Cruickshank_DPI             ? 
_refine.overall_SU_R_free                        ? 
_refine.pdbx_data_cutoff_high_rms_absF           ? 
_refine.ls_wR_factor_R_free                      ? 
_refine.ls_wR_factor_R_work                      ? 
_refine.overall_FOM_free_R_set                   ? 
_refine.overall_FOM_work_R_set                   ? 
_refine.pdbx_overall_phase_error                 ? 
_refine.pdbx_refine_id                           'X-RAY DIFFRACTION' 
_refine.pdbx_diffrn_id                           1 
_refine.pdbx_TLS_residual_ADP_flag               ? 
_refine.pdbx_overall_SU_R_free_Cruickshank_DPI   ? 
_refine.pdbx_overall_SU_R_Blow_DPI               ? 
_refine.pdbx_overall_SU_R_free_Blow_DPI          ? 
# 
_refine_hist.pdbx_refine_id                   'X-RAY DIFFRACTION' 
_refine_hist.cycle_id                         LAST 
_refine_hist.pdbx_number_atoms_protein        801 
_refine_hist.pdbx_number_atoms_nucleic_acid   0 
_refine_hist.pdbx_number_atoms_ligand         13 
_refine_hist.number_atoms_solvent             87 
_refine_hist.number_atoms_total               901 
_refine_hist.d_res_high                       1.380 
_refine_hist.d_res_low                        20.000 
# 
loop_
_refine_ls_restr.type 
_refine_ls_restr.number 
_refine_ls_restr.dev_ideal 
_refine_ls_restr.dev_ideal_target 
_refine_ls_restr.weight 
_refine_ls_restr.pdbx_refine_id 
_refine_ls_restr.pdbx_restraint_function 
r_bond_refined_d         825  0.016  0.022  ? 'X-RAY DIFFRACTION' ? 
r_bond_other_d           557  0.003  0.020  ? 'X-RAY DIFFRACTION' ? 
r_angle_refined_deg      1115 1.600  1.981  ? 'X-RAY DIFFRACTION' ? 
r_angle_other_deg        1371 0.936  3.000  ? 'X-RAY DIFFRACTION' ? 
r_dihedral_angle_1_deg   112  6.089  5.000  ? 'X-RAY DIFFRACTION' ? 
r_dihedral_angle_2_deg   35   37.528 25.429 ? 'X-RAY DIFFRACTION' ? 
r_dihedral_angle_3_deg   149  11.615 15.000 ? 'X-RAY DIFFRACTION' ? 
r_dihedral_angle_4_deg   5    18.420 15.000 ? 'X-RAY DIFFRACTION' ? 
r_chiral_restr           125  0.103  0.200  ? 'X-RAY DIFFRACTION' ? 
r_gen_planes_refined     924  0.007  0.020  ? 'X-RAY DIFFRACTION' ? 
r_gen_planes_other       148  0.001  0.020  ? 'X-RAY DIFFRACTION' ? 
r_nbd_refined            132  0.208  0.200  ? 'X-RAY DIFFRACTION' ? 
r_nbd_other              551  0.193  0.200  ? 'X-RAY DIFFRACTION' ? 
r_nbtor_refined          388  0.174  0.200  ? 'X-RAY DIFFRACTION' ? 
r_nbtor_other            473  0.087  0.200  ? 'X-RAY DIFFRACTION' ? 
r_xyhbond_nbd_refined    61   0.189  0.200  ? 'X-RAY DIFFRACTION' ? 
r_symmetry_vdw_refined   12   0.191  0.200  ? 'X-RAY DIFFRACTION' ? 
r_symmetry_vdw_other     52   0.184  0.200  ? 'X-RAY DIFFRACTION' ? 
r_symmetry_hbond_refined 7    0.111  0.200  ? 'X-RAY DIFFRACTION' ? 
r_mcbond_it              677  4.704  2.500  ? 'X-RAY DIFFRACTION' ? 
r_mcbond_other           223  2.942  2.500  ? 'X-RAY DIFFRACTION' ? 
r_mcangle_it             845  5.380  5.000  ? 'X-RAY DIFFRACTION' ? 
r_scbond_it              336  5.434  2.500  ? 'X-RAY DIFFRACTION' ? 
r_scangle_it             265  7.228  5.000  ? 'X-RAY DIFFRACTION' ? 
r_rigid_bond_restr       1647 3.205  3.000  ? 'X-RAY DIFFRACTION' ? 
r_sphericity_free        87   16.502 3.000  ? 'X-RAY DIFFRACTION' ? 
r_sphericity_bonded      1371 8.475  3.000  ? 'X-RAY DIFFRACTION' ? 
# 
_refine_ls_shell.d_res_high                       1.380 
_refine_ls_shell.d_res_low                        1.408 
_refine_ls_shell.pdbx_total_number_of_bins_used   25 
_refine_ls_shell.percent_reflns_obs               92.880 
_refine_ls_shell.number_reflns_R_work             1121 
_refine_ls_shell.R_factor_all                     ? 
_refine_ls_shell.R_factor_R_work                  0.194 
_refine_ls_shell.R_factor_R_free                  0.328 
_refine_ls_shell.percent_reflns_R_free            ? 
_refine_ls_shell.number_reflns_R_free             53 
_refine_ls_shell.R_factor_R_free_error            ? 
_refine_ls_shell.number_reflns_all                1174 
_refine_ls_shell.number_reflns_obs                ? 
_refine_ls_shell.redundancy_reflns_obs            ? 
_refine_ls_shell.pdbx_refine_id                   'X-RAY DIFFRACTION' 
# 
_struct.entry_id                  3CBZ 
_struct.title                     'The Dvl2 PDZ Domain in Complex with the N2 Inhibitory Peptide' 
_struct.pdbx_model_details        ? 
_struct.pdbx_CASP_flag            ? 
_struct.pdbx_model_type_details   ? 
# 
_struct_keywords.entry_id        3CBZ 
_struct_keywords.text            
;PDZ DOMAIN, PHAGE DERIVED HIGH AFFINITY LIGAND, Cytoplasm, Developmental protein, Phosphoprotein, Wnt signaling pathway, SIGNALING PROTEIN, PROTEIN BINDING
;
_struct_keywords.pdbx_keywords   'PROTEIN BINDING' 
# 
loop_
_struct_asym.id 
_struct_asym.pdbx_blank_PDB_chainid_flag 
_struct_asym.pdbx_modified 
_struct_asym.entity_id 
_struct_asym.details 
A N N 1 ? 
B N N 2 ? 
C N N 3 ? 
D N N 3 ? 
E N N 4 ? 
# 
_struct_biol.id        1 
_struct_biol.details   'MULTIMER: PDZ-peptide pairs form an extended head-to-tail assembly coincident with a crystallographic axis' 
# 
loop_
_struct_conf.conf_type_id 
_struct_conf.id 
_struct_conf.pdbx_PDB_helix_id 
_struct_conf.beg_label_comp_id 
_struct_conf.beg_label_asym_id 
_struct_conf.beg_label_seq_id 
_struct_conf.pdbx_beg_PDB_ins_code 
_struct_conf.end_label_comp_id 
_struct_conf.end_label_asym_id 
_struct_conf.end_label_seq_id 
_struct_conf.pdbx_end_PDB_ins_code 
_struct_conf.beg_auth_comp_id 
_struct_conf.beg_auth_asym_id 
_struct_conf.beg_auth_seq_id 
_struct_conf.end_auth_comp_id 
_struct_conf.end_auth_asym_id 
_struct_conf.end_auth_seq_id 
_struct_conf.pdbx_PDB_helix_class 
_struct_conf.details 
_struct_conf.pdbx_PDB_helix_length 
HELX_P HELX_P1 1 ASN A 12 ? ASN A 17 ? ASN A 271 ASN A 276 1 ? 6  
HELX_P HELX_P2 2 GLY A 44 ? GLY A 50 ? GLY A 303 GLY A 309 1 ? 7  
HELX_P HELX_P3 3 SER A 70 ? HIS A 83 ? SER A 329 HIS A 342 1 ? 14 
# 
_struct_conf_type.id          HELX_P 
_struct_conf_type.criteria    ? 
_struct_conf_type.reference   ? 
# 
loop_
_struct_sheet.id 
_struct_sheet.type 
_struct_sheet.number_strands 
_struct_sheet.details 
A ? 4 ? 
B ? 2 ? 
# 
loop_
_struct_sheet_order.sheet_id 
_struct_sheet_order.range_id_1 
_struct_sheet_order.range_id_2 
_struct_sheet_order.offset 
_struct_sheet_order.sense 
A 1 2 ? anti-parallel 
A 2 3 ? anti-parallel 
A 3 4 ? anti-parallel 
B 1 2 ? anti-parallel 
# 
loop_
_struct_sheet_range.sheet_id 
_struct_sheet_range.id 
_struct_sheet_range.beg_label_comp_id 
_struct_sheet_range.beg_label_asym_id 
_struct_sheet_range.beg_label_seq_id 
_struct_sheet_range.pdbx_beg_PDB_ins_code 
_struct_sheet_range.end_label_comp_id 
_struct_sheet_range.end_label_asym_id 
_struct_sheet_range.end_label_seq_id 
_struct_sheet_range.pdbx_end_PDB_ins_code 
_struct_sheet_range.beg_auth_comp_id 
_struct_sheet_range.beg_auth_asym_id 
_struct_sheet_range.beg_auth_seq_id 
_struct_sheet_range.end_auth_comp_id 
_struct_sheet_range.end_auth_asym_id 
_struct_sheet_range.end_auth_seq_id 
A 1 ILE A 6  ? LEU A 11 ? ILE A 265 LEU A 270 
A 2 ILE A 88 ? ALA A 93 ? ILE A 347 ALA A 352 
A 3 MET A 57 ? VAL A 61 ? MET A 316 VAL A 320 
A 4 MET A 64 ? ASN A 65 ? MET A 323 ASN A 324 
B 1 ILE A 21 ? GLN A 26 ? ILE A 280 GLN A 285 
B 2 GLY A 34 ? ILE A 40 ? GLY A 293 ILE A 299 
# 
loop_
_pdbx_struct_sheet_hbond.sheet_id 
_pdbx_struct_sheet_hbond.range_id_1 
_pdbx_struct_sheet_hbond.range_id_2 
_pdbx_struct_sheet_hbond.range_1_label_atom_id 
_pdbx_struct_sheet_hbond.range_1_label_comp_id 
_pdbx_struct_sheet_hbond.range_1_label_asym_id 
_pdbx_struct_sheet_hbond.range_1_label_seq_id 
_pdbx_struct_sheet_hbond.range_1_PDB_ins_code 
_pdbx_struct_sheet_hbond.range_1_auth_atom_id 
_pdbx_struct_sheet_hbond.range_1_auth_comp_id 
_pdbx_struct_sheet_hbond.range_1_auth_asym_id 
_pdbx_struct_sheet_hbond.range_1_auth_seq_id 
_pdbx_struct_sheet_hbond.range_2_label_atom_id 
_pdbx_struct_sheet_hbond.range_2_label_comp_id 
_pdbx_struct_sheet_hbond.range_2_label_asym_id 
_pdbx_struct_sheet_hbond.range_2_label_seq_id 
_pdbx_struct_sheet_hbond.range_2_PDB_ins_code 
_pdbx_struct_sheet_hbond.range_2_auth_atom_id 
_pdbx_struct_sheet_hbond.range_2_auth_comp_id 
_pdbx_struct_sheet_hbond.range_2_auth_asym_id 
_pdbx_struct_sheet_hbond.range_2_auth_seq_id 
A 1 2 N VAL A 9  ? N VAL A 268 O LEU A 90 ? O LEU A 349 
A 2 3 O THR A 91 ? O THR A 350 N LEU A 59 ? N LEU A 318 
A 3 4 N VAL A 61 ? N VAL A 320 O MET A 64 ? O MET A 323 
B 1 2 N VAL A 24 ? N VAL A 283 O TYR A 36 ? O TYR A 295 
# 
loop_
_struct_site.id 
_struct_site.pdbx_evidence_code 
_struct_site.pdbx_auth_asym_id 
_struct_site.pdbx_auth_comp_id 
_struct_site.pdbx_auth_seq_id 
_struct_site.pdbx_auth_ins_code 
_struct_site.pdbx_num_residues 
_struct_site.details 
AC1 Software ? ? ? ? 6 'BINDING SITE FOR RESIDUE PO4 A2001' 
AC2 Software ? ? ? ? 5 'BINDING SITE FOR RESIDUE EDO A2002' 
AC3 Software ? ? ? ? 7 'BINDING SITE FOR RESIDUE EDO A2003' 
# 
loop_
_struct_site_gen.id 
_struct_site_gen.site_id 
_struct_site_gen.pdbx_num_res 
_struct_site_gen.label_comp_id 
_struct_site_gen.label_asym_id 
_struct_site_gen.label_seq_id 
_struct_site_gen.pdbx_auth_ins_code 
_struct_site_gen.auth_comp_id 
_struct_site_gen.auth_asym_id 
_struct_site_gen.auth_seq_id 
_struct_site_gen.label_atom_id 
_struct_site_gen.label_alt_id 
_struct_site_gen.symmetry 
_struct_site_gen.details 
1  AC1 6 ILE A 7  ? ILE A 266  . ? 1_555 ? 
2  AC1 6 THR A 8  ? THR A 267  . ? 1_555 ? 
3  AC1 6 ARG A 76 ? ARG A 335  . ? 4_555 ? 
4  AC1 6 ASP A 80 ? ASP A 339  . ? 4_555 ? 
5  AC1 6 HOH E .  ? HOH A 1061 . ? 1_555 ? 
6  AC1 6 HOH E .  ? HOH A 1063 . ? 1_555 ? 
7  AC2 5 ASN A 62 ? ASN A 321  . ? 4_455 ? 
8  AC2 5 ARG A 79 ? ARG A 338  . ? 1_555 ? 
9  AC2 5 VAL A 89 ? VAL A 348  . ? 4_455 ? 
10 AC2 5 HOH E .  ? HOH A 1064 . ? 4_455 ? 
11 AC2 5 EDO D .  ? EDO A 2003 . ? 4_455 ? 
12 AC3 7 THR A 10 ? THR A 269  . ? 1_555 ? 
13 AC3 7 ASP A 72 ? ASP A 331  . ? 4_555 ? 
14 AC3 7 VAL A 75 ? VAL A 334  . ? 4_555 ? 
15 AC3 7 VAL A 89 ? VAL A 348  . ? 1_555 ? 
16 AC3 7 HOH E .  ? HOH A 1018 . ? 4_555 ? 
17 AC3 7 HOH E .  ? HOH A 1077 . ? 1_555 ? 
18 AC3 7 EDO C .  ? EDO A 2002 . ? 4_555 ? 
# 
_atom_sites.entry_id                    3CBZ 
_atom_sites.fract_transf_matrix[1][1]   -0.01028127 
_atom_sites.fract_transf_matrix[1][2]   0.02058099 
_atom_sites.fract_transf_matrix[1][3]   0.00445238 
_atom_sites.fract_transf_matrix[2][1]   -0.01568967 
_atom_sites.fract_transf_matrix[2][2]   -0.01064003 
_atom_sites.fract_transf_matrix[2][3]   0.01295321 
_atom_sites.fract_transf_matrix[3][1]   0.01063698 
_atom_sites.fract_transf_matrix[3][2]   0.00214523 
_atom_sites.fract_transf_matrix[3][3]   0.01464625 
_atom_sites.fract_transf_vector[1]      0.033978 
_atom_sites.fract_transf_vector[2]      0.213045 
_atom_sites.fract_transf_vector[3]      0.128028 
# 
loop_
_atom_type.symbol 
C 
N 
O 
P 
S 
# 
loop_
_atom_site.group_PDB 
_atom_site.id 
_atom_site.type_symbol 
_atom_site.label_atom_id 
_atom_site.label_alt_id 
_atom_site.label_comp_id 
_atom_site.label_asym_id 
_atom_site.label_entity_id 
_atom_site.label_seq_id 
_atom_site.pdbx_PDB_ins_code 
_atom_site.Cartn_x 
_atom_site.Cartn_y 
_atom_site.Cartn_z 
_atom_site.occupancy 
_atom_site.B_iso_or_equiv 
_atom_site.pdbx_formal_charge 
_atom_site.auth_seq_id 
_atom_site.auth_comp_id 
_atom_site.auth_asym_id 
_atom_site.auth_atom_id 
_atom_site.pdbx_PDB_model_num 
ATOM   1   N N   . MET A 1 4   ? -5.780  9.130   12.881  1.00 37.59 ? 263  MET A N   1 
ATOM   2   C CA  . MET A 1 4   ? -4.665  8.751   11.957  1.00 31.10 ? 263  MET A CA  1 
ATOM   3   C C   . MET A 1 4   ? -4.695  9.598   10.690  1.00 27.32 ? 263  MET A C   1 
ATOM   4   O O   . MET A 1 4   ? -5.766  9.886   10.141  1.00 31.47 ? 263  MET A O   1 
ATOM   5   C CB  . MET A 1 4   ? -4.757  7.271   11.561  1.00 32.00 ? 263  MET A CB  1 
ATOM   6   C CG  . MET A 1 4   ? -4.632  6.326   12.736  1.00 35.05 ? 263  MET A CG  1 
ATOM   7   S SD  . MET A 1 4   ? -4.960  4.591   12.370  1.00 38.57 ? 263  MET A SD  1 
ATOM   8   C CE  . MET A 1 4   ? -6.640  4.617   11.756  1.00 38.08 ? 263  MET A CE  1 
ATOM   9   N N   . ASN A 1 5   ? -3.515  10.016  10.248  1.00 21.55 ? 264  ASN A N   1 
ATOM   10  C CA  . ASN A 1 5   ? -3.354  10.719  8.961   1.00 19.26 ? 264  ASN A CA  1 
ATOM   11  C C   . ASN A 1 5   ? -3.593  9.755   7.797   1.00 16.54 ? 264  ASN A C   1 
ATOM   12  O O   . ASN A 1 5   ? -3.112  8.646   7.823   1.00 18.28 ? 264  ASN A O   1 
ATOM   13  C CB  . ASN A 1 5   ? -1.916  11.286  8.890   1.00 22.64 ? 264  ASN A CB  1 
ATOM   14  C CG  . ASN A 1 5   ? -1.656  12.114  7.655   1.00 30.10 ? 264  ASN A CG  1 
ATOM   15  O OD1 . ASN A 1 5   ? -2.576  12.695  7.061   1.00 39.78 ? 264  ASN A OD1 1 
ATOM   16  N ND2 . ASN A 1 5   ? -0.396  12.187  7.259   1.00 37.37 ? 264  ASN A ND2 1 
ATOM   17  N N   . ILE A 1 6   ? -4.363  10.193  6.811   1.00 13.98 ? 265  ILE A N   1 
ATOM   18  C CA  . ILE A 1 6   ? -4.645  9.391   5.626   1.00 12.72 ? 265  ILE A CA  1 
ATOM   19  C C   . ILE A 1 6   ? -3.923  10.038  4.428   1.00 12.41 ? 265  ILE A C   1 
ATOM   20  O O   . ILE A 1 6   ? -4.041  11.257  4.185   1.00 14.80 ? 265  ILE A O   1 
ATOM   21  C CB  . ILE A 1 6   ? -6.157  9.289   5.365   1.00 14.02 ? 265  ILE A CB  1 
ATOM   22  C CG1 . ILE A 1 6   ? -6.815  8.657   6.608   1.00 21.69 ? 265  ILE A CG1 1 
ATOM   23  C CG2 . ILE A 1 6   ? -6.437  8.452   4.154   1.00 14.30 ? 265  ILE A CG2 1 
ATOM   24  C CD1 . ILE A 1 6   ? -8.304  8.527   6.552   1.00 25.98 ? 265  ILE A CD1 1 
ATOM   25  N N   . ILE A 1 7   ? -3.183  9.219   3.691   1.00 11.74 ? 266  ILE A N   1 
ATOM   26  C CA  . ILE A 1 7   ? -2.444  9.686   2.532   1.00 11.38 ? 266  ILE A CA  1 
ATOM   27  C C   . ILE A 1 7   ? -2.688  8.782   1.336   1.00 10.47 ? 266  ILE A C   1 
ATOM   28  O O   . ILE A 1 7   ? -2.963  7.579   1.485   1.00 11.32 ? 266  ILE A O   1 
ATOM   29  C CB  . ILE A 1 7   ? -0.912  9.824   2.800   1.00 12.47 ? 266  ILE A CB  1 
ATOM   30  C CG1 . ILE A 1 7   ? -0.226  8.470   3.022   1.00 12.93 ? 266  ILE A CG1 1 
ATOM   31  C CG2 . ILE A 1 7   ? -0.654  10.821  3.953   1.00 15.80 ? 266  ILE A CG2 1 
ATOM   32  C CD1 . ILE A 1 7   ? 1.293   8.505   3.035   1.00 14.14 ? 266  ILE A CD1 1 
ATOM   33  N N   . THR A 1 8   ? -2.638  9.391   0.146   1.00 10.97 ? 267  THR A N   1 
ATOM   34  C CA  . THR A 1 8   ? -2.802  8.665   -1.113  1.00 10.11 ? 267  THR A CA  1 
ATOM   35  C C   . THR A 1 8   ? -1.508  8.875   -1.926  1.00 11.50 ? 267  THR A C   1 
ATOM   36  O O   . THR A 1 8   ? -1.062  10.010  -2.131  1.00 13.94 ? 267  THR A O   1 
ATOM   37  C CB  . THR A 1 8   ? -4.045  9.147   -1.858  1.00 11.03 ? 267  THR A CB  1 
ATOM   38  O OG1 . THR A 1 8   ? -5.204  8.817   -1.094  1.00 11.76 ? 267  THR A OG1 1 
ATOM   39  C CG2 . THR A 1 8   ? -4.176  8.493   -3.255  1.00 13.73 ? 267  THR A CG2 1 
ATOM   40  N N   . VAL A 1 9   ? -0.915  7.768   -2.354  1.00 11.71 ? 268  VAL A N   1 
ATOM   41  C CA  A VAL A 1 9   ? 0.366   7.853   -3.043  0.50 12.01 ? 268  VAL A CA  1 
ATOM   42  C CA  B VAL A 1 9   ? 0.421   7.681   -2.934  0.50 11.51 ? 268  VAL A CA  1 
ATOM   43  C C   . VAL A 1 9   ? 0.332   7.082   -4.342  1.00 10.99 ? 268  VAL A C   1 
ATOM   44  O O   . VAL A 1 9   ? -0.206  5.983   -4.470  1.00 11.23 ? 268  VAL A O   1 
ATOM   45  C CB  A VAL A 1 9   ? 1.557   7.407   -2.174  0.50 16.11 ? 268  VAL A CB  1 
ATOM   46  C CB  B VAL A 1 9   ? 1.253   6.709   -2.029  0.50 11.20 ? 268  VAL A CB  1 
ATOM   47  C CG1 A VAL A 1 9   ? 1.577   8.171   -0.821  0.50 14.03 ? 268  VAL A CG1 1 
ATOM   48  C CG1 B VAL A 1 9   ? 2.612   6.420   -2.600  0.50 12.55 ? 268  VAL A CG1 1 
ATOM   49  C CG2 A VAL A 1 9   ? 1.527   5.929   -1.953  0.50 15.35 ? 268  VAL A CG2 1 
ATOM   50  C CG2 B VAL A 1 9   ? 1.375   7.274   -0.604  0.50 12.44 ? 268  VAL A CG2 1 
ATOM   51  N N   . THR A 1 10  ? 0.903   7.732   -5.346  1.00 12.77 ? 269  THR A N   1 
ATOM   52  C CA  . THR A 1 10  ? 0.955   7.188   -6.678  1.00 12.57 ? 269  THR A CA  1 
ATOM   53  C C   . THR A 1 10  ? 2.292   6.513   -6.850  1.00 12.68 ? 269  THR A C   1 
ATOM   54  O O   . THR A 1 10  ? 3.342   7.150   -6.721  1.00 15.52 ? 269  THR A O   1 
ATOM   55  C CB  . THR A 1 10  ? 0.828   8.291   -7.735  1.00 13.19 ? 269  THR A CB  1 
ATOM   56  O OG1 . THR A 1 10  ? -0.388  9.016   -7.525  1.00 18.15 ? 269  THR A OG1 1 
ATOM   57  C CG2 . THR A 1 10  ? 0.892   7.718   -9.121  1.00 15.55 ? 269  THR A CG2 1 
ATOM   58  N N   . LEU A 1 11  ? 2.266   5.228   -7.168  1.00 12.12 ? 270  LEU A N   1 
ATOM   59  C CA  . LEU A 1 11  ? 3.484   4.448   -7.292  1.00 12.59 ? 270  LEU A CA  1 
ATOM   60  C C   . LEU A 1 11  ? 3.943   4.443   -8.731  1.00 13.95 ? 270  LEU A C   1 
ATOM   61  O O   . LEU A 1 11  ? 3.133   4.466   -9.654  1.00 21.13 ? 270  LEU A O   1 
ATOM   62  C CB  . LEU A 1 11  ? 3.239   3.020   -6.861  1.00 14.51 ? 270  LEU A CB  1 
ATOM   63  C CG  . LEU A 1 11  ? 2.790   2.871   -5.425  1.00 17.26 ? 270  LEU A CG  1 
ATOM   64  C CD1 . LEU A 1 11  ? 2.439   1.374   -5.196  1.00 21.41 ? 270  LEU A CD1 1 
ATOM   65  C CD2 . LEU A 1 11  ? 3.812   3.443   -4.426  1.00 20.69 ? 270  LEU A CD2 1 
ATOM   66  N N   . ASN A 1 12  ? 5.246   4.356   -8.907  1.00 13.64 ? 271  ASN A N   1 
ATOM   67  C CA  . ASN A 1 12  ? 5.843   4.300   -10.236 1.00 13.84 ? 271  ASN A CA  1 
ATOM   68  C C   . ASN A 1 12  ? 6.132   2.860   -10.669 1.00 16.59 ? 271  ASN A C   1 
ATOM   69  O O   . ASN A 1 12  ? 7.247   2.358   -10.584 1.00 16.44 ? 271  ASN A O   1 
ATOM   70  C CB  . ASN A 1 12  ? 7.117   5.143   -10.253 1.00 13.82 ? 271  ASN A CB  1 
ATOM   71  C CG  . ASN A 1 12  ? 7.599   5.443   -11.636 1.00 15.67 ? 271  ASN A CG  1 
ATOM   72  O OD1 . ASN A 1 12  ? 7.164   4.830   -12.586 1.00 17.98 ? 271  ASN A OD1 1 
ATOM   73  N ND2 . ASN A 1 12  ? 8.534   6.389   -11.757 1.00 18.70 ? 271  ASN A ND2 1 
ATOM   74  N N   . MET A 1 13  ? 5.084   2.151   -11.097 1.00 19.24 ? 272  MET A N   1 
ATOM   75  C CA  . MET A 1 13  ? 5.231   0.726   -11.471 1.00 20.96 ? 272  MET A CA  1 
ATOM   76  C C   . MET A 1 13  ? 6.080   0.516   -12.707 1.00 23.50 ? 272  MET A C   1 
ATOM   77  O O   . MET A 1 13  ? 6.807   -0.499  -12.794 1.00 24.87 ? 272  MET A O   1 
ATOM   78  C CB  . MET A 1 13  ? 3.883   0.081   -11.765 1.00 22.89 ? 272  MET A CB  1 
ATOM   79  C CG  . MET A 1 13  ? 2.921   0.156   -10.685 1.00 24.19 ? 272  MET A CG  1 
ATOM   80  S SD  . MET A 1 13  ? 3.748   -0.039  -9.201  1.00 28.09 ? 272  MET A SD  1 
ATOM   81  C CE  . MET A 1 13  ? 4.120   -1.666  -9.029  1.00 11.29 ? 272  MET A CE  1 
ATOM   82  N N   . GLU A 1 14  ? 5.924   1.419   -13.684 1.00 22.02 ? 273  GLU A N   1 
ATOM   83  C CA  . GLU A 1 14  ? 6.743   1.415   -14.902 1.00 26.14 ? 273  GLU A CA  1 
ATOM   84  C C   . GLU A 1 14  ? 8.233   1.379   -14.604 1.00 24.87 ? 273  GLU A C   1 
ATOM   85  O O   . GLU A 1 14  ? 8.972   0.644   -15.237 1.00 26.82 ? 273  GLU A O   1 
ATOM   86  C CB  . GLU A 1 14  ? 6.420   2.644   -15.732 1.00 31.32 ? 273  GLU A CB  1 
ATOM   87  C CG  . GLU A 1 14  ? 5.067   2.584   -16.414 1.00 40.24 ? 273  GLU A CG  1 
ATOM   88  C CD  . GLU A 1 14  ? 4.707   3.907   -17.063 1.00 42.16 ? 273  GLU A CD  1 
ATOM   89  O OE1 . GLU A 1 14  ? 5.318   4.240   -18.102 1.00 49.84 ? 273  GLU A OE1 1 
ATOM   90  O OE2 . GLU A 1 14  ? 3.822   4.614   -16.530 1.00 48.77 ? 273  GLU A OE2 1 
ATOM   91  N N   . LYS A 1 15  ? 8.674   2.166   -13.623 1.00 19.36 ? 274  LYS A N   1 
ATOM   92  C CA  . LYS A 1 15  ? 10.070  2.196   -13.260 1.00 17.84 ? 274  LYS A CA  1 
ATOM   93  C C   . LYS A 1 15  ? 10.524  0.996   -12.434 1.00 18.78 ? 274  LYS A C   1 
ATOM   94  O O   . LYS A 1 15  ? 11.541  0.376   -12.679 1.00 21.82 ? 274  LYS A O   1 
ATOM   95  C CB  . LYS A 1 15  ? 10.375  3.490   -12.503 1.00 15.85 ? 274  LYS A CB  1 
ATOM   96  C CG  . LYS A 1 15  ? 11.810  3.572   -12.110 1.00 16.49 ? 274  LYS A CG  1 
ATOM   97  C CD  . LYS A 1 15  ? 12.199  4.952   -11.670 1.00 16.76 ? 274  LYS A CD  1 
ATOM   98  C CE  . LYS A 1 15  ? 13.624  5.009   -11.149 1.00 19.33 ? 274  LYS A CE  1 
ATOM   99  N NZ  . LYS A 1 15  ? 14.102  6.401   -11.001 1.00 23.22 ? 274  LYS A NZ  1 
ATOM   100 N N   . TYR A 1 16  ? 9.760   0.689   -11.380 1.00 18.80 ? 275  TYR A N   1 
ATOM   101 C CA  . TYR A 1 16  ? 10.240  -0.251  -10.335 1.00 20.39 ? 275  TYR A CA  1 
ATOM   102 C C   . TYR A 1 16  ? 9.790   -1.698  -10.507 1.00 23.31 ? 275  TYR A C   1 
ATOM   103 O O   . TYR A 1 16  ? 10.368  -2.593  -9.885  1.00 27.75 ? 275  TYR A O   1 
ATOM   104 C CB  . TYR A 1 16  ? 9.887   0.264   -8.927  1.00 18.14 ? 275  TYR A CB  1 
ATOM   105 C CG  . TYR A 1 16  ? 10.557  1.564   -8.629  1.00 16.99 ? 275  TYR A CG  1 
ATOM   106 C CD1 . TYR A 1 16  ? 9.853   2.750   -8.654  1.00 16.39 ? 275  TYR A CD1 1 
ATOM   107 C CD2 . TYR A 1 16  ? 11.928  1.623   -8.373  1.00 17.43 ? 275  TYR A CD2 1 
ATOM   108 C CE1 . TYR A 1 16  ? 10.476  3.940   -8.443  1.00 16.18 ? 275  TYR A CE1 1 
ATOM   109 C CE2 . TYR A 1 16  ? 12.558  2.816   -8.151  1.00 16.29 ? 275  TYR A CE2 1 
ATOM   110 C CZ  . TYR A 1 16  ? 11.852  3.969   -8.200  1.00 17.35 ? 275  TYR A CZ  1 
ATOM   111 O OH  . TYR A 1 16  ? 12.507  5.180   -7.986  1.00 20.01 ? 275  TYR A OH  1 
ATOM   112 N N   . ASN A 1 17  ? 8.767   -1.923  -11.327 1.00 21.93 ? 276  ASN A N   1 
ATOM   113 C CA  . ASN A 1 17  ? 8.393   -3.273  -11.802 1.00 23.64 ? 276  ASN A CA  1 
ATOM   114 C C   . ASN A 1 17  ? 7.580   -4.154  -10.849 1.00 21.45 ? 276  ASN A C   1 
ATOM   115 O O   . ASN A 1 17  ? 6.832   -5.016  -11.301 1.00 28.67 ? 276  ASN A O   1 
ATOM   116 C CB  . ASN A 1 17  ? 9.616   -4.067  -12.290 1.00 29.58 ? 276  ASN A CB  1 
ATOM   117 C CG  . ASN A 1 17  ? 10.420  -3.328  -13.360 1.00 32.64 ? 276  ASN A CG  1 
ATOM   118 O OD1 . ASN A 1 17  ? 9.862   -2.790  -14.320 1.00 37.54 ? 276  ASN A OD1 1 
ATOM   119 N ND2 . ASN A 1 17  ? 11.731  -3.305  -13.193 1.00 37.31 ? 276  ASN A ND2 1 
ATOM   120 N N   . PHE A 1 18  ? 7.725   -3.987  -9.541  1.00 16.85 ? 277  PHE A N   1 
ATOM   121 C CA  . PHE A 1 18  ? 6.943   -4.763  -8.573  1.00 15.46 ? 277  PHE A CA  1 
ATOM   122 C C   . PHE A 1 18  ? 6.564   -3.860  -7.425  1.00 13.28 ? 277  PHE A C   1 
ATOM   123 O O   . PHE A 1 18  ? 7.227   -2.849  -7.223  1.00 13.24 ? 277  PHE A O   1 
ATOM   124 C CB  . PHE A 1 18  ? 7.690   -6.013  -8.068  1.00 16.02 ? 277  PHE A CB  1 
ATOM   125 C CG  . PHE A 1 18  ? 8.927   -5.743  -7.251  1.00 15.00 ? 277  PHE A CG  1 
ATOM   126 C CD1 . PHE A 1 18  ? 10.113  -5.361  -7.835  1.00 17.45 ? 277  PHE A CD1 1 
ATOM   127 C CD2 . PHE A 1 18  ? 8.911   -5.900  -5.887  1.00 16.62 ? 277  PHE A CD2 1 
ATOM   128 C CE1 . PHE A 1 18  ? 11.242  -5.168  -7.063  1.00 18.55 ? 277  PHE A CE1 1 
ATOM   129 C CE2 . PHE A 1 18  ? 10.025  -5.697  -5.119  1.00 17.88 ? 277  PHE A CE2 1 
ATOM   130 C CZ  . PHE A 1 18  ? 11.194  -5.323  -5.698  1.00 18.10 ? 277  PHE A CZ  1 
ATOM   131 N N   . LEU A 1 19  ? 5.474   -4.209  -6.737  1.00 11.91 ? 278  LEU A N   1 
ATOM   132 C CA  . LEU A 1 19  ? 4.973   -3.413  -5.633  1.00 13.19 ? 278  LEU A CA  1 
ATOM   133 C C   . LEU A 1 19  ? 5.861   -3.599  -4.385  1.00 11.59 ? 278  LEU A C   1 
ATOM   134 O O   . LEU A 1 19  ? 6.334   -2.639  -3.743  1.00 12.35 ? 278  LEU A O   1 
ATOM   135 C CB  . LEU A 1 19  ? 3.528   -3.856  -5.325  1.00 17.34 ? 278  LEU A CB  1 
ATOM   136 C CG  . LEU A 1 19  ? 2.641   -2.969  -4.506  1.00 18.73 ? 278  LEU A CG  1 
ATOM   137 C CD1 . LEU A 1 19  ? 2.421   -1.666  -5.278  1.00 20.91 ? 278  LEU A CD1 1 
ATOM   138 C CD2 . LEU A 1 19  ? 1.308   -3.704  -4.264  1.00 21.28 ? 278  LEU A CD2 1 
ATOM   139 N N   . GLY A 1 20  ? 6.079   -4.858  -4.031  1.00 10.08 ? 279  GLY A N   1 
ATOM   140 C CA  . GLY A 1 20  ? 7.001   -5.186  -2.953  1.00 10.85 ? 279  GLY A CA  1 
ATOM   141 C C   . GLY A 1 20  ? 6.455   -4.945  -1.564  1.00 11.09 ? 279  GLY A C   1 
ATOM   142 O O   . GLY A 1 20  ? 7.114   -4.314  -0.762  1.00 12.47 ? 279  GLY A O   1 
ATOM   143 N N   . ILE A 1 21  ? 5.254   -5.454  -1.283  1.00 10.18 ? 280  ILE A N   1 
ATOM   144 C CA  . ILE A 1 21  ? 4.672   -5.393  0.036   1.00 10.43 ? 280  ILE A CA  1 
ATOM   145 C C   . ILE A 1 21  ? 4.098   -6.755  0.395   1.00 9.32  ? 280  ILE A C   1 
ATOM   146 O O   . ILE A 1 21  ? 3.721   -7.544  -0.493  1.00 10.47 ? 280  ILE A O   1 
ATOM   147 C CB  . ILE A 1 21  ? 3.555   -4.333  0.154   1.00 10.41 ? 280  ILE A CB  1 
ATOM   148 C CG1 . ILE A 1 21  ? 2.394   -4.567  -0.830  1.00 11.62 ? 280  ILE A CG1 1 
ATOM   149 C CG2 . ILE A 1 21  ? 4.140   -2.906  0.065   1.00 13.00 ? 280  ILE A CG2 1 
ATOM   150 C CD1 . ILE A 1 21  ? 1.153   -3.718  -0.583  1.00 13.10 ? 280  ILE A CD1 1 
ATOM   151 N N   . SER A 1 22  ? 4.033   -7.000  1.706   1.00 9.58  ? 281  SER A N   1 
ATOM   152 C CA  . SER A 1 22  ? 3.177   -8.047  2.244   1.00 9.19  ? 281  SER A CA  1 
ATOM   153 C C   . SER A 1 22  ? 2.013   -7.376  2.966   1.00 9.02  ? 281  SER A C   1 
ATOM   154 O O   . SER A 1 22  ? 2.102   -6.208  3.373   1.00 9.77  ? 281  SER A O   1 
ATOM   155 C CB  . SER A 1 22  ? 3.956   -8.918  3.232   1.00 9.60  ? 281  SER A CB  1 
ATOM   156 O OG  . SER A 1 22  ? 4.275   -8.186  4.371   1.00 11.29 ? 281  SER A OG  1 
ATOM   157 N N   . ILE A 1 23  ? 0.941   -8.144  3.157   1.00 9.29  ? 282  ILE A N   1 
ATOM   158 C CA  . ILE A 1 23  ? -0.203  -7.683  3.923   1.00 8.25  ? 282  ILE A CA  1 
ATOM   159 C C   . ILE A 1 23  ? -0.551  -8.694  5.002   1.00 8.31  ? 282  ILE A C   1 
ATOM   160 O O   . ILE A 1 23  ? -0.262  -9.878  4.883   1.00 9.94  ? 282  ILE A O   1 
ATOM   161 C CB  . ILE A 1 23  ? -1.426  -7.386  3.015   1.00 9.64  ? 282  ILE A CB  1 
ATOM   162 C CG1 . ILE A 1 23  ? -1.980  -8.619  2.310   1.00 9.88  ? 282  ILE A CG1 1 
ATOM   163 C CG2 . ILE A 1 23  ? -1.064  -6.273  2.034   1.00 12.39 ? 282  ILE A CG2 1 
ATOM   164 C CD1 . ILE A 1 23  ? -3.344  -8.379  1.700   1.00 12.98 ? 282  ILE A CD1 1 
ATOM   165 N N   . VAL A 1 24  ? -1.144  -8.159  6.061   1.00 8.82  ? 283  VAL A N   1 
ATOM   166 C CA  . VAL A 1 24  ? -1.659  -8.948  7.171   1.00 8.85  ? 283  VAL A CA  1 
ATOM   167 C C   . VAL A 1 24  ? -3.072  -8.451  7.468   1.00 8.38  ? 283  VAL A C   1 
ATOM   168 O O   . VAL A 1 24  ? -3.456  -7.353  7.077   1.00 8.87  ? 283  VAL A O   1 
ATOM   169 C CB  . VAL A 1 24  ? -0.786  -8.799  8.468   1.00 9.53  ? 283  VAL A CB  1 
ATOM   170 C CG1 . VAL A 1 24  ? 0.620   -9.336  8.232   1.00 12.71 ? 283  VAL A CG1 1 
ATOM   171 C CG2 . VAL A 1 24  ? -0.759  -7.352  8.963   1.00 11.22 ? 283  VAL A CG2 1 
ATOM   172 N N   . GLY A 1 25  ? -3.850  -9.270  8.152   1.00 9.19  ? 284  GLY A N   1 
ATOM   173 C CA  . GLY A 1 25  ? -5.150  -8.843  8.615   1.00 9.73  ? 284  GLY A CA  1 
ATOM   174 C C   . GLY A 1 25  ? -6.276  -9.056  7.644   1.00 9.46  ? 284  GLY A C   1 
ATOM   175 O O   . GLY A 1 25  ? -6.145  -9.751  6.627   1.00 11.99 ? 284  GLY A O   1 
ATOM   176 N N   . GLN A 1 26  ? -7.417  -8.467  7.987   1.00 10.21 ? 285  GLN A N   1 
ATOM   177 C CA  . GLN A 1 26  ? -8.669  -8.646  7.268   1.00 11.97 ? 285  GLN A CA  1 
ATOM   178 C C   . GLN A 1 26  ? -9.635  -7.551  7.681   1.00 10.63 ? 285  GLN A C   1 
ATOM   179 O O   . GLN A 1 26  ? -9.479  -6.954  8.749   1.00 10.90 ? 285  GLN A O   1 
ATOM   180 C CB  . GLN A 1 26  ? -9.256  -9.971  7.583   1.00 14.88 ? 285  GLN A CB  1 
ATOM   181 C CG  . GLN A 1 26  ? -9.337  -10.325 8.986   1.00 12.66 ? 285  GLN A CG  1 
ATOM   182 C CD  . GLN A 1 26  ? -8.013  -10.826 9.557   1.00 15.84 ? 285  GLN A CD  1 
ATOM   183 O OE1 . GLN A 1 26  ? -7.407  -11.708 8.951   1.00 19.44 ? 285  GLN A OE1 1 
ATOM   184 N NE2 . GLN A 1 26  ? -7.570  -10.304 10.722  1.00 17.38 ? 285  GLN A NE2 1 
ATOM   185 N N   . SER A 1 27  ? -10.618 -7.270  6.829   1.00 12.01 ? 286  SER A N   1 
ATOM   186 C CA  . SER A 1 27  ? -11.516 -6.159  7.083   1.00 14.12 ? 286  SER A CA  1 
ATOM   187 C C   . SER A 1 27  ? -12.966 -6.437  6.732   1.00 15.27 ? 286  SER A C   1 
ATOM   188 O O   . SER A 1 27  ? -13.794 -5.529  6.822   1.00 18.57 ? 286  SER A O   1 
ATOM   189 C CB  . SER A 1 27  ? -11.060 -4.891  6.359   1.00 15.96 ? 286  SER A CB  1 
ATOM   190 O OG  . SER A 1 27  ? -11.032 -5.094  4.960   1.00 16.96 ? 286  SER A OG  1 
ATOM   191 N N   . ASN A 1 28  ? -13.289 -7.665  6.348   1.00 15.86 ? 287  ASN A N   1 
ATOM   192 C CA  . ASN A 1 28  ? -14.645 -7.982  5.838   1.00 17.98 ? 287  ASN A CA  1 
ATOM   193 C C   . ASN A 1 28  ? -15.691 -8.372  6.865   1.00 16.44 ? 287  ASN A C   1 
ATOM   194 O O   . ASN A 1 28  ? -16.920 -8.415  6.525   1.00 26.82 ? 287  ASN A O   1 
ATOM   195 C CB  . ASN A 1 28  ? -14.592 -9.095  4.801   1.00 18.33 ? 287  ASN A CB  1 
ATOM   196 C CG  . ASN A 1 28  ? -14.071 -10.401 5.347   1.00 18.57 ? 287  ASN A CG  1 
ATOM   197 O OD1 . ASN A 1 28  ? -13.042 -10.446 6.019   1.00 20.06 ? 287  ASN A OD1 1 
ATOM   198 N ND2 . ASN A 1 28  ? -14.773 -11.476 5.061   1.00 25.82 ? 287  ASN A ND2 1 
ATOM   199 N N   . GLU A 1 29  ? -15.235 -8.701  8.090   1.00 16.39 ? 288  GLU A N   1 
ATOM   200 C CA  . GLU A 1 29  ? -16.166 -9.099  9.138   1.00 17.26 ? 288  GLU A CA  1 
ATOM   201 C C   . GLU A 1 29  ? -16.294 -7.946  10.114  1.00 19.68 ? 288  GLU A C   1 
ATOM   202 O O   . GLU A 1 29  ? -15.339 -7.198  10.370  1.00 16.32 ? 288  GLU A O   1 
ATOM   203 C CB  . GLU A 1 29  ? -15.693 -10.372 9.881   1.00 21.91 ? 288  GLU A CB  1 
ATOM   204 C CG  . GLU A 1 29  ? -15.668 -11.651 9.055   1.00 25.48 ? 288  GLU A CG  1 
ATOM   205 C CD  . GLU A 1 29  ? -15.375 -12.918 9.880   1.00 27.15 ? 288  GLU A CD  1 
ATOM   206 O OE1 . GLU A 1 29  ? -14.905 -12.845 11.045  1.00 27.20 ? 288  GLU A OE1 1 
ATOM   207 O OE2 . GLU A 1 29  ? -15.635 -14.023 9.365   1.00 36.79 ? 288  GLU A OE2 1 
ATOM   208 N N   . ARG A 1 30  ? -17.488 -7.814  10.685  1.00 18.91 ? 289  ARG A N   1 
ATOM   209 C CA  . ARG A 1 30  ? -17.677 -6.899  11.787  1.00 18.52 ? 289  ARG A CA  1 
ATOM   210 C C   . ARG A 1 30  ? -16.678 -7.224  12.900  1.00 15.67 ? 289  ARG A C   1 
ATOM   211 O O   . ARG A 1 30  ? -16.506 -8.373  13.316  1.00 18.78 ? 289  ARG A O   1 
ATOM   212 C CB  . ARG A 1 30  ? -19.100 -6.995  12.344  1.00 24.91 ? 289  ARG A CB  1 
ATOM   213 C CG  . ARG A 1 30  ? -19.461 -5.817  13.215  1.00 27.59 ? 289  ARG A CG  1 
ATOM   214 C CD  . ARG A 1 30  ? -20.929 -5.849  13.643  1.00 37.17 ? 289  ARG A CD  1 
ATOM   215 N NE  . ARG A 1 30  ? -21.240 -4.723  14.514  1.00 42.17 ? 289  ARG A NE  1 
ATOM   216 C CZ  . ARG A 1 30  ? -21.419 -3.464  14.108  1.00 49.34 ? 289  ARG A CZ  1 
ATOM   217 N NH1 . ARG A 1 30  ? -21.330 -3.130  12.818  1.00 52.48 ? 289  ARG A NH1 1 
ATOM   218 N NH2 . ARG A 1 30  ? -21.693 -2.524  15.005  1.00 49.21 ? 289  ARG A NH2 1 
ATOM   219 N N   . GLY A 1 31  ? -16.012 -6.197  13.362  1.00 14.43 ? 290  GLY A N   1 
ATOM   220 C CA  . GLY A 1 31  ? -15.051 -6.373  14.419  1.00 13.30 ? 290  GLY A CA  1 
ATOM   221 C C   . GLY A 1 31  ? -13.625 -6.615  13.980  1.00 12.64 ? 290  GLY A C   1 
ATOM   222 O O   . GLY A 1 31  ? -12.736 -6.669  14.823  1.00 13.23 ? 290  GLY A O   1 
ATOM   223 N N   . ASP A 1 32  ? -13.397 -6.797  12.680  1.00 10.63 ? 291  ASP A N   1 
ATOM   224 C CA  . ASP A 1 32  ? -12.046 -6.950  12.179  1.00 10.23 ? 291  ASP A CA  1 
ATOM   225 C C   . ASP A 1 32  ? -11.266 -5.646  12.363  1.00 11.74 ? 291  ASP A C   1 
ATOM   226 O O   . ASP A 1 32  ? -11.814 -4.563  12.286  1.00 13.25 ? 291  ASP A O   1 
ATOM   227 C CB  . ASP A 1 32  ? -12.062 -7.292  10.679  1.00 11.69 ? 291  ASP A CB  1 
ATOM   228 C CG  . ASP A 1 32  ? -12.277 -8.747  10.380  1.00 12.58 ? 291  ASP A CG  1 
ATOM   229 O OD1 . ASP A 1 32  ? -12.077 -9.607  11.280  1.00 12.58 ? 291  ASP A OD1 1 
ATOM   230 O OD2 . ASP A 1 32  ? -12.583 -9.051  9.201   1.00 13.24 ? 291  ASP A OD2 1 
ATOM   231 N N   . GLY A 1 33  ? -9.954  -5.777  12.540  1.00 10.22 ? 292  GLY A N   1 
ATOM   232 C CA  . GLY A 1 33  ? -9.126  -4.631  12.780  1.00 11.16 ? 292  GLY A CA  1 
ATOM   233 C C   . GLY A 1 33  ? -8.619  -3.904  11.551  1.00 9.82  ? 292  GLY A C   1 
ATOM   234 O O   . GLY A 1 33  ? -8.108  -2.789  11.668  1.00 10.43 ? 292  GLY A O   1 
ATOM   235 N N   . GLY A 1 34  ? -8.741  -4.546  10.378  1.00 9.87  ? 293  GLY A N   1 
ATOM   236 C CA  . GLY A 1 34  ? -8.264  -3.993  9.124   1.00 9.90  ? 293  GLY A CA  1 
ATOM   237 C C   . GLY A 1 34  ? -7.126  -4.789  8.489   1.00 9.39  ? 293  GLY A C   1 
ATOM   238 O O   . GLY A 1 34  ? -6.564  -5.734  9.075   1.00 9.62  ? 293  GLY A O   1 
ATOM   239 N N   . ILE A 1 35  ? -6.807  -4.412  7.254   1.00 8.49  ? 294  ILE A N   1 
ATOM   240 C CA  . ILE A 1 35  ? -5.678  -4.959  6.516   1.00 10.02 ? 294  ILE A CA  1 
ATOM   241 C C   . ILE A 1 35  ? -4.539  -3.948  6.624   1.00 9.46  ? 294  ILE A C   1 
ATOM   242 O O   . ILE A 1 35  ? -4.748  -2.742  6.455   1.00 10.58 ? 294  ILE A O   1 
ATOM   243 C CB  . ILE A 1 35  ? -6.044  -5.178  5.041   1.00 10.37 ? 294  ILE A CB  1 
ATOM   244 C CG1 . ILE A 1 35  ? -7.171  -6.222  4.967   1.00 12.38 ? 294  ILE A CG1 1 
ATOM   245 C CG2 . ILE A 1 35  ? -4.801  -5.636  4.224   1.00 11.73 ? 294  ILE A CG2 1 
ATOM   246 C CD1 . ILE A 1 35  ? -7.806  -6.384  3.608   1.00 14.58 ? 294  ILE A CD1 1 
ATOM   247 N N   . TYR A 1 36  ? -3.342  -4.453  6.924   1.00 8.79  ? 295  TYR A N   1 
ATOM   248 C CA  . TYR A 1 36  ? -2.168  -3.622  7.163   1.00 10.01 ? 295  TYR A CA  1 
ATOM   249 C C   . TYR A 1 36  ? -1.006  -4.077  6.290   1.00 8.74  ? 295  TYR A C   1 
ATOM   250 O O   . TYR A 1 36  ? -0.901  -5.244  5.940   1.00 9.32  ? 295  TYR A O   1 
ATOM   251 C CB  . TYR A 1 36  ? -1.751  -3.680  8.659   1.00 8.85  ? 295  TYR A CB  1 
ATOM   252 C CG  . TYR A 1 36  ? -2.812  -3.090  9.567   1.00 8.02  ? 295  TYR A CG  1 
ATOM   253 C CD1 . TYR A 1 36  ? -3.923  -3.816  9.929   1.00 8.54  ? 295  TYR A CD1 1 
ATOM   254 C CD2 . TYR A 1 36  ? -2.703  -1.801  10.040  1.00 8.62  ? 295  TYR A CD2 1 
ATOM   255 C CE1 . TYR A 1 36  ? -4.934  -3.267  10.657  1.00 9.47  ? 295  TYR A CE1 1 
ATOM   256 C CE2 . TYR A 1 36  ? -3.700  -1.242  10.785  1.00 8.85  ? 295  TYR A CE2 1 
ATOM   257 C CZ  . TYR A 1 36  ? -4.830  -1.980  11.104  1.00 9.17  ? 295  TYR A CZ  1 
ATOM   258 O OH  . TYR A 1 36  ? -5.866  -1.414  11.820  1.00 10.31 ? 295  TYR A OH  1 
ATOM   259 N N   . ILE A 1 37  ? -0.098  -3.143  6.021   1.00 9.02  ? 296  ILE A N   1 
ATOM   260 C CA  . ILE A 1 37  ? 1.176   -3.477  5.430   1.00 8.34  ? 296  ILE A CA  1 
ATOM   261 C C   . ILE A 1 37  ? 1.982   -4.246  6.491   1.00 9.52  ? 296  ILE A C   1 
ATOM   262 O O   . ILE A 1 37  ? 2.129   -3.786  7.633   1.00 10.93 ? 296  ILE A O   1 
ATOM   263 C CB  . ILE A 1 37  ? 1.979   -2.206  5.057   1.00 10.88 ? 296  ILE A CB  1 
ATOM   264 C CG1 . ILE A 1 37  ? 1.163   -1.297  4.142   1.00 10.91 ? 296  ILE A CG1 1 
ATOM   265 C CG2 . ILE A 1 37  ? 3.376   -2.586  4.435   1.00 12.16 ? 296  ILE A CG2 1 
ATOM   266 C CD1 . ILE A 1 37  ? 0.840   -1.922  2.748   1.00 13.55 ? 296  ILE A CD1 1 
ATOM   267 N N   . GLY A 1 38  ? 2.432   -5.447  6.141   1.00 9.21  ? 297  GLY A N   1 
ATOM   268 C CA  . GLY A 1 38  ? 3.269   -6.245  7.012   1.00 8.91  ? 297  GLY A CA  1 
ATOM   269 C C   . GLY A 1 38  ? 4.720   -5.795  6.907   1.00 9.87  ? 297  GLY A C   1 
ATOM   270 O O   . GLY A 1 38  ? 5.296   -5.313  7.875   1.00 13.13 ? 297  GLY A O   1 
ATOM   271 N N   . SER A 1 39  ? 5.267   -5.951  5.721   1.00 10.08 ? 298  SER A N   1 
ATOM   272 C CA  . SER A 1 39  ? 6.653   -5.613  5.403   1.00 10.52 ? 298  SER A CA  1 
ATOM   273 C C   . SER A 1 39  ? 6.753   -5.028  4.009   1.00 10.66 ? 298  SER A C   1 
ATOM   274 O O   . SER A 1 39  ? 5.872   -5.253  3.188   1.00 10.78 ? 298  SER A O   1 
ATOM   275 C CB  . SER A 1 39  ? 7.535   -6.851  5.484   1.00 11.45 ? 298  SER A CB  1 
ATOM   276 O OG  . SER A 1 39  ? 7.456   -7.523  6.735   1.00 14.79 ? 298  SER A OG  1 
ATOM   277 N N   . ILE A 1 40  ? 7.850   -4.305  3.770   1.00 9.53  ? 299  ILE A N   1 
ATOM   278 C CA  . ILE A 1 40  ? 8.095   -3.641  2.503   1.00 9.30  ? 299  ILE A CA  1 
ATOM   279 C C   . ILE A 1 40  ? 9.463   -4.117  1.974   1.00 10.70 ? 299  ILE A C   1 
ATOM   280 O O   . ILE A 1 40  ? 10.478  -4.049  2.687   1.00 12.96 ? 299  ILE A O   1 
ATOM   281 C CB  . ILE A 1 40  ? 8.081   -2.107  2.663   1.00 9.97  ? 299  ILE A CB  1 
ATOM   282 C CG1 . ILE A 1 40  ? 6.734   -1.656  3.248   1.00 10.63 ? 299  ILE A CG1 1 
ATOM   283 C CG2 . ILE A 1 40  ? 8.399   -1.442  1.335   1.00 11.41 ? 299  ILE A CG2 1 
ATOM   284 C CD1 . ILE A 1 40  ? 6.655   -0.207  3.631   1.00 12.21 ? 299  ILE A CD1 1 
ATOM   285 N N   . MET A 1 41  ? 9.465   -4.630  0.739   1.00 10.30 ? 300  MET A N   1 
ATOM   286 C CA  A MET A 1 41  ? 10.651  -5.210  0.115   0.50 12.46 ? 300  MET A CA  1 
ATOM   287 C CA  B MET A 1 41  ? 10.674  -5.202  0.157   0.50 11.02 ? 300  MET A CA  1 
ATOM   288 C C   . MET A 1 41  ? 11.497  -4.123  -0.533  1.00 9.73  ? 300  MET A C   1 
ATOM   289 O O   . MET A 1 41  ? 10.999  -3.316  -1.305  1.00 11.30 ? 300  MET A O   1 
ATOM   290 C CB  A MET A 1 41  ? 10.224  -6.212  -0.969  0.50 14.29 ? 300  MET A CB  1 
ATOM   291 C CB  B MET A 1 41  ? 10.330  -6.309  -0.846  0.50 13.28 ? 300  MET A CB  1 
ATOM   292 C CG  A MET A 1 41  ? 11.363  -6.965  -1.632  0.50 17.23 ? 300  MET A CG  1 
ATOM   293 C CG  B MET A 1 41  ? 11.536  -6.971  -1.499  0.50 15.80 ? 300  MET A CG  1 
ATOM   294 S SD  A MET A 1 41  ? 10.781  -8.327  -2.680  0.50 21.45 ? 300  MET A SD  1 
ATOM   295 S SD  B MET A 1 41  ? 12.738  -7.660  -0.346  0.50 19.40 ? 300  MET A SD  1 
ATOM   296 C CE  A MET A 1 41  ? 10.267  -9.520  -1.435  0.50 25.25 ? 300  MET A CE  1 
ATOM   297 C CE  B MET A 1 41  ? 11.937  -9.172  0.159   0.50 21.51 ? 300  MET A CE  1 
ATOM   298 N N   . LYS A 1 42  ? 12.792  -4.156  -0.279  1.00 11.78 ? 301  LYS A N   1 
ATOM   299 C CA  . LYS A 1 42  ? 13.686  -3.180  -0.865  1.00 10.88 ? 301  LYS A CA  1 
ATOM   300 C C   . LYS A 1 42  ? 13.636  -3.264  -2.386  1.00 10.79 ? 301  LYS A C   1 
ATOM   301 O O   . LYS A 1 42  ? 13.482  -4.353  -2.977  1.00 12.28 ? 301  LYS A O   1 
ATOM   302 C CB  . LYS A 1 42  ? 15.110  -3.383  -0.348  1.00 15.62 ? 301  LYS A CB  1 
ATOM   303 C CG  . LYS A 1 42  ? 15.699  -4.690  -0.652  1.00 18.67 ? 301  LYS A CG  1 
ATOM   304 C CD  . LYS A 1 42  ? 17.031  -4.885  0.078   1.00 22.31 ? 301  LYS A CD  1 
ATOM   305 C CE  . LYS A 1 42  ? 17.451  -6.330  0.053   1.00 27.18 ? 301  LYS A CE  1 
ATOM   306 N NZ  . LYS A 1 42  ? 18.591  -6.596  0.973   1.00 30.70 ? 301  LYS A NZ  1 
ATOM   307 N N   . GLY A 1 43  ? 13.735  -2.092  -3.030  1.00 11.21 ? 302  GLY A N   1 
ATOM   308 C CA  . GLY A 1 43  ? 13.802  -2.020  -4.485  1.00 12.62 ? 302  GLY A CA  1 
ATOM   309 C C   . GLY A 1 43  ? 12.473  -1.934  -5.200  1.00 13.01 ? 302  GLY A C   1 
ATOM   310 O O   . GLY A 1 43  ? 12.437  -1.682  -6.399  1.00 14.33 ? 302  GLY A O   1 
ATOM   311 N N   . GLY A 1 44  ? 11.376  -2.160  -4.501  1.00 11.89 ? 303  GLY A N   1 
ATOM   312 C CA  . GLY A 1 44  ? 10.076  -2.068  -5.124  1.00 11.33 ? 303  GLY A CA  1 
ATOM   313 C C   . GLY A 1 44  ? 9.482   -0.688  -5.151  1.00 9.59  ? 303  GLY A C   1 
ATOM   314 O O   . GLY A 1 44  ? 10.037  0.248   -4.580  1.00 11.30 ? 303  GLY A O   1 
ATOM   315 N N   . ALA A 1 45  ? 8.309   -0.566  -5.776  1.00 10.11 ? 304  ALA A N   1 
ATOM   316 C CA  . ALA A 1 45  ? 7.698   0.733   -5.979  1.00 9.89  ? 304  ALA A CA  1 
ATOM   317 C C   . ALA A 1 45  ? 7.303   1.351   -4.651  1.00 8.97  ? 304  ALA A C   1 
ATOM   318 O O   . ALA A 1 45  ? 7.426   2.558   -4.479  1.00 10.10 ? 304  ALA A O   1 
ATOM   319 C CB  . ALA A 1 45  ? 6.488   0.640   -6.913  1.00 11.17 ? 304  ALA A CB  1 
ATOM   320 N N   . VAL A 1 46  ? 6.811   0.548   -3.715  1.00 8.67  ? 305  VAL A N   1 
ATOM   321 C CA  . VAL A 1 46  ? 6.407   1.098   -2.438  1.00 8.08  ? 305  VAL A CA  1 
ATOM   322 C C   . VAL A 1 46  ? 7.624   1.599   -1.649  1.00 8.77  ? 305  VAL A C   1 
ATOM   323 O O   . VAL A 1 46  ? 7.620   2.683   -1.071  1.00 9.10  ? 305  VAL A O   1 
ATOM   324 C CB  . VAL A 1 46  ? 5.533   0.106   -1.593  1.00 9.02  ? 305  VAL A CB  1 
ATOM   325 C CG1 . VAL A 1 46  ? 5.277   0.640   -0.201  1.00 9.63  ? 305  VAL A CG1 1 
ATOM   326 C CG2 . VAL A 1 46  ? 4.204   -0.167  -2.362  1.00 10.22 ? 305  VAL A CG2 1 
ATOM   327 N N   . ALA A 1 47  ? 8.671   0.784   -1.593  1.00 8.27  ? 306  ALA A N   1 
ATOM   328 C CA  . ALA A 1 47  ? 9.890   1.176   -0.866  1.00 8.84  ? 306  ALA A CA  1 
ATOM   329 C C   . ALA A 1 47  ? 10.464  2.476   -1.425  1.00 8.98  ? 306  ALA A C   1 
ATOM   330 O O   . ALA A 1 47  ? 10.823  3.380   -0.682  1.00 9.94  ? 306  ALA A O   1 
ATOM   331 C CB  . ALA A 1 47  ? 10.935  0.071   -0.990  1.00 9.43  ? 306  ALA A CB  1 
ATOM   332 N N   . ALA A 1 48  ? 10.535  2.573   -2.745  1.00 9.66  ? 307  ALA A N   1 
ATOM   333 C CA  . ALA A 1 48  ? 11.226  3.688   -3.374  1.00 9.94  ? 307  ALA A CA  1 
ATOM   334 C C   . ALA A 1 48  ? 10.450  4.991   -3.184  1.00 9.35  ? 307  ALA A C   1 
ATOM   335 O O   . ALA A 1 48  ? 11.039  6.083   -3.193  1.00 11.24 ? 307  ALA A O   1 
ATOM   336 C CB  . ALA A 1 48  ? 11.443  3.373   -4.858  1.00 13.80 ? 307  ALA A CB  1 
ATOM   337 N N   . ASP A 1 49  ? 9.128   4.899   -3.014  1.00 11.18 ? 308  ASP A N   1 
ATOM   338 C CA  . ASP A 1 49  ? 8.363   6.077   -2.687  1.00 10.48 ? 308  ASP A CA  1 
ATOM   339 C C   . ASP A 1 49  ? 8.683   6.611   -1.290  1.00 10.32 ? 308  ASP A C   1 
ATOM   340 O O   . ASP A 1 49  ? 8.778   7.806   -1.078  1.00 10.70 ? 308  ASP A O   1 
ATOM   341 C CB  . ASP A 1 49  ? 6.873   5.805   -2.843  1.00 11.67 ? 308  ASP A CB  1 
ATOM   342 C CG  . ASP A 1 49  ? 6.028   6.977   -2.399  1.00 12.83 ? 308  ASP A CG  1 
ATOM   343 O OD1 . ASP A 1 49  ? 5.757   7.862   -3.244  1.00 16.50 ? 308  ASP A OD1 1 
ATOM   344 O OD2 . ASP A 1 49  ? 5.712   7.062   -1.182  1.00 12.70 ? 308  ASP A OD2 1 
ATOM   345 N N   . GLY A 1 50  ? 8.839   5.701   -0.346  1.00 10.35 ? 309  GLY A N   1 
ATOM   346 C CA  . GLY A 1 50  ? 9.310   6.046   0.978   1.00 10.90 ? 309  GLY A CA  1 
ATOM   347 C C   . GLY A 1 50  ? 8.285   6.432   2.023   1.00 11.57 ? 309  GLY A C   1 
ATOM   348 O O   . GLY A 1 50  ? 8.604   6.458   3.219   1.00 11.93 ? 309  GLY A O   1 
ATOM   349 N N   . ARG A 1 51  ? 7.060   6.738   1.616   1.00 9.84  ? 310  ARG A N   1 
ATOM   350 C CA  . ARG A 1 51  ? 6.067   7.230   2.557   1.00 10.53 ? 310  ARG A CA  1 
ATOM   351 C C   . ARG A 1 51  ? 5.286   6.185   3.293   1.00 11.28 ? 310  ARG A C   1 
ATOM   352 O O   . ARG A 1 51  ? 4.756   6.458   4.352   1.00 18.85 ? 310  ARG A O   1 
ATOM   353 C CB  . ARG A 1 51  ? 5.094   8.179   1.848   1.00 11.71 ? 310  ARG A CB  1 
ATOM   354 C CG  . ARG A 1 51  ? 5.736   9.484   1.439   1.00 14.20 ? 310  ARG A CG  1 
ATOM   355 C CD  . ARG A 1 51  ? 4.785   10.325  0.669   1.00 16.36 ? 310  ARG A CD  1 
ATOM   356 N NE  . ARG A 1 51  ? 4.680   9.824   -0.673  1.00 16.98 ? 310  ARG A NE  1 
ATOM   357 C CZ  . ARG A 1 51  ? 3.944   10.397  -1.616  1.00 20.15 ? 310  ARG A CZ  1 
ATOM   358 N NH1 . ARG A 1 51  ? 3.139   11.418  -1.332  1.00 26.00 ? 310  ARG A NH1 1 
ATOM   359 N NH2 . ARG A 1 51  ? 4.010   9.933   -2.842  1.00 18.52 ? 310  ARG A NH2 1 
ATOM   360 N N   . ILE A 1 52  ? 5.194   4.997   2.749   1.00 10.16 ? 311  ILE A N   1 
ATOM   361 C CA  . ILE A 1 52  ? 4.422   3.904   3.352   1.00 9.19  ? 311  ILE A CA  1 
ATOM   362 C C   . ILE A 1 52  ? 5.365   3.087   4.219   1.00 10.53 ? 311  ILE A C   1 
ATOM   363 O O   . ILE A 1 52  ? 6.539   2.894   3.894   1.00 11.46 ? 311  ILE A O   1 
ATOM   364 C CB  . ILE A 1 52  ? 3.688   3.066   2.267   1.00 9.85  ? 311  ILE A CB  1 
ATOM   365 C CG1 . ILE A 1 52  ? 2.603   3.952   1.583   1.00 12.68 ? 311  ILE A CG1 1 
ATOM   366 C CG2 . ILE A 1 52  ? 3.054   1.811   2.850   1.00 11.62 ? 311  ILE A CG2 1 
ATOM   367 C CD1 . ILE A 1 52  ? 1.970   3.324   0.356   1.00 16.34 ? 311  ILE A CD1 1 
ATOM   368 N N   . GLU A 1 53  ? 4.851   2.663   5.370   1.00 10.49 ? 312  GLU A N   1 
ATOM   369 C CA  . GLU A 1 53  ? 5.630   1.957   6.335   1.00 9.36  ? 312  GLU A CA  1 
ATOM   370 C C   . GLU A 1 53  ? 4.917   0.701   6.812   1.00 9.25  ? 312  GLU A C   1 
ATOM   371 O O   . GLU A 1 53  ? 3.687   0.615   6.741   1.00 10.57 ? 312  GLU A O   1 
ATOM   372 C CB  . GLU A 1 53  ? 5.847   2.870   7.545   1.00 11.81 ? 312  GLU A CB  1 
ATOM   373 C CG  . GLU A 1 53  ? 6.849   3.991   7.345   1.00 14.28 ? 312  GLU A CG  1 
ATOM   374 C CD  . GLU A 1 53  ? 6.755   5.044   8.450   1.00 16.25 ? 312  GLU A CD  1 
ATOM   375 O OE1 . GLU A 1 53  ? 5.793   5.878   8.454   1.00 20.19 ? 312  GLU A OE1 1 
ATOM   376 O OE2 . GLU A 1 53  ? 7.662   5.045   9.311   1.00 21.97 ? 312  GLU A OE2 1 
ATOM   377 N N   . PRO A 1 54  ? 5.698   -0.251  7.364   1.00 9.44  ? 313  PRO A N   1 
ATOM   378 C CA  . PRO A 1 54  ? 5.072   -1.395  8.023   1.00 9.75  ? 313  PRO A CA  1 
ATOM   379 C C   . PRO A 1 54  ? 4.120   -0.917  9.100   1.00 9.54  ? 313  PRO A C   1 
ATOM   380 O O   . PRO A 1 54  ? 4.427   0.029   9.831   1.00 10.99 ? 313  PRO A O   1 
ATOM   381 C CB  . PRO A 1 54  ? 6.245   -2.160  8.623   1.00 11.96 ? 313  PRO A CB  1 
ATOM   382 C CG  . PRO A 1 54  ? 7.369   -1.168  8.672   1.00 16.05 ? 313  PRO A CG  1 
ATOM   383 C CD  . PRO A 1 54  ? 7.168   -0.279  7.520   1.00 11.40 ? 313  PRO A CD  1 
ATOM   384 N N   . GLY A 1 55  ? 2.940   -1.529  9.151   1.00 10.31 ? 314  GLY A N   1 
ATOM   385 C CA  . GLY A 1 55  ? 1.950   -1.143  10.094  1.00 9.43  ? 314  GLY A CA  1 
ATOM   386 C C   . GLY A 1 55  ? 0.955   -0.114  9.628   1.00 10.25 ? 314  GLY A C   1 
ATOM   387 O O   . GLY A 1 55  ? -0.031  0.155   10.349  1.00 11.43 ? 314  GLY A O   1 
ATOM   388 N N   . ASP A 1 56  ? 1.179   0.496   8.452   1.00 10.43 ? 315  ASP A N   1 
ATOM   389 C CA  . ASP A 1 56  ? 0.168   1.361   7.877   1.00 9.70  ? 315  ASP A CA  1 
ATOM   390 C C   . ASP A 1 56  ? -1.061  0.510   7.486   1.00 9.57  ? 315  ASP A C   1 
ATOM   391 O O   . ASP A 1 56  ? -0.946  -0.641  7.073   1.00 10.02 ? 315  ASP A O   1 
ATOM   392 C CB  . ASP A 1 56  ? 0.662   2.123   6.647   1.00 9.53  ? 315  ASP A CB  1 
ATOM   393 C CG  . ASP A 1 56  ? 1.635   3.241   6.994   1.00 11.24 ? 315  ASP A CG  1 
ATOM   394 O OD1 . ASP A 1 56  ? 1.671   3.679   8.167   1.00 11.96 ? 315  ASP A OD1 1 
ATOM   395 O OD2 . ASP A 1 56  ? 2.321   3.733   6.064   1.00 12.33 ? 315  ASP A OD2 1 
ATOM   396 N N   . MET A 1 57  ? -2.238  1.116   7.615   1.00 9.38  ? 316  MET A N   1 
ATOM   397 C CA  . MET A 1 57  ? -3.485  0.451   7.341   1.00 10.79 ? 316  MET A CA  1 
ATOM   398 C C   . MET A 1 57  ? -3.816  0.675   5.863   1.00 10.28 ? 316  MET A C   1 
ATOM   399 O O   . MET A 1 57  ? -3.880  1.818   5.395   1.00 12.44 ? 316  MET A O   1 
ATOM   400 C CB  . MET A 1 57  ? -4.581  1.048   8.191   1.00 11.60 ? 316  MET A CB  1 
ATOM   401 C CG  . MET A 1 57  ? -5.856  0.284   8.174   1.00 13.23 ? 316  MET A CG  1 
ATOM   402 S SD  . MET A 1 57  ? -7.110  1.181   9.154   1.00 16.95 ? 316  MET A SD  1 
ATOM   403 C CE  . MET A 1 57  ? -8.518  0.112   8.855   1.00 19.89 ? 316  MET A CE  1 
ATOM   404 N N   . LEU A 1 58  ? -4.046  -0.400  5.113   1.00 9.23  ? 317  LEU A N   1 
ATOM   405 C CA  . LEU A 1 58  ? -4.349  -0.290  3.699   1.00 10.20 ? 317  LEU A CA  1 
ATOM   406 C C   . LEU A 1 58  ? -5.859  -0.042  3.537   1.00 10.53 ? 317  LEU A C   1 
ATOM   407 O O   . LEU A 1 58  ? -6.681  -0.852  3.938   1.00 12.24 ? 317  LEU A O   1 
ATOM   408 C CB  . LEU A 1 58  ? -3.918  -1.568  2.982   1.00 12.70 ? 317  LEU A CB  1 
ATOM   409 C CG  . LEU A 1 58  ? -4.028  -1.594  1.453   1.00 14.40 ? 317  LEU A CG  1 
ATOM   410 C CD1 . LEU A 1 58  ? -3.293  -0.405  0.791   1.00 15.13 ? 317  LEU A CD1 1 
ATOM   411 C CD2 . LEU A 1 58  ? -3.495  -2.965  0.930   1.00 15.91 ? 317  LEU A CD2 1 
ATOM   412 N N   . LEU A 1 59  ? -6.203  1.084   2.924   1.00 10.73 ? 318  LEU A N   1 
ATOM   413 C CA  . LEU A 1 59  ? -7.574  1.526   2.789   1.00 11.30 ? 318  LEU A CA  1 
ATOM   414 C C   . LEU A 1 59  ? -8.122  1.339   1.382   1.00 11.01 ? 318  LEU A C   1 
ATOM   415 O O   . LEU A 1 59  ? -9.251  0.906   1.229   1.00 12.46 ? 318  LEU A O   1 
ATOM   416 C CB  . LEU A 1 59  ? -7.716  2.975   3.226   1.00 13.05 ? 318  LEU A CB  1 
ATOM   417 C CG  . LEU A 1 59  ? -7.278  3.302   4.662   1.00 14.03 ? 318  LEU A CG  1 
ATOM   418 C CD1 . LEU A 1 59  ? -7.416  4.793   4.947   1.00 15.09 ? 318  LEU A CD1 1 
ATOM   419 C CD2 . LEU A 1 59  ? -8.085  2.482   5.645   1.00 18.64 ? 318  LEU A CD2 1 
ATOM   420 N N   . GLN A 1 60  ? -7.328  1.684   0.373   1.00 11.87 ? 319  GLN A N   1 
ATOM   421 C CA  . GLN A 1 60  ? -7.711  1.515   -1.026  1.00 10.98 ? 319  GLN A CA  1 
ATOM   422 C C   . GLN A 1 60  ? -6.527  1.257   -1.890  1.00 9.59  ? 319  GLN A C   1 
ATOM   423 O O   . GLN A 1 60  ? -5.432  1.743   -1.631  1.00 11.11 ? 319  GLN A O   1 
ATOM   424 C CB  . GLN A 1 60  ? -8.385  2.774   -1.658  1.00 16.85 ? 319  GLN A CB  1 
ATOM   425 C CG  . GLN A 1 60  ? -9.642  3.157   -1.071  1.00 19.91 ? 319  GLN A CG  1 
ATOM   426 C CD  . GLN A 1 60  ? -10.454 4.232   -1.841  1.00 12.52 ? 319  GLN A CD  1 
ATOM   427 O OE1 . GLN A 1 60  ? -11.215 4.890   -1.197  1.00 17.42 ? 319  GLN A OE1 1 
ATOM   428 N NE2 . GLN A 1 60  ? -10.299 4.392   -3.188  1.00 14.83 ? 319  GLN A NE2 1 
ATOM   429 N N   . VAL A 1 61  ? -6.789  0.521   -2.961  1.00 9.89  ? 320  VAL A N   1 
ATOM   430 C CA  . VAL A 1 61  ? -5.881  0.401   -4.075  1.00 10.92 ? 320  VAL A CA  1 
ATOM   431 C C   . VAL A 1 61  ? -6.688  0.874   -5.286  1.00 10.45 ? 320  VAL A C   1 
ATOM   432 O O   . VAL A 1 61  ? -7.740  0.306   -5.608  1.00 11.40 ? 320  VAL A O   1 
ATOM   433 C CB  . VAL A 1 61  ? -5.395  -1.017  -4.283  1.00 13.31 ? 320  VAL A CB  1 
ATOM   434 C CG1 . VAL A 1 61  ? -4.440  -1.096  -5.470  1.00 16.21 ? 320  VAL A CG1 1 
ATOM   435 C CG2 . VAL A 1 61  ? -4.750  -1.569  -2.958  1.00 18.77 ? 320  VAL A CG2 1 
ATOM   436 N N   . ASN A 1 62  ? -6.217  1.925   -5.924  1.00 10.00 ? 321  ASN A N   1 
ATOM   437 C CA  . ASN A 1 62  ? -6.990  2.544   -6.948  1.00 11.16 ? 321  ASN A CA  1 
ATOM   438 C C   . ASN A 1 62  ? -8.382  2.852   -6.378  1.00 12.15 ? 321  ASN A C   1 
ATOM   439 O O   . ASN A 1 62  ? -8.459  3.423   -5.292  1.00 13.80 ? 321  ASN A O   1 
ATOM   440 C CB  . ASN A 1 62  ? -6.950  1.767   -8.252  1.00 13.01 ? 321  ASN A CB  1 
ATOM   441 C CG  . ASN A 1 62  ? -5.554  1.661   -8.820  1.00 12.89 ? 321  ASN A CG  1 
ATOM   442 O OD1 . ASN A 1 62  ? -4.682  2.409   -8.426  1.00 13.61 ? 321  ASN A OD1 1 
ATOM   443 N ND2 . ASN A 1 62  ? -5.341  0.738   -9.745  1.00 18.96 ? 321  ASN A ND2 1 
ATOM   444 N N   . ASP A 1 63  ? -9.463  2.526   -7.101  1.00 14.13 ? 322  ASP A N   1 
ATOM   445 C CA  . ASP A 1 63  ? -10.814 2.732   -6.568  1.00 14.15 ? 322  ASP A CA  1 
ATOM   446 C C   . ASP A 1 63  ? -11.386 1.587   -5.702  1.00 15.14 ? 322  ASP A C   1 
ATOM   447 O O   . ASP A 1 63  ? -12.537 1.651   -5.288  1.00 21.35 ? 322  ASP A O   1 
ATOM   448 C CB  . ASP A 1 63  ? -11.795 3.069   -7.698  1.00 16.32 ? 322  ASP A CB  1 
ATOM   449 C CG  . ASP A 1 63  ? -11.919 1.972   -8.719  1.00 19.54 ? 322  ASP A CG  1 
ATOM   450 O OD1 . ASP A 1 63  ? -12.966 1.885   -9.408  1.00 25.58 ? 322  ASP A OD1 1 
ATOM   451 O OD2 . ASP A 1 63  ? -10.948 1.236   -8.919  1.00 25.78 ? 322  ASP A OD2 1 
ATOM   452 N N   . MET A 1 64  ? -10.599 0.565   -5.424  1.00 13.65 ? 323  MET A N   1 
ATOM   453 C CA  A MET A 1 64  ? -11.105 -0.572  -4.686  0.50 14.95 ? 323  MET A CA  1 
ATOM   454 C CA  B MET A 1 64  ? -11.029 -0.635  -4.688  0.50 13.05 ? 323  MET A CA  1 
ATOM   455 C C   . MET A 1 64  ? -10.906 -0.434  -3.189  1.00 13.62 ? 323  MET A C   1 
ATOM   456 O O   . MET A 1 64  ? -9.834  -0.105  -2.714  1.00 13.93 ? 323  MET A O   1 
ATOM   457 C CB  A MET A 1 64  ? -10.481 -1.829  -5.221  0.50 16.58 ? 323  MET A CB  1 
ATOM   458 C CB  B MET A 1 64  ? -10.157 -1.841  -5.044  0.50 16.73 ? 323  MET A CB  1 
ATOM   459 C CG  A MET A 1 64  ? -10.727 -1.901  -6.692  0.50 19.25 ? 323  MET A CG  1 
ATOM   460 C CG  B MET A 1 64  ? -10.132 -2.202  -6.510  0.50 20.97 ? 323  MET A CG  1 
ATOM   461 S SD  A MET A 1 64  ? -10.052 -3.377  -7.383  0.50 22.06 ? 323  MET A SD  1 
ATOM   462 S SD  B MET A 1 64  ? -11.705 -2.820  -7.103  0.50 23.90 ? 323  MET A SD  1 
ATOM   463 C CE  A MET A 1 64  ? -11.356 -4.504  -6.874  0.50 20.31 ? 323  MET A CE  1 
ATOM   464 C CE  B MET A 1 64  ? -11.950 -4.164  -5.952  0.50 20.74 ? 323  MET A CE  1 
ATOM   465 N N   . ASN A 1 65  ? -11.979 -0.700  -2.449  1.00 14.91 ? 324  ASN A N   1 
ATOM   466 C CA  . ASN A 1 65  ? -12.028 -0.521  -0.988  1.00 13.92 ? 324  ASN A CA  1 
ATOM   467 C C   . ASN A 1 65  ? -11.467 -1.699  -0.192  1.00 16.82 ? 324  ASN A C   1 
ATOM   468 O O   . ASN A 1 65  ? -12.092 -2.757  -0.112  1.00 22.32 ? 324  ASN A O   1 
ATOM   469 C CB  . ASN A 1 65  ? -13.483 -0.318  -0.534  1.00 19.02 ? 324  ASN A CB  1 
ATOM   470 C CG  . ASN A 1 65  ? -13.599 0.161   0.939   1.00 21.20 ? 324  ASN A CG  1 
ATOM   471 O OD1 . ASN A 1 65  ? -12.603 0.326   1.636   1.00 21.45 ? 324  ASN A OD1 1 
ATOM   472 N ND2 . ASN A 1 65  ? -14.829 0.429   1.379   1.00 26.71 ? 324  ASN A ND2 1 
ATOM   473 N N   . PHE A 1 66  ? -10.338 -1.511  0.448   1.00 14.06 ? 325  PHE A N   1 
ATOM   474 C CA  . PHE A 1 66  ? -9.707  -2.555  1.259   1.00 15.90 ? 325  PHE A CA  1 
ATOM   475 C C   . PHE A 1 66  ? -10.120 -2.502  2.723   1.00 18.62 ? 325  PHE A C   1 
ATOM   476 O O   . PHE A 1 66  ? -9.575  -3.259  3.543   1.00 17.44 ? 325  PHE A O   1 
ATOM   477 C CB  . PHE A 1 66  ? -8.193  -2.453  1.114   1.00 16.15 ? 325  PHE A CB  1 
ATOM   478 C CG  . PHE A 1 66  ? -7.678  -3.143  -0.092  1.00 14.69 ? 325  PHE A CG  1 
ATOM   479 C CD1 . PHE A 1 66  ? -8.065  -2.738  -1.340  1.00 16.71 ? 325  PHE A CD1 1 
ATOM   480 C CD2 . PHE A 1 66  ? -6.791  -4.197  0.005   1.00 17.77 ? 325  PHE A CD2 1 
ATOM   481 C CE1 . PHE A 1 66  ? -7.597  -3.397  -2.461  1.00 18.93 ? 325  PHE A CE1 1 
ATOM   482 C CE2 . PHE A 1 66  ? -6.330  -4.852  -1.127  1.00 16.88 ? 325  PHE A CE2 1 
ATOM   483 C CZ  . PHE A 1 66  ? -6.741  -4.450  -2.346  1.00 17.25 ? 325  PHE A CZ  1 
ATOM   484 N N   . GLU A 1 67  ? -11.102 -1.653  3.046   1.00 19.44 ? 326  GLU A N   1 
ATOM   485 C CA  . GLU A 1 67  ? -11.739 -1.707  4.361   1.00 19.12 ? 326  GLU A CA  1 
ATOM   486 C C   . GLU A 1 67  ? -12.947 -2.652  4.404   1.00 19.14 ? 326  GLU A C   1 
ATOM   487 O O   . GLU A 1 67  ? -13.654 -2.736  5.404   1.00 19.56 ? 326  GLU A O   1 
ATOM   488 C CB  . GLU A 1 67  ? -12.160 -0.322  4.806   1.00 20.52 ? 326  GLU A CB  1 
ATOM   489 C CG  . GLU A 1 67  ? -11.029 0.612   5.114   1.00 23.69 ? 326  GLU A CG  1 
ATOM   490 C CD  . GLU A 1 67  ? -11.446 1.700   6.089   1.00 26.03 ? 326  GLU A CD  1 
ATOM   491 O OE1 . GLU A 1 67  ? -11.437 1.424   7.291   1.00 27.59 ? 326  GLU A OE1 1 
ATOM   492 O OE2 . GLU A 1 67  ? -11.767 2.835   5.668   1.00 28.80 ? 326  GLU A OE2 1 
ATOM   493 N N   . ASN A 1 68  ? -13.151 -3.429  3.356   1.00 18.76 ? 327  ASN A N   1 
ATOM   494 C CA  . ASN A 1 68  ? -14.177 -4.436  3.307   1.00 17.42 ? 327  ASN A CA  1 
ATOM   495 C C   . ASN A 1 68  ? -13.707 -5.621  2.452   1.00 21.34 ? 327  ASN A C   1 
ATOM   496 O O   . ASN A 1 68  ? -14.255 -5.856  1.365   1.00 25.59 ? 327  ASN A O   1 
ATOM   497 C CB  . ASN A 1 68  ? -15.429 -3.814  2.700   1.00 24.23 ? 327  ASN A CB  1 
ATOM   498 C CG  . ASN A 1 68  ? -16.617 -4.713  2.800   1.00 28.06 ? 327  ASN A CG  1 
ATOM   499 O OD1 . ASN A 1 68  ? -16.704 -5.547  3.696   1.00 28.82 ? 327  ASN A OD1 1 
ATOM   500 N ND2 . ASN A 1 68  ? -17.552 -4.559  1.862   1.00 31.35 ? 327  ASN A ND2 1 
ATOM   501 N N   . MET A 1 69  ? -12.654 -6.301  2.899   1.00 16.38 ? 328  MET A N   1 
ATOM   502 C CA  A MET A 1 69  ? -12.056 -7.418  2.197   0.50 17.75 ? 328  MET A CA  1 
ATOM   503 C CA  B MET A 1 69  ? -12.060 -7.424  2.178   0.50 16.05 ? 328  MET A CA  1 
ATOM   504 C C   . MET A 1 69  ? -11.446 -8.435  3.135   1.00 14.45 ? 328  MET A C   1 
ATOM   505 O O   . MET A 1 69  ? -10.844 -8.062  4.127   1.00 13.77 ? 328  MET A O   1 
ATOM   506 C CB  A MET A 1 69  ? -10.910 -6.915  1.337   0.50 22.55 ? 328  MET A CB  1 
ATOM   507 C CB  B MET A 1 69  ? -10.923 -6.958  1.250   0.50 16.90 ? 328  MET A CB  1 
ATOM   508 C CG  A MET A 1 69  ? -11.345 -6.137  0.175   0.50 25.02 ? 328  MET A CG  1 
ATOM   509 C CG  B MET A 1 69  ? -11.327 -6.415  -0.096  0.50 17.87 ? 328  MET A CG  1 
ATOM   510 S SD  A MET A 1 69  ? -10.702 -6.925  -1.263  0.50 24.71 ? 328  MET A SD  1 
ATOM   511 S SD  B MET A 1 69  ? -9.840  -6.015  -1.028  0.50 14.93 ? 328  MET A SD  1 
ATOM   512 C CE  A MET A 1 69  ? -10.810 -5.491  -2.335  0.50 21.21 ? 328  MET A CE  1 
ATOM   513 C CE  B MET A 1 69  ? -9.824  -7.380  -2.171  0.50 27.40 ? 328  MET A CE  1 
ATOM   514 N N   . SER A 1 70  ? -11.598 -9.721  2.818   1.00 14.06 ? 329  SER A N   1 
ATOM   515 C CA  . SER A 1 70  ? -10.854 -10.761 3.499   1.00 14.98 ? 329  SER A CA  1 
ATOM   516 C C   . SER A 1 70  ? -9.377  -10.683 3.076   1.00 13.08 ? 329  SER A C   1 
ATOM   517 O O   . SER A 1 70  ? -9.033  -10.071 2.068   1.00 12.70 ? 329  SER A O   1 
ATOM   518 C CB  . SER A 1 70  ? -11.379 -12.138 3.143   1.00 16.48 ? 329  SER A CB  1 
ATOM   519 O OG  . SER A 1 70  ? -11.100 -12.460 1.793   1.00 17.14 ? 329  SER A OG  1 
ATOM   520 N N   . ASN A 1 71  ? -8.496  -11.293 3.875   1.00 12.82 ? 330  ASN A N   1 
ATOM   521 C CA  . ASN A 1 71  ? -7.085  -11.384 3.483   1.00 12.04 ? 330  ASN A CA  1 
ATOM   522 C C   . ASN A 1 71  ? -6.941  -12.040 2.116   1.00 12.21 ? 330  ASN A C   1 
ATOM   523 O O   . ASN A 1 71  ? -6.218  -11.528 1.248   1.00 12.72 ? 330  ASN A O   1 
ATOM   524 C CB  . ASN A 1 71  ? -6.274  -12.145 4.547   1.00 15.35 ? 330  ASN A CB  1 
ATOM   525 C CG  . ASN A 1 71  ? -4.797  -12.049 4.345   1.00 16.59 ? 330  ASN A CG  1 
ATOM   526 O OD1 . ASN A 1 71  ? -4.213  -12.771 3.537   1.00 21.23 ? 330  ASN A OD1 1 
ATOM   527 N ND2 . ASN A 1 71  ? -4.182  -11.174 5.070   1.00 15.28 ? 330  ASN A ND2 1 
ATOM   528 N N   . ASP A 1 72  ? -7.637  -13.150 1.900   1.00 13.01 ? 331  ASP A N   1 
ATOM   529 C CA  . ASP A 1 72  ? -7.550  -13.843 0.611   1.00 14.08 ? 331  ASP A CA  1 
ATOM   530 C C   . ASP A 1 72  ? -7.976  -12.935 -0.538  1.00 14.05 ? 331  ASP A C   1 
ATOM   531 O O   . ASP A 1 72  ? -7.337  -12.923 -1.576  1.00 13.56 ? 331  ASP A O   1 
ATOM   532 C CB  . ASP A 1 72  ? -8.425  -15.083 0.612   1.00 15.61 ? 331  ASP A CB  1 
ATOM   533 C CG  . ASP A 1 72  ? -7.909  -16.209 1.479   1.00 20.26 ? 331  ASP A CG  1 
ATOM   534 O OD1 . ASP A 1 72  ? -6.763  -16.157 1.969   1.00 21.11 ? 331  ASP A OD1 1 
ATOM   535 O OD2 . ASP A 1 72  ? -8.679  -17.212 1.629   1.00 25.08 ? 331  ASP A OD2 1 
ATOM   536 N N   . ASP A 1 73  ? -9.097  -12.223 -0.385  1.00 13.78 ? 332  ASP A N   1 
ATOM   537 C CA  . ASP A 1 73  ? -9.591  -11.343 -1.441  1.00 13.75 ? 332  ASP A CA  1 
ATOM   538 C C   . ASP A 1 73  ? -8.591  -10.228 -1.734  1.00 12.97 ? 332  ASP A C   1 
ATOM   539 O O   . ASP A 1 73  ? -8.365  -9.878  -2.894  1.00 14.52 ? 332  ASP A O   1 
ATOM   540 C CB  . ASP A 1 73  ? -10.956 -10.731 -1.062  1.00 18.20 ? 332  ASP A CB  1 
ATOM   541 C CG  . ASP A 1 73  ? -12.158 -11.648 -1.418  1.00 30.70 ? 332  ASP A CG  1 
ATOM   542 O OD1 . ASP A 1 73  ? -11.986 -12.843 -1.677  1.00 34.95 ? 332  ASP A OD1 1 
ATOM   543 O OD2 . ASP A 1 73  ? -13.298 -11.149 -1.450  1.00 36.00 ? 332  ASP A OD2 1 
ATOM   544 N N   . ALA A 1 74  ? -8.014  -9.673  -0.673  1.00 11.78 ? 333  ALA A N   1 
ATOM   545 C CA  . ALA A 1 74  ? -7.021  -8.591  -0.776  1.00 11.54 ? 333  ALA A CA  1 
ATOM   546 C C   . ALA A 1 74  ? -5.808  -9.047  -1.591  1.00 10.08 ? 333  ALA A C   1 
ATOM   547 O O   . ALA A 1 74  ? -5.316  -8.311  -2.448  1.00 11.57 ? 333  ALA A O   1 
ATOM   548 C CB  . ALA A 1 74  ? -6.626  -8.095  0.576   1.00 12.25 ? 333  ALA A CB  1 
ATOM   549 N N   . VAL A 1 75  ? -5.311  -10.241 -1.310  1.00 10.64 ? 334  VAL A N   1 
ATOM   550 C CA  . VAL A 1 75  ? -4.171  -10.776 -2.056  1.00 10.50 ? 334  VAL A CA  1 
ATOM   551 C C   . VAL A 1 75  ? -4.528  -10.935 -3.537  1.00 10.94 ? 334  VAL A C   1 
ATOM   552 O O   . VAL A 1 75  ? -3.743  -10.566 -4.408  1.00 12.16 ? 334  VAL A O   1 
ATOM   553 C CB  . VAL A 1 75  ? -3.657  -12.098 -1.457  1.00 11.03 ? 334  VAL A CB  1 
ATOM   554 C CG1 . VAL A 1 75  ? -2.617  -12.754 -2.363  1.00 13.88 ? 334  VAL A CG1 1 
ATOM   555 C CG2 . VAL A 1 75  ? -3.153  -11.908 -0.015  1.00 10.97 ? 334  VAL A CG2 1 
ATOM   556 N N   . ARG A 1 76  ? -5.708  -11.472 -3.833  1.00 11.69 ? 335  ARG A N   1 
ATOM   557 C CA  A ARG A 1 76  ? -6.114  -11.654 -5.228  0.50 12.95 ? 335  ARG A CA  1 
ATOM   558 C CA  B ARG A 1 76  ? -6.166  -11.641 -5.228  0.50 12.96 ? 335  ARG A CA  1 
ATOM   559 C C   . ARG A 1 76  ? -6.262  -10.333 -5.960  1.00 13.58 ? 335  ARG A C   1 
ATOM   560 O O   . ARG A 1 76  ? -5.792  -10.194 -7.103  1.00 14.78 ? 335  ARG A O   1 
ATOM   561 C CB  A ARG A 1 76  ? -7.400  -12.460 -5.303  0.50 13.19 ? 335  ARG A CB  1 
ATOM   562 C CB  B ARG A 1 76  ? -7.538  -12.298 -5.261  0.50 12.51 ? 335  ARG A CB  1 
ATOM   563 C CG  A ARG A 1 76  ? -7.197  -13.890 -4.889  0.50 14.95 ? 335  ARG A CG  1 
ATOM   564 C CG  B ARG A 1 76  ? -7.506  -13.672 -4.716  0.50 13.05 ? 335  ARG A CG  1 
ATOM   565 C CD  A ARG A 1 76  ? -8.368  -14.741 -5.336  0.50 18.00 ? 335  ARG A CD  1 
ATOM   566 C CD  B ARG A 1 76  ? -8.843  -14.386 -4.794  0.50 17.50 ? 335  ARG A CD  1 
ATOM   567 N NE  A ARG A 1 76  ? -9.559  -14.487 -4.519  0.50 22.05 ? 335  ARG A NE  1 
ATOM   568 N NE  B ARG A 1 76  ? -8.696  -15.727 -4.223  0.50 16.41 ? 335  ARG A NE  1 
ATOM   569 C CZ  A ARG A 1 76  ? -9.827  -15.101 -3.364  0.50 21.40 ? 335  ARG A CZ  1 
ATOM   570 C CZ  B ARG A 1 76  ? -9.320  -16.209 -3.141  0.50 18.33 ? 335  ARG A CZ  1 
ATOM   571 N NH1 A ARG A 1 76  ? -9.004  -16.021 -2.858  0.50 23.80 ? 335  ARG A NH1 1 
ATOM   572 N NH1 B ARG A 1 76  ? -10.217 -15.499 -2.460  0.50 17.62 ? 335  ARG A NH1 1 
ATOM   573 N NH2 A ARG A 1 76  ? -10.935 -14.806 -2.706  0.50 25.84 ? 335  ARG A NH2 1 
ATOM   574 N NH2 B ARG A 1 76  ? -9.047  -17.445 -2.753  0.50 21.22 ? 335  ARG A NH2 1 
ATOM   575 N N   . VAL A 1 77  ? -6.910  -9.365  -5.332  1.00 13.69 ? 336  VAL A N   1 
ATOM   576 C CA  . VAL A 1 77  ? -7.090  -8.064  -5.966  1.00 14.96 ? 336  VAL A CA  1 
ATOM   577 C C   . VAL A 1 77  ? -5.745  -7.427  -6.249  1.00 13.31 ? 336  VAL A C   1 
ATOM   578 O O   . VAL A 1 77  ? -5.524  -6.938  -7.338  1.00 15.11 ? 336  VAL A O   1 
ATOM   579 C CB  . VAL A 1 77  ? -7.995  -7.126  -5.101  1.00 16.73 ? 336  VAL A CB  1 
ATOM   580 C CG1 . VAL A 1 77  ? -7.965  -5.648  -5.591  1.00 19.51 ? 336  VAL A CG1 1 
ATOM   581 C CG2 . VAL A 1 77  ? -9.415  -7.684  -5.088  1.00 17.25 ? 336  VAL A CG2 1 
ATOM   582 N N   . LEU A 1 78  ? -4.838  -7.437  -5.266  1.00 13.49 ? 337  LEU A N   1 
ATOM   583 C CA  . LEU A 1 78  ? -3.523  -6.831  -5.429  1.00 12.59 ? 337  LEU A CA  1 
ATOM   584 C C   . LEU A 1 78  ? -2.740  -7.525  -6.538  1.00 11.54 ? 337  LEU A C   1 
ATOM   585 O O   . LEU A 1 78  ? -2.135  -6.861  -7.390  1.00 14.47 ? 337  LEU A O   1 
ATOM   586 C CB  . LEU A 1 78  ? -2.755  -6.823  -4.095  1.00 12.07 ? 337  LEU A CB  1 
ATOM   587 C CG  . LEU A 1 78  ? -3.130  -5.626  -3.231  1.00 13.70 ? 337  LEU A CG  1 
ATOM   588 C CD1 . LEU A 1 78  ? -2.759  -5.865  -1.779  1.00 14.57 ? 337  LEU A CD1 1 
ATOM   589 C CD2 . LEU A 1 78  ? -2.433  -4.369  -3.772  1.00 18.83 ? 337  LEU A CD2 1 
ATOM   590 N N   . ARG A 1 79  ? -2.725  -8.861  -6.545  1.00 10.90 ? 338  ARG A N   1 
ATOM   591 C CA  . ARG A 1 79  ? -2.000  -9.568  -7.589  1.00 10.67 ? 338  ARG A CA  1 
ATOM   592 C C   . ARG A 1 79  ? -2.604  -9.351  -8.959  1.00 11.76 ? 338  ARG A C   1 
ATOM   593 O O   . ARG A 1 79  ? -1.868  -9.264  -9.950  1.00 14.76 ? 338  ARG A O   1 
ATOM   594 C CB  . ARG A 1 79  ? -1.913  -11.055 -7.289  1.00 10.06 ? 338  ARG A CB  1 
ATOM   595 C CG  . ARG A 1 79  ? -0.985  -11.327 -6.115  1.00 11.45 ? 338  ARG A CG  1 
ATOM   596 C CD  . ARG A 1 79  ? -0.760  -12.790 -5.896  1.00 10.37 ? 338  ARG A CD  1 
ATOM   597 N NE  . ARG A 1 79  ? 0.156   -13.012 -4.776  1.00 10.14 ? 338  ARG A NE  1 
ATOM   598 C CZ  . ARG A 1 79  ? 0.148   -14.109 -4.017  1.00 11.28 ? 338  ARG A CZ  1 
ATOM   599 N NH1 . ARG A 1 79  ? -0.622  -15.162 -4.327  1.00 10.98 ? 338  ARG A NH1 1 
ATOM   600 N NH2 . ARG A 1 79  ? 0.927   -14.167 -2.941  1.00 11.70 ? 338  ARG A NH2 1 
ATOM   601 N N   . ASP A 1 80  ? -3.920  -9.211  -9.021  1.00 12.16 ? 339  ASP A N   1 
ATOM   602 C CA  . ASP A 1 80  ? -4.560  -8.942  -10.298 1.00 12.85 ? 339  ASP A CA  1 
ATOM   603 C C   . ASP A 1 80  ? -4.174  -7.531  -10.800 1.00 16.86 ? 339  ASP A C   1 
ATOM   604 O O   . ASP A 1 80  ? -3.885  -7.323  -11.972 1.00 20.65 ? 339  ASP A O   1 
ATOM   605 C CB  . ASP A 1 80  ? -6.077  -9.077  -10.192 1.00 11.99 ? 339  ASP A CB  1 
ATOM   606 C CG  . ASP A 1 80  ? -6.559  -10.505 -9.926  1.00 13.07 ? 339  ASP A CG  1 
ATOM   607 O OD1 . ASP A 1 80  ? -5.791  -11.485 -10.098 1.00 12.12 ? 339  ASP A OD1 1 
ATOM   608 O OD2 . ASP A 1 80  ? -7.749  -10.650 -9.549  1.00 14.17 ? 339  ASP A OD2 1 
ATOM   609 N N   . ILE A 1 81  ? -4.182  -6.560  -9.905  1.00 15.55 ? 340  ILE A N   1 
ATOM   610 C CA  . ILE A 1 81  ? -3.847  -5.166  -10.257 1.00 17.91 ? 340  ILE A CA  1 
ATOM   611 C C   . ILE A 1 81  ? -2.388  -4.971  -10.691 1.00 17.39 ? 340  ILE A C   1 
ATOM   612 O O   . ILE A 1 81  ? -2.110  -4.209  -11.653 1.00 21.85 ? 340  ILE A O   1 
ATOM   613 C CB  . ILE A 1 81  ? -4.194  -4.237  -9.060  1.00 21.36 ? 340  ILE A CB  1 
ATOM   614 C CG1 . ILE A 1 81  ? -5.718  -4.151  -8.950  1.00 23.15 ? 340  ILE A CG1 1 
ATOM   615 C CG2 . ILE A 1 81  ? -3.586  -2.820  -9.221  1.00 26.47 ? 340  ILE A CG2 1 
ATOM   616 C CD1 . ILE A 1 81  ? -6.212  -3.397  -7.713  1.00 25.62 ? 340  ILE A CD1 1 
ATOM   617 N N   . VAL A 1 82  ? -1.457  -5.622  -10.016 1.00 15.84 ? 341  VAL A N   1 
ATOM   618 C CA  . VAL A 1 82  ? -0.046  -5.365  -10.285 1.00 17.45 ? 341  VAL A CA  1 
ATOM   619 C C   . VAL A 1 82  ? 0.366   -5.795  -11.705 1.00 19.18 ? 341  VAL A C   1 
ATOM   620 O O   . VAL A 1 82  ? 1.318   -5.269  -12.261 1.00 23.50 ? 341  VAL A O   1 
ATOM   621 C CB  . VAL A 1 82  ? 0.889   -5.977  -9.206  1.00 20.36 ? 341  VAL A CB  1 
ATOM   622 C CG1 . VAL A 1 82  ? 0.609   -5.398  -7.793  1.00 23.43 ? 341  VAL A CG1 1 
ATOM   623 C CG2 . VAL A 1 82  ? 0.897   -7.439  -9.229  1.00 20.39 ? 341  VAL A CG2 1 
ATOM   624 N N   . HIS A 1 83  ? -0.380  -6.722  -12.299 1.00 18.86 ? 342  HIS A N   1 
ATOM   625 C CA  . HIS A 1 83  ? -0.100  -7.177  -13.652 1.00 19.56 ? 342  HIS A CA  1 
ATOM   626 C C   . HIS A 1 83  ? -0.945  -6.501  -14.742 1.00 22.84 ? 342  HIS A C   1 
ATOM   627 O O   . HIS A 1 83  ? -0.817  -6.843  -15.918 1.00 29.14 ? 342  HIS A O   1 
ATOM   628 C CB  . HIS A 1 83  ? -0.249  -8.701  -13.720 1.00 18.70 ? 342  HIS A CB  1 
ATOM   629 C CG  . HIS A 1 83  ? 0.781   -9.416  -12.920 1.00 19.48 ? 342  HIS A CG  1 
ATOM   630 N ND1 . HIS A 1 83  ? 2.058   -9.652  -13.384 1.00 18.29 ? 342  HIS A ND1 1 
ATOM   631 C CD2 . HIS A 1 83  ? 0.749   -9.881  -11.654 1.00 16.47 ? 342  HIS A CD2 1 
ATOM   632 C CE1 . HIS A 1 83  ? 2.750   -10.281 -12.450 1.00 18.94 ? 342  HIS A CE1 1 
ATOM   633 N NE2 . HIS A 1 83  ? 1.985   -10.409 -11.383 1.00 18.80 ? 342  HIS A NE2 1 
ATOM   634 N N   . LYS A 1 84  ? -1.779  -5.535  -14.373 1.00 25.01 ? 343  LYS A N   1 
ATOM   635 C CA  . LYS A 1 84  ? -2.559  -4.763  -15.351 1.00 28.65 ? 343  LYS A CA  1 
ATOM   636 C C   . LYS A 1 84  ? -1.859  -3.479  -15.708 1.00 32.50 ? 343  LYS A C   1 
ATOM   637 O O   . LYS A 1 84  ? -1.289  -2.840  -14.833 1.00 31.39 ? 343  LYS A O   1 
ATOM   638 C CB  . LYS A 1 84  ? -3.931  -4.420  -14.805 1.00 34.82 ? 343  LYS A CB  1 
ATOM   639 C CG  . LYS A 1 84  ? -4.865  -5.582  -14.769 1.00 37.79 ? 343  LYS A CG  1 
ATOM   640 C CD  . LYS A 1 84  ? -6.236  -5.156  -14.328 1.00 38.94 ? 343  LYS A CD  1 
ATOM   641 C CE  . LYS A 1 84  ? -7.208  -6.301  -14.454 1.00 40.87 ? 343  LYS A CE  1 
ATOM   642 N NZ  . LYS A 1 84  ? -8.531  -5.992  -13.805 1.00 44.30 ? 343  LYS A NZ  1 
ATOM   643 N N   . PRO A 1 85  ? -1.932  -3.060  -16.997 1.00 36.26 ? 344  PRO A N   1 
ATOM   644 C CA  . PRO A 1 85  ? -1.363  -1.774  -17.294 1.00 37.09 ? 344  PRO A CA  1 
ATOM   645 C C   . PRO A 1 85  ? -2.234  -0.719  -16.664 1.00 36.10 ? 344  PRO A C   1 
ATOM   646 O O   . PRO A 1 85  ? -3.463  -0.890  -16.562 1.00 40.33 ? 344  PRO A O   1 
ATOM   647 C CB  . PRO A 1 85  ? -1.458  -1.688  -18.824 1.00 36.60 ? 344  PRO A CB  1 
ATOM   648 C CG  . PRO A 1 85  ? -2.638  -2.514  -19.143 1.00 39.61 ? 344  PRO A CG  1 
ATOM   649 C CD  . PRO A 1 85  ? -2.529  -3.673  -18.196 1.00 40.80 ? 344  PRO A CD  1 
ATOM   650 N N   . GLY A 1 86  ? -1.604  0.348   -16.216 1.00 33.91 ? 345  GLY A N   1 
ATOM   651 C CA  . GLY A 1 86  ? -2.341  1.486   -15.722 1.00 31.15 ? 345  GLY A CA  1 
ATOM   652 C C   . GLY A 1 86  ? -1.828  1.842   -14.355 1.00 25.58 ? 345  GLY A C   1 
ATOM   653 O O   . GLY A 1 86  ? -0.939  1.171   -13.823 1.00 29.95 ? 345  GLY A O   1 
ATOM   654 N N   . PRO A 1 87  ? -2.346  2.925   -13.800 1.00 25.79 ? 346  PRO A N   1 
ATOM   655 C CA  . PRO A 1 87  ? -1.749  3.381   -12.537 1.00 23.51 ? 346  PRO A CA  1 
ATOM   656 C C   . PRO A 1 87  ? -1.952  2.423   -11.359 1.00 22.15 ? 346  PRO A C   1 
ATOM   657 O O   . PRO A 1 87  ? -2.966  1.646   -11.341 1.00 26.80 ? 346  PRO A O   1 
ATOM   658 C CB  . PRO A 1 87  ? -2.451  4.720   -12.290 1.00 28.02 ? 346  PRO A CB  1 
ATOM   659 C CG  . PRO A 1 87  ? -3.749  4.596   -13.003 1.00 30.77 ? 346  PRO A CG  1 
ATOM   660 C CD  . PRO A 1 87  ? -3.427  3.814   -14.241 1.00 29.75 ? 346  PRO A CD  1 
ATOM   661 N N   . ILE A 1 88  ? -1.029  2.480   -10.385 1.00 22.75 ? 347  ILE A N   1 
ATOM   662 C CA  . ILE A 1 88  ? -1.258  1.925   -9.000  1.00 15.66 ? 347  ILE A CA  1 
ATOM   663 C C   . ILE A 1 88  ? -1.108  2.994   -7.920  1.00 11.81 ? 347  ILE A C   1 
ATOM   664 O O   . ILE A 1 88  ? -0.045  3.575   -7.705  1.00 13.97 ? 347  ILE A O   1 
ATOM   665 C CB  . ILE A 1 88  ? -0.405  0.705   -8.551  1.00 15.54 ? 347  ILE A CB  1 
ATOM   666 C CG1 . ILE A 1 88  ? -0.491  -0.425  -9.586  1.00 20.04 ? 347  ILE A CG1 1 
ATOM   667 C CG2 . ILE A 1 88  ? -0.937  0.209   -7.193  1.00 17.82 ? 347  ILE A CG2 1 
ATOM   668 C CD1 . ILE A 1 88  ? 0.211   -1.718  -9.185  1.00 23.69 ? 347  ILE A CD1 1 
ATOM   669 N N   . VAL A 1 89  ? -2.224  3.233   -7.266  1.00 10.71 ? 348  VAL A N   1 
ATOM   670 C CA  . VAL A 1 89  ? -2.345  4.304   -6.295  1.00 10.06 ? 348  VAL A CA  1 
ATOM   671 C C   . VAL A 1 89  ? -2.867  3.690   -4.995  1.00 11.21 ? 348  VAL A C   1 
ATOM   672 O O   . VAL A 1 89  ? -3.884  2.978   -5.016  1.00 15.69 ? 348  VAL A O   1 
ATOM   673 C CB  . VAL A 1 89  ? -3.330  5.381   -6.827  1.00 10.10 ? 348  VAL A CB  1 
ATOM   674 C CG1 . VAL A 1 89  ? -3.472  6.539   -5.828  1.00 12.48 ? 348  VAL A CG1 1 
ATOM   675 C CG2 . VAL A 1 89  ? -2.861  5.914   -8.188  1.00 12.03 ? 348  VAL A CG2 1 
ATOM   676 N N   . LEU A 1 90  ? -2.156  3.914   -3.892  1.00 9.98  ? 349  LEU A N   1 
ATOM   677 C CA  . LEU A 1 90  ? -2.522  3.323   -2.611  1.00 9.88  ? 349  LEU A CA  1 
ATOM   678 C C   . LEU A 1 90  ? -2.950  4.427   -1.666  1.00 9.33  ? 349  LEU A C   1 
ATOM   679 O O   . LEU A 1 90  ? -2.276  5.458   -1.561  1.00 11.51 ? 349  LEU A O   1 
ATOM   680 C CB  . LEU A 1 90  ? -1.332  2.607   -1.979  1.00 12.39 ? 349  LEU A CB  1 
ATOM   681 C CG  . LEU A 1 90  ? -0.828  1.346   -2.664  1.00 15.25 ? 349  LEU A CG  1 
ATOM   682 C CD1 . LEU A 1 90  ? 0.302   0.700   -1.877  1.00 17.67 ? 349  LEU A CD1 1 
ATOM   683 C CD2 . LEU A 1 90  ? -1.870  0.344   -3.008  1.00 20.05 ? 349  LEU A CD2 1 
ATOM   684 N N   . THR A 1 91  ? -4.057  4.186   -0.965  1.00 9.74  ? 350  THR A N   1 
ATOM   685 C CA  . THR A 1 91  ? -4.463  5.064   0.123   1.00 9.80  ? 350  THR A CA  1 
ATOM   686 C C   . THR A 1 91  ? -4.277  4.284   1.417   1.00 10.19 ? 350  THR A C   1 
ATOM   687 O O   . THR A 1 91  ? -4.801  3.171   1.556   1.00 10.56 ? 350  THR A O   1 
ATOM   688 C CB  . THR A 1 91  ? -5.943  5.513   -0.034  1.00 10.39 ? 350  THR A CB  1 
ATOM   689 O OG1 . THR A 1 91  ? -6.128  6.164   -1.298  1.00 10.75 ? 350  THR A OG1 1 
ATOM   690 C CG2 . THR A 1 91  ? -6.369  6.438   1.091   1.00 10.72 ? 350  THR A CG2 1 
ATOM   691 N N   . VAL A 1 92  ? -3.544  4.885   2.363   1.00 9.93  ? 351  VAL A N   1 
ATOM   692 C CA  . VAL A 1 92  ? -3.252  4.263   3.645   1.00 9.80  ? 351  VAL A CA  1 
ATOM   693 C C   . VAL A 1 92  ? -3.542  5.223   4.798   1.00 10.35 ? 351  VAL A C   1 
ATOM   694 O O   . VAL A 1 92  ? -3.516  6.452   4.608   1.00 11.71 ? 351  VAL A O   1 
ATOM   695 C CB  . VAL A 1 92  ? -1.775  3.744   3.759   1.00 10.95 ? 351  VAL A CB  1 
ATOM   696 C CG1 . VAL A 1 92  ? -1.479  2.776   2.641   1.00 11.93 ? 351  VAL A CG1 1 
ATOM   697 C CG2 . VAL A 1 92  ? -0.751  4.879   3.840   1.00 12.58 ? 351  VAL A CG2 1 
ATOM   698 N N   . ALA A 1 93  ? -3.819  4.647   5.966   1.00 11.76 ? 352  ALA A N   1 
ATOM   699 C CA  . ALA A 1 93  ? -3.855  5.398   7.218   1.00 12.23 ? 352  ALA A CA  1 
ATOM   700 C C   . ALA A 1 93  ? -2.502  5.179   7.879   1.00 11.68 ? 352  ALA A C   1 
ATOM   701 O O   . ALA A 1 93  ? -2.015  4.045   7.961   1.00 12.75 ? 352  ALA A O   1 
ATOM   702 C CB  . ALA A 1 93  ? -4.985  4.936   8.149   1.00 13.19 ? 352  ALA A CB  1 
ATOM   703 N N   . LYS A 1 94  ? -1.932  6.259   8.408   1.00 12.98 ? 353  LYS A N   1 
ATOM   704 C CA  . LYS A 1 94  ? -0.600  6.235   8.954   1.00 13.96 ? 353  LYS A CA  1 
ATOM   705 C C   . LYS A 1 94  ? -0.564  5.718   10.384  1.00 16.83 ? 353  LYS A C   1 
ATOM   706 O O   . LYS A 1 94  ? -0.155  6.405   11.323  1.00 19.72 ? 353  LYS A O   1 
ATOM   707 C CB  . LYS A 1 94  ? 0.019   7.622   8.843   1.00 16.32 ? 353  LYS A CB  1 
ATOM   708 C CG  . LYS A 1 94  ? 0.329   8.030   7.398   1.00 14.72 ? 353  LYS A CG  1 
ATOM   709 C CD  . LYS A 1 94  ? 1.304   7.089   6.688   1.00 13.77 ? 353  LYS A CD  1 
ATOM   710 C CE  . LYS A 1 94  ? 2.588   6.845   7.480   1.00 13.78 ? 353  LYS A CE  1 
ATOM   711 N NZ  . LYS A 1 94  ? 3.555   5.941   6.744   1.00 14.00 ? 353  LYS A NZ  1 
ATOM   712 N N   . SER A 1 95  ? -1.015  4.479   10.532  1.00 15.94 ? 354  SER A N   1 
ATOM   713 C CA  . SER A 1 95  ? -0.879  3.750   11.773  1.00 14.68 ? 354  SER A CA  1 
ATOM   714 C C   . SER A 1 95  ? 0.520   3.173   11.997  1.00 15.46 ? 354  SER A C   1 
ATOM   715 O O   . SER A 1 95  ? 0.827   2.763   13.122  1.00 19.17 ? 354  SER A O   1 
ATOM   716 C CB  . SER A 1 95  ? -1.920  2.625   11.845  1.00 17.70 ? 354  SER A CB  1 
ATOM   717 O OG  . SER A 1 95  ? -2.054  1.929   10.629  1.00 15.88 ? 354  SER A OG  1 
ATOM   718 N N   . GLY A 1 96  ? 1.364   3.171   10.948  1.00 14.86 ? 355  GLY A N   1 
ATOM   719 C CA  . GLY A 1 96  ? 2.698   2.586   10.997  1.00 16.33 ? 355  GLY A CA  1 
ATOM   720 C C   . GLY A 1 96  ? 3.842   3.542   11.266  1.00 18.84 ? 355  GLY A C   1 
ATOM   721 O O   . GLY A 1 96  ? 4.990   3.104   11.333  1.00 22.43 ? 355  GLY A O   1 
ATOM   722 N N   . GLY A 1 97  ? 3.543   4.830   11.413  1.00 19.69 ? 356  GLY A N   1 
ATOM   723 C CA  . GLY A 1 97  ? 4.574   5.874   11.530  1.00 22.07 ? 356  GLY A CA  1 
ATOM   724 C C   . GLY A 1 97  ? 4.196   7.220   10.935  1.00 23.41 ? 356  GLY A C   1 
ATOM   725 O O   . GLY A 1 97  ? 3.014   7.533   10.768  1.00 24.14 ? 356  GLY A O   1 
ATOM   726 N N   . SER A 1 99  ? 5.738   8.677   8.000   1.00 20.94 ? 358  SER A N   1 
ATOM   727 C CA  . SER A 1 99  ? 6.184   8.693   6.593   1.00 19.88 ? 358  SER A CA  1 
ATOM   728 C C   . SER A 1 99  ? 7.577   9.267   6.443   1.00 18.83 ? 358  SER A C   1 
ATOM   729 O O   . SER A 1 99  ? 7.892   10.322  6.998   1.00 24.53 ? 358  SER A O   1 
ATOM   730 C CB  . SER A 1 99  ? 5.256   9.577   5.759   1.00 19.45 ? 358  SER A CB  1 
ATOM   731 O OG  . SER A 1 99  ? 3.962   9.000   5.618   1.00 20.16 ? 358  SER A OG  1 
ATOM   732 N N   . GLY A 1 100 ? 8.385   8.627   5.606   1.00 17.31 ? 359  GLY A N   1 
ATOM   733 C CA  . GLY A 1 100 ? 9.657   9.167   5.244   1.00 15.15 ? 359  GLY A CA  1 
ATOM   734 C C   . GLY A 1 100 ? 9.511   10.063  4.027   1.00 13.95 ? 359  GLY A C   1 
ATOM   735 O O   . GLY A 1 100 ? 10.012  9.742   2.996   1.00 13.12 ? 359  GLY A O   1 
ATOM   736 N N   . ASN A 1 101 ? 8.839   11.205  4.188   1.00 17.14 ? 360  ASN A N   1 
ATOM   737 C CA  . ASN A 1 101 ? 8.633   12.156  3.103   1.00 16.97 ? 360  ASN A CA  1 
ATOM   738 C C   . ASN A 1 101 ? 9.946   12.752  2.654   1.00 17.16 ? 360  ASN A C   1 
ATOM   739 O O   . ASN A 1 101 ? 10.920  12.795  3.402   1.00 17.59 ? 360  ASN A O   1 
ATOM   740 C CB  . ASN A 1 101 ? 7.700   13.301  3.529   1.00 21.86 ? 360  ASN A CB  1 
ATOM   741 C CG  . ASN A 1 101 ? 6.391   12.815  4.031   1.00 27.80 ? 360  ASN A CG  1 
ATOM   742 O OD1 . ASN A 1 101 ? 5.626   12.242  3.276   1.00 32.73 ? 360  ASN A OD1 1 
ATOM   743 N ND2 . ASN A 1 101 ? 6.127   13.013  5.315   1.00 31.68 ? 360  ASN A ND2 1 
ATOM   744 N N   . GLU A 1 102 ? 9.951   13.231  1.424   1.00 15.65 ? 361  GLU A N   1 
ATOM   745 C CA  . GLU A 1 102 ? 11.190  13.705  0.792   1.00 13.20 ? 361  GLU A CA  1 
ATOM   746 C C   . GLU A 1 102 ? 11.761  14.929  1.506   1.00 13.98 ? 361  GLU A C   1 
ATOM   747 O O   . GLU A 1 102 ? 11.039  15.923  1.728   1.00 16.32 ? 361  GLU A O   1 
ATOM   748 C CB  . GLU A 1 102 ? 10.884  14.071  -0.647  1.00 16.41 ? 361  GLU A CB  1 
ATOM   749 C CG  . GLU A 1 102 ? 12.063  14.472  -1.424  1.00 15.80 ? 361  GLU A CG  1 
ATOM   750 C CD  . GLU A 1 102 ? 11.802  14.722  -2.924  1.00 18.25 ? 361  GLU A CD  1 
ATOM   751 O OE1 . GLU A 1 102 ? 10.646  14.821  -3.368  1.00 26.14 ? 361  GLU A OE1 1 
ATOM   752 O OE2 . GLU A 1 102 ? 12.793  14.799  -3.667  1.00 17.00 ? 361  GLU A OE2 1 
ATOM   753 N N   . VAL A 1 103 ? 13.042  14.850  1.878   1.00 10.55 ? 362  VAL A N   1 
ATOM   754 C CA  . VAL A 1 103 ? 13.724  15.934  2.569   1.00 10.61 ? 362  VAL A CA  1 
ATOM   755 C C   . VAL A 1 103 ? 15.032  16.218  1.838   1.00 10.23 ? 362  VAL A C   1 
ATOM   756 O O   . VAL A 1 103 ? 15.856  15.334  1.681   1.00 10.67 ? 362  VAL A O   1 
ATOM   757 C CB  . VAL A 1 103 ? 14.042  15.617  4.075   1.00 12.39 ? 362  VAL A CB  1 
ATOM   758 C CG1 . VAL A 1 103 ? 14.827  16.762  4.701   1.00 13.90 ? 362  VAL A CG1 1 
ATOM   759 C CG2 . VAL A 1 103 ? 12.763  15.348  4.866   1.00 15.26 ? 362  VAL A CG2 1 
ATOM   760 N N   . TRP A 1 104 ? 15.215  17.470  1.420   1.00 10.66 ? 363  TRP A N   1 
ATOM   761 C CA  . TRP A 1 104 ? 16.475  17.877  0.824   1.00 10.32 ? 363  TRP A CA  1 
ATOM   762 C C   . TRP A 1 104 ? 17.548  17.989  1.893   1.00 10.49 ? 363  TRP A C   1 
ATOM   763 O O   . TRP A 1 104 ? 17.338  18.604  2.954   1.00 12.55 ? 363  TRP A O   1 
ATOM   764 C CB  . TRP A 1 104 ? 16.317  19.226  0.096   1.00 12.13 ? 363  TRP A CB  1 
ATOM   765 C CG  . TRP A 1 104 ? 15.639  19.071  -1.220  1.00 11.92 ? 363  TRP A CG  1 
ATOM   766 C CD1 . TRP A 1 104 ? 14.337  19.277  -1.491  1.00 14.90 ? 363  TRP A CD1 1 
ATOM   767 C CD2 . TRP A 1 104 ? 16.244  18.654  -2.450  1.00 11.17 ? 363  TRP A CD2 1 
ATOM   768 N NE1 . TRP A 1 104 ? 14.083  19.008  -2.809  1.00 16.14 ? 363  TRP A NE1 1 
ATOM   769 C CE2 . TRP A 1 104 ? 15.238  18.622  -3.419  1.00 13.67 ? 363  TRP A CE2 1 
ATOM   770 C CE3 . TRP A 1 104 ? 17.539  18.254  -2.807  1.00 13.09 ? 363  TRP A CE3 1 
ATOM   771 C CZ2 . TRP A 1 104 ? 15.475  18.225  -4.724  1.00 13.81 ? 363  TRP A CZ2 1 
ATOM   772 C CZ3 . TRP A 1 104 ? 17.780  17.874  -4.114  1.00 13.98 ? 363  TRP A CZ3 1 
ATOM   773 C CH2 . TRP A 1 104 ? 16.761  17.870  -5.052  1.00 13.97 ? 363  TRP A CH2 1 
ATOM   774 N N   . ILE A 1 105 ? 18.714  17.440  1.607   1.00 10.33 ? 364  ILE A N   1 
ATOM   775 C CA  . ILE A 1 105 ? 19.816  17.498  2.569   1.00 11.66 ? 364  ILE A CA  1 
ATOM   776 C C   . ILE A 1 105 ? 20.422  18.870  2.592   1.00 10.59 ? 364  ILE A C   1 
ATOM   777 O O   . ILE A 1 105 ? 20.619  19.455  3.656   1.00 11.73 ? 364  ILE A O   1 
ATOM   778 C CB  . ILE A 1 105 ? 20.898  16.441  2.258   1.00 10.51 ? 364  ILE A CB  1 
ATOM   779 C CG1 . ILE A 1 105 ? 20.278  15.044  2.357   1.00 10.82 ? 364  ILE A CG1 1 
ATOM   780 C CG2 . ILE A 1 105 ? 22.144  16.593  3.160   1.00 12.18 ? 364  ILE A CG2 1 
ATOM   781 C CD1 . ILE A 1 105 ? 19.518  14.752  3.647   1.00 12.19 ? 364  ILE A CD1 1 
ATOM   782 N N   . ASP A 1 106 ? 20.754  19.376  1.414   1.00 12.29 ? 365  ASP A N   1 
ATOM   783 C CA  . ASP A 1 106 ? 21.473  20.638  1.327   1.00 13.70 ? 365  ASP A CA  1 
ATOM   784 C C   . ASP A 1 106 ? 21.244  21.277  0.015   1.00 19.29 ? 365  ASP A C   1 
ATOM   785 O O   . ASP A 1 106 ? 20.386  20.841  -0.744  1.00 21.51 ? 365  ASP A O   1 
ATOM   786 C CB  . ASP A 1 106 ? 22.958  20.436  1.633   1.00 14.12 ? 365  ASP A CB  1 
ATOM   787 C CG  . ASP A 1 106 ? 23.708  19.622  0.570   1.00 15.21 ? 365  ASP A CG  1 
ATOM   788 O OD1 . ASP A 1 106 ? 23.067  19.055  -0.340  1.00 15.18 ? 365  ASP A OD1 1 
ATOM   789 O OD2 . ASP A 1 106 ? 24.963  19.533  0.699   1.00 16.08 ? 365  ASP A OD2 1 
ATOM   790 N N   . GLY A 1 107 ? 22.018  22.336  -0.211  1.00 22.50 ? 366  GLY A N   1 
ATOM   791 C CA  . GLY A 1 107 ? 21.945  23.101  -1.411  1.00 24.16 ? 366  GLY A CA  1 
ATOM   792 C C   . GLY A 1 107 ? 23.145  24.048  -1.462  1.00 18.38 ? 366  GLY A C   1 
ATOM   793 O O   . GLY A 1 107 ? 24.023  24.084  -0.574  1.00 23.36 ? 366  GLY A O   1 
ATOM   794 N N   . PRO A 1 108 ? 23.217  24.803  -2.514  1.00 22.52 ? 367  PRO A N   1 
ATOM   795 C CA  . PRO A 1 108 ? 24.362  25.692  -2.738  1.00 24.04 ? 367  PRO A CA  1 
ATOM   796 C C   . PRO A 1 108 ? 24.461  26.893  -1.793  1.00 28.66 ? 367  PRO A C   1 
ATOM   797 O O   . PRO A 1 108 ? 25.557  27.405  -1.507  1.00 34.30 ? 367  PRO A O   1 
ATOM   798 C CB  . PRO A 1 108 ? 24.150  26.169  -4.171  1.00 24.25 ? 367  PRO A CB  1 
ATOM   799 C CG  . PRO A 1 108 ? 22.721  25.929  -4.475  1.00 24.02 ? 367  PRO A CG  1 
ATOM   800 C CD  . PRO A 1 108 ? 22.241  24.806  -3.615  1.00 18.81 ? 367  PRO A CD  1 
ATOM   801 O OXT . PRO A 1 108 ? 23.461  27.388  -1.296  1.00 28.95 ? 367  PRO A OXT 1 
HETATM 802 P P   . PO4 B 2 .   ? -1.668  12.999  -0.138  1.00 20.91 ? 2001 PO4 A P   1 
HETATM 803 O O1  . PO4 B 2 .   ? -1.977  14.252  -0.961  1.00 25.51 ? 2001 PO4 A O1  1 
HETATM 804 O O2  . PO4 B 2 .   ? -2.888  12.191  0.107   1.00 17.19 ? 2001 PO4 A O2  1 
HETATM 805 O O3  . PO4 B 2 .   ? -0.584  12.188  -0.853  1.00 28.11 ? 2001 PO4 A O3  1 
HETATM 806 O O4  . PO4 B 2 .   ? -1.013  13.401  1.170   1.00 27.20 ? 2001 PO4 A O4  1 
HETATM 807 C C1  . EDO C 3 .   ? 0.936   -17.591 -0.970  1.00 23.99 ? 2002 EDO A C1  1 
HETATM 808 O O1  . EDO C 3 .   ? 1.655   -16.562 -1.642  1.00 19.89 ? 2002 EDO A O1  1 
HETATM 809 C C2  . EDO C 3 .   ? -0.568  -17.498 -1.004  1.00 21.53 ? 2002 EDO A C2  1 
HETATM 810 O O2  . EDO C 3 .   ? -1.139  -16.534 -1.874  1.00 16.78 ? 2002 EDO A O2  1 
HETATM 811 C C1  . EDO D 3 .   ? -4.451  10.166  -8.360  1.00 29.86 ? 2003 EDO A C1  1 
HETATM 812 O O1  . EDO D 3 .   ? -5.330  9.608   -9.363  1.00 25.48 ? 2003 EDO A O1  1 
HETATM 813 C C2  . EDO D 3 .   ? -3.059  10.346  -8.946  1.00 29.29 ? 2003 EDO A C2  1 
HETATM 814 O O2  . EDO D 3 .   ? -2.397  9.092   -9.160  1.00 26.98 ? 2003 EDO A O2  1 
HETATM 815 O O   . HOH E 4 .   ? -6.004  5.012   -3.878  1.00 11.57 ? 1001 HOH A O   1 
HETATM 816 O O   . HOH E 4 .   ? 7.060   4.307   -6.653  1.00 14.39 ? 1002 HOH A O   1 
HETATM 817 O O   . HOH E 4 .   ? -8.322  -8.162  12.663  1.00 13.92 ? 1003 HOH A O   1 
HETATM 818 O O   . HOH E 4 .   ? 8.722   -2.018  -2.271  1.00 11.21 ? 1004 HOH A O   1 
HETATM 819 O O   . HOH E 4 .   ? -8.149  -2.242  5.819   1.00 13.07 ? 1005 HOH A O   1 
HETATM 820 O O   . HOH E 4 .   ? -6.388  -6.558  11.667  1.00 12.11 ? 1006 HOH A O   1 
HETATM 821 O O   . HOH E 4 .   ? 5.466   4.449   -0.227  1.00 16.90 ? 1007 HOH A O   1 
HETATM 822 O O   . HOH E 4 .   ? 13.184  19.484  2.017   1.00 21.01 ? 1008 HOH A O   1 
HETATM 823 O O   . HOH E 4 .   ? 13.032  7.222   -4.664  1.00 17.68 ? 1009 HOH A O   1 
HETATM 824 O O   . HOH E 4 .   ? -9.082  -14.755 4.023   1.00 23.41 ? 1010 HOH A O   1 
HETATM 825 O O   . HOH E 4 .   ? -14.541 -3.229  7.559   1.00 20.66 ? 1011 HOH A O   1 
HETATM 826 O O   . HOH E 4 .   ? 1.933   10.523  -5.010  1.00 21.67 ? 1012 HOH A O   1 
HETATM 827 O O   . HOH E 4 .   ? 4.212   -4.728  10.416  1.00 21.60 ? 1013 HOH A O   1 
HETATM 828 O O   . HOH E 4 .   ? 0.838   4.584   -11.137 1.00 24.40 ? 1014 HOH A O   1 
HETATM 829 O O   . HOH E 4 .   ? 5.752   7.539   -5.812  1.00 22.98 ? 1015 HOH A O   1 
HETATM 830 O O   . HOH E 4 .   ? 7.862   3.342   1.648   1.00 20.61 ? 1016 HOH A O   1 
HETATM 831 O O   . HOH E 4 .   ? 1.960   12.358  1.364   1.00 32.52 ? 1017 HOH A O   1 
HETATM 832 O O   . HOH E 4 .   ? -4.345  -14.872 1.770   1.00 18.39 ? 1018 HOH A O   1 
HETATM 833 O O   . HOH E 4 .   ? -17.249 -11.076 13.179  1.00 30.34 ? 1019 HOH A O   1 
HETATM 834 O O   . HOH E 4 .   ? -12.153 -12.352 7.438   1.00 25.19 ? 1020 HOH A O   1 
HETATM 835 O O   . HOH E 4 .   ? -12.278 -12.034 10.449  1.00 21.26 ? 1021 HOH A O   1 
HETATM 836 O O   . HOH E 4 .   ? -8.101  -13.745 7.525   1.00 24.86 ? 1022 HOH A O   1 
HETATM 837 O O   . HOH E 4 .   ? -9.688  -12.989 6.077   1.00 23.75 ? 1023 HOH A O   1 
HETATM 838 O O   . HOH E 4 .   ? -13.063 2.729   -1.162  1.00 31.45 ? 1024 HOH A O   1 
HETATM 839 O O   . HOH E 4 .   ? -11.294 -17.151 0.153   1.00 35.55 ? 1025 HOH A O   1 
HETATM 840 O O   . HOH E 4 .   ? 8.151   10.147  -2.390  1.00 27.99 ? 1026 HOH A O   1 
HETATM 841 O O   . HOH E 4 .   ? 0.416   -8.832  -18.293 1.00 33.54 ? 1027 HOH A O   1 
HETATM 842 O O   . HOH E 4 .   ? 21.422  26.583  0.103   1.00 24.79 ? 1028 HOH A O   1 
HETATM 843 O O   . HOH E 4 .   ? 26.190  21.857  1.682   1.00 30.32 ? 1029 HOH A O   1 
HETATM 844 O O   . HOH E 4 .   ? -1.914  -1.714  -12.633 1.00 28.95 ? 1030 HOH A O   1 
HETATM 845 O O   . HOH E 4 .   ? 2.337   11.071  6.198   1.00 36.11 ? 1031 HOH A O   1 
HETATM 846 O O   . HOH E 4 .   ? -14.637 -3.402  12.284  1.00 38.12 ? 1032 HOH A O   1 
HETATM 847 O O   . HOH E 4 .   ? 8.247   16.260  1.623   1.00 32.73 ? 1033 HOH A O   1 
HETATM 848 O O   . HOH E 4 .   ? 1.668   -2.532  -12.603 1.00 33.11 ? 1034 HOH A O   1 
HETATM 849 O O   . HOH E 4 .   ? 13.737  -5.392  2.137   1.00 32.05 ? 1035 HOH A O   1 
HETATM 850 O O   . HOH E 4 .   ? -3.085  -14.931 5.038   1.00 26.32 ? 1036 HOH A O   1 
HETATM 851 O O   . HOH E 4 .   ? -12.450 -14.770 1.326   1.00 32.18 ? 1037 HOH A O   1 
HETATM 852 O O   . HOH E 4 .   ? -5.252  13.055  7.010   1.00 37.49 ? 1038 HOH A O   1 
HETATM 853 O O   . HOH E 4 .   ? 6.849   12.633  7.697   1.00 34.21 ? 1039 HOH A O   1 
HETATM 854 O O   . HOH E 4 .   ? 7.752   12.572  -0.331  1.00 25.86 ? 1040 HOH A O   1 
HETATM 855 O O   . HOH E 4 .   ? 23.509  29.674  0.362   1.00 33.48 ? 1041 HOH A O   1 
HETATM 856 O O   . HOH E 4 .   ? -1.199  9.415   11.966  1.00 34.73 ? 1042 HOH A O   1 
HETATM 857 O O   . HOH E 4 .   ? 3.843   12.995  7.080   1.00 49.01 ? 1043 HOH A O   1 
HETATM 858 O O   . HOH E 4 .   ? 15.131  -5.646  -7.429  1.00 37.91 ? 1044 HOH A O   1 
HETATM 859 O O   . HOH E 4 .   ? -6.341  -16.199 5.110   1.00 41.94 ? 1045 HOH A O   1 
HETATM 860 O O   . HOH E 4 .   ? 11.558  -0.564  -15.256 1.00 34.27 ? 1046 HOH A O   1 
HETATM 861 O O   . HOH E 4 .   ? -14.798 -4.449  9.622   1.00 34.39 ? 1047 HOH A O   1 
HETATM 862 O O   . HOH E 4 .   ? 11.887  7.756   -9.004  1.00 29.85 ? 1048 HOH A O   1 
HETATM 863 O O   . HOH E 4 .   ? -19.295 -11.668 10.780  1.00 40.89 ? 1049 HOH A O   1 
HETATM 864 O O   . HOH E 4 .   ? 14.349  -1.408  -8.243  1.00 26.60 ? 1050 HOH A O   1 
HETATM 865 O O   . HOH E 4 .   ? 1.168   8.657   12.257  1.00 33.94 ? 1051 HOH A O   1 
HETATM 866 O O   . HOH E 4 .   ? -16.514 -4.161  6.490   1.00 34.15 ? 1052 HOH A O   1 
HETATM 867 O O   . HOH E 4 .   ? -4.467  -1.002  -12.989 1.00 54.65 ? 1053 HOH A O   1 
HETATM 868 O O   . HOH E 4 .   ? -15.255 1.848   -7.853  1.00 32.98 ? 1054 HOH A O   1 
HETATM 869 O O   . HOH E 4 .   ? -14.927 -0.721  -6.732  1.00 35.82 ? 1055 HOH A O   1 
HETATM 870 O O   . HOH E 4 .   ? -10.401 -0.816  -10.605 1.00 50.58 ? 1056 HOH A O   1 
HETATM 871 O O   . HOH E 4 .   ? 11.625  18.979  -4.396  1.00 40.79 ? 1057 HOH A O   1 
HETATM 872 O O   . HOH E 4 .   ? -14.845 -13.185 1.552   1.00 56.38 ? 1058 HOH A O   1 
HETATM 873 O O   . HOH E 4 .   ? -17.344 -3.478  12.420  1.00 50.80 ? 1059 HOH A O   1 
HETATM 874 O O   . HOH E 4 .   ? 3.148   11.904  3.788   1.00 44.53 ? 1060 HOH A O   1 
HETATM 875 O O   . HOH E 4 .   ? -2.926  13.607  3.392   1.00 33.20 ? 1061 HOH A O   1 
HETATM 876 O O   . HOH E 4 .   ? -13.385 4.864   7.291   1.00 50.28 ? 1062 HOH A O   1 
HETATM 877 O O   . HOH E 4 .   ? 0.905   12.511  -3.259  1.00 36.44 ? 1063 HOH A O   1 
HETATM 878 O O   . HOH E 4 .   ? -9.340  3.115   -11.053 1.00 38.56 ? 1064 HOH A O   1 
HETATM 879 O O   . HOH E 4 .   ? -19.698 -9.241  9.816   1.00 35.86 ? 1065 HOH A O   1 
HETATM 880 O O   . HOH E 4 .   ? -13.015 0.609   -11.699 1.00 43.96 ? 1066 HOH A O   1 
HETATM 881 O O   . HOH E 4 .   ? 3.930   3.448   -13.520 1.00 36.51 ? 1067 HOH A O   1 
HETATM 882 O O   . HOH E 4 .   ? 12.917  -2.858  -9.305  1.00 44.41 ? 1068 HOH A O   1 
HETATM 883 O O   . HOH E 4 .   ? 5.394   14.240  0.450   1.00 51.54 ? 1069 HOH A O   1 
HETATM 884 O O   . HOH E 4 .   ? -11.588 -15.747 3.668   1.00 39.53 ? 1070 HOH A O   1 
HETATM 885 O O   . HOH E 4 .   ? -13.792 -13.987 6.201   1.00 44.84 ? 1071 HOH A O   1 
HETATM 886 O O   . HOH E 4 .   ? -13.485 -10.250 0.628   1.00 38.17 ? 1072 HOH A O   1 
HETATM 887 O O   . HOH E 4 .   ? 9.200   7.813   -9.286  1.00 29.00 ? 1073 HOH A O   1 
HETATM 888 O O   . HOH E 4 .   ? 8.407   6.838   -6.733  1.00 26.69 ? 1074 HOH A O   1 
HETATM 889 O O   . HOH E 4 .   ? 10.496  10.953  -4.342  1.00 39.23 ? 1075 HOH A O   1 
HETATM 890 O O   . HOH E 4 .   ? 0.210   6.827   -12.394 1.00 35.24 ? 1076 HOH A O   1 
HETATM 891 O O   . HOH E 4 .   ? -2.431  8.341   -11.649 1.00 41.60 ? 1077 HOH A O   1 
HETATM 892 O O   . HOH E 4 .   ? 1.505   10.605  10.214  1.00 41.86 ? 1078 HOH A O   1 
HETATM 893 O O   . HOH E 4 .   ? 14.863  -6.341  -4.373  1.00 37.44 ? 1079 HOH A O   1 
HETATM 894 O O   . HOH E 4 .   ? -18.329 -7.641  4.403   1.00 38.73 ? 1080 HOH A O   1 
HETATM 895 O O   . HOH E 4 .   ? -15.436 -1.017  7.698   1.00 45.91 ? 1081 HOH A O   1 
HETATM 896 O O   . HOH E 4 .   ? 1.134   1.000   -13.298 1.00 38.81 ? 1082 HOH A O   1 
HETATM 897 O O   . HOH E 4 .   ? -13.561 -8.489  -3.238  1.00 48.86 ? 1083 HOH A O   1 
HETATM 898 O O   . HOH E 4 .   ? 2.968   3.801   14.962  1.00 40.57 ? 1085 HOH A O   1 
HETATM 899 O O   . HOH E 4 .   ? 7.774   -6.571  9.673   1.00 31.02 ? 1086 HOH A O   1 
HETATM 900 O O   . HOH E 4 .   ? -11.887 -3.217  9.370   1.00 33.38 ? 1087 HOH A O   1 
HETATM 901 O O   . HOH E 4 .   ? 11.382  -5.578  4.679   1.00 34.99 ? 1088 HOH A O   1 
# 
loop_
_atom_site_anisotrop.id 
_atom_site_anisotrop.type_symbol 
_atom_site_anisotrop.pdbx_label_atom_id 
_atom_site_anisotrop.pdbx_label_alt_id 
_atom_site_anisotrop.pdbx_label_comp_id 
_atom_site_anisotrop.pdbx_label_asym_id 
_atom_site_anisotrop.pdbx_label_seq_id 
_atom_site_anisotrop.pdbx_PDB_ins_code 
_atom_site_anisotrop.U[1][1] 
_atom_site_anisotrop.U[2][2] 
_atom_site_anisotrop.U[3][3] 
_atom_site_anisotrop.U[1][2] 
_atom_site_anisotrop.U[1][3] 
_atom_site_anisotrop.U[2][3] 
_atom_site_anisotrop.pdbx_auth_seq_id 
_atom_site_anisotrop.pdbx_auth_comp_id 
_atom_site_anisotrop.pdbx_auth_asym_id 
_atom_site_anisotrop.pdbx_auth_atom_id 
1   N N   . MET A 4   ? 0.4808 0.5162 0.4313 -0.0126 0.0668  0.0417  263  MET A N   
2   C CA  . MET A 4   ? 0.4337 0.4080 0.3399 -0.0099 0.0255  0.0178  263  MET A CA  
3   C C   . MET A 4   ? 0.3594 0.4247 0.2537 -0.0158 -0.0124 0.0470  263  MET A C   
4   O O   . MET A 4   ? 0.4010 0.5370 0.2575 -0.0143 0.0230  0.0271  263  MET A O   
5   C CB  . MET A 4   ? 0.4390 0.3921 0.3846 -0.0102 0.0006  0.0245  263  MET A CB  
6   C CG  . MET A 4   ? 0.4856 0.4225 0.4237 -0.0137 0.0107  0.0353  263  MET A CG  
7   S SD  . MET A 4   ? 0.4938 0.4323 0.5391 0.0324  0.0042  -0.0040 263  MET A SD  
8   C CE  . MET A 4   ? 0.4743 0.4932 0.4794 -0.0098 -0.0248 -0.0190 263  MET A CE  
9   N N   . ASN A 5   ? 0.3359 0.3464 0.1364 -0.0026 -0.0349 -0.0420 264  ASN A N   
10  C CA  . ASN A 5   ? 0.3080 0.2603 0.1634 0.0165  -0.0431 -0.0440 264  ASN A CA  
11  C C   . ASN A 5   ? 0.2684 0.2331 0.1267 0.0159  -0.0030 -0.0263 264  ASN A C   
12  O O   . ASN A 5   ? 0.3235 0.2026 0.1683 0.0333  -0.0698 -0.0147 264  ASN A O   
13  C CB  . ASN A 5   ? 0.3676 0.2772 0.2153 -0.0523 -0.0210 -0.1103 264  ASN A CB  
14  C CG  . ASN A 5   ? 0.4243 0.3770 0.3423 -0.0463 -0.0355 -0.0368 264  ASN A CG  
15  O OD1 . ASN A 5   ? 0.5504 0.4664 0.4945 -0.0081 -0.0615 -0.0062 264  ASN A OD1 
16  N ND2 . ASN A 5   ? 0.4913 0.4982 0.4302 0.0132  -0.0256 -0.0669 264  ASN A ND2 
17  N N   . ILE A 6   ? 0.2143 0.1784 0.1381 -0.0225 0.0218  -0.0143 265  ILE A N   
18  C CA  . ILE A 6   ? 0.1870 0.1730 0.1231 -0.0278 -0.0063 0.0031  265  ILE A CA  
19  C C   . ILE A 6   ? 0.1848 0.1575 0.1291 -0.0261 -0.0020 0.0023  265  ILE A C   
20  O O   . ILE A 6   ? 0.2270 0.1602 0.1748 -0.0302 0.0021  0.0213  265  ILE A O   
21  C CB  . ILE A 6   ? 0.2020 0.2033 0.1270 -0.0141 -0.0185 -0.0104 265  ILE A CB  
22  C CG1 . ILE A 6   ? 0.2671 0.3669 0.1901 -0.0437 0.0273  -0.0647 265  ILE A CG1 
23  C CG2 . ILE A 6   ? 0.2281 0.2138 0.1013 -0.0703 -0.0285 0.0432  265  ILE A CG2 
24  C CD1 . ILE A 6   ? 0.3013 0.3972 0.2885 -0.0372 0.0042  -0.0154 265  ILE A CD1 
25  N N   . ILE A 7   ? 0.1732 0.1723 0.1004 -0.0345 -0.0044 0.0118  266  ILE A N   
26  C CA  . ILE A 7   ? 0.1507 0.1736 0.1079 -0.0240 -0.0062 0.0188  266  ILE A CA  
27  C C   . ILE A 7   ? 0.1528 0.1692 0.0757 -0.0500 -0.0163 0.0284  266  ILE A C   
28  O O   . ILE A 7   ? 0.1470 0.1728 0.1099 -0.0346 -0.0111 0.0388  266  ILE A O   
29  C CB  . ILE A 7   ? 0.1548 0.1832 0.1355 -0.0245 -0.0123 0.0399  266  ILE A CB  
30  C CG1 . ILE A 7   ? 0.1496 0.2207 0.1206 -0.0290 0.0047  0.0160  266  ILE A CG1 
31  C CG2 . ILE A 7   ? 0.2251 0.1944 0.1809 -0.0358 -0.0179 -0.0277 266  ILE A CG2 
32  C CD1 . ILE A 7   ? 0.1089 0.2738 0.1545 -0.0526 -0.0040 0.0173  266  ILE A CD1 
33  N N   . THR A 8   ? 0.1563 0.1456 0.1148 -0.0275 -0.0180 0.0319  267  THR A N   
34  C CA  . THR A 8   ? 0.1313 0.1441 0.1085 -0.0118 0.0106  0.0219  267  THR A CA  
35  C C   . THR A 8   ? 0.1182 0.1734 0.1454 -0.0271 -0.0052 0.0247  267  THR A C   
36  O O   . THR A 8   ? 0.1735 0.1670 0.1891 -0.0516 0.0156  0.0347  267  THR A O   
37  C CB  . THR A 8   ? 0.1342 0.1389 0.1457 -0.0161 -0.0245 0.0219  267  THR A CB  
38  O OG1 . THR A 8   ? 0.1235 0.1913 0.1316 -0.0246 -0.0184 0.0197  267  THR A OG1 
39  C CG2 . THR A 8   ? 0.2168 0.1755 0.1292 -0.0350 -0.0010 -0.0101 267  THR A CG2 
40  N N   . VAL A 9   ? 0.1278 0.1917 0.1251 -0.0448 -0.0091 0.0341  268  VAL A N   
41  C CA  A VAL A 9   ? 0.1297 0.1772 0.1490 -0.0162 -0.0188 -0.0033 268  VAL A CA  
42  C CA  B VAL A 9   ? 0.1370 0.1638 0.1365 -0.0111 -0.0154 0.0018  268  VAL A CA  
43  C C   . VAL A 9   ? 0.1144 0.1690 0.1339 -0.0423 -0.0100 0.0130  268  VAL A C   
44  O O   . VAL A 9   ? 0.1132 0.2172 0.0963 -0.0699 -0.0172 0.0143  268  VAL A O   
45  C CB  A VAL A 9   ? 0.2063 0.2201 0.1856 -0.0094 -0.0301 -0.0047 268  VAL A CB  
46  C CB  B VAL A 9   ? 0.1467 0.1223 0.1564 -0.0237 -0.0206 -0.0196 268  VAL A CB  
47  C CG1 A VAL A 9   ? 0.2184 0.1950 0.1197 -0.0078 -0.0430 0.0005  268  VAL A CG1 
48  C CG1 B VAL A 9   ? 0.1529 0.1492 0.1747 -0.0071 -0.0089 -0.0300 268  VAL A CG1 
49  C CG2 A VAL A 9   ? 0.2493 0.1905 0.1433 0.0090  -0.0211 0.0214  268  VAL A CG2 
50  C CG2 B VAL A 9   ? 0.1968 0.1443 0.1317 -0.0080 0.0083  0.0213  268  VAL A CG2 
51  N N   . THR A 10  ? 0.1303 0.2148 0.1400 -0.0582 -0.0213 0.0310  269  THR A N   
52  C CA  . THR A 10  ? 0.1714 0.1889 0.1170 -0.0386 -0.0105 0.0318  269  THR A CA  
53  C C   . THR A 10  ? 0.1947 0.2088 0.0780 -0.0492 -0.0058 0.0399  269  THR A C   
54  O O   . THR A 10  ? 0.1831 0.2467 0.1596 -0.0783 0.0043  0.0249  269  THR A O   
55  C CB  . THR A 10  ? 0.1473 0.2170 0.1369 -0.0747 -0.0213 0.0358  269  THR A CB  
56  O OG1 . THR A 10  ? 0.2221 0.2634 0.2039 0.0046  -0.0275 0.0420  269  THR A OG1 
57  C CG2 . THR A 10  ? 0.2062 0.2898 0.0947 -0.0681 -0.0316 0.0583  269  THR A CG2 
58  N N   . LEU A 11  ? 0.1159 0.1999 0.1446 -0.0679 -0.0024 0.0340  270  LEU A N   
59  C CA  . LEU A 11  ? 0.1211 0.2233 0.1339 -0.0648 -0.0022 0.0077  270  LEU A CA  
60  C C   . LEU A 11  ? 0.0908 0.3179 0.1211 -0.0533 -0.0237 -0.0295 270  LEU A C   
61  O O   . LEU A 11  ? 0.1369 0.5295 0.1362 -0.0522 -0.0138 -0.0127 270  LEU A O   
62  C CB  . LEU A 11  ? 0.1193 0.2224 0.2093 -0.0018 0.0021  0.0152  270  LEU A CB  
63  C CG  . LEU A 11  ? 0.2169 0.2271 0.2119 0.0022  -0.0112 0.0482  270  LEU A CG  
64  C CD1 . LEU A 11  ? 0.2962 0.2644 0.2528 -0.0417 0.0028  0.0605  270  LEU A CD1 
65  C CD2 . LEU A 11  ? 0.2443 0.3476 0.1942 0.0182  0.0060  0.0514  270  LEU A CD2 
66  N N   . ASN A 12  ? 0.1225 0.2732 0.1224 -0.0685 0.0019  0.0308  271  ASN A N   
67  C CA  . ASN A 12  ? 0.1266 0.2915 0.1074 -0.0690 0.0101  0.0362  271  ASN A CA  
68  C C   . ASN A 12  ? 0.1686 0.3060 0.1558 -0.0903 0.0078  -0.0250 271  ASN A C   
69  O O   . ASN A 12  ? 0.1731 0.2983 0.1531 -0.0916 -0.0009 -0.0227 271  ASN A O   
70  C CB  . ASN A 12  ? 0.1534 0.2572 0.1142 -0.0601 -0.0036 0.0115  271  ASN A CB  
71  C CG  . ASN A 12  ? 0.1827 0.2975 0.1149 -0.0575 0.0104  0.0191  271  ASN A CG  
72  O OD1 . ASN A 12  ? 0.1687 0.3744 0.1401 -0.0603 0.0144  0.0164  271  ASN A OD1 
73  N ND2 . ASN A 12  ? 0.1880 0.2930 0.2294 -0.0456 0.0246  0.0404  271  ASN A ND2 
74  N N   . MET A 13  ? 0.1334 0.3600 0.2374 -0.1207 -0.0263 -0.0813 272  MET A N   
75  C CA  . MET A 13  ? 0.1855 0.3493 0.2613 -0.0942 0.0136  -0.0481 272  MET A CA  
76  C C   . MET A 13  ? 0.2300 0.3775 0.2852 -0.0891 0.0066  -0.0285 272  MET A C   
77  O O   . MET A 13  ? 0.2747 0.3873 0.2829 -0.1050 0.0351  -0.0839 272  MET A O   
78  C CB  . MET A 13  ? 0.2151 0.3760 0.2786 -0.1129 -0.0132 -0.0504 272  MET A CB  
79  C CG  . MET A 13  ? 0.2619 0.4126 0.2445 -0.0670 -0.0328 -0.0117 272  MET A CG  
80  S SD  . MET A 13  ? 0.3558 0.4651 0.2463 -0.0443 -0.0161 -0.0276 272  MET A SD  
81  C CE  . MET A 13  ? 0.1137 0.2068 0.1084 -0.0819 -0.0543 0.0055  272  MET A CE  
82  N N   . GLU A 14  ? 0.2209 0.4268 0.1887 -0.0622 -0.0334 -0.0239 273  GLU A N   
83  C CA  . GLU A 14  ? 0.2889 0.4235 0.2804 -0.0620 0.0231  -0.0435 273  GLU A CA  
84  C C   . GLU A 14  ? 0.2857 0.3732 0.2858 -0.0883 0.0444  -0.0668 273  GLU A C   
85  O O   . GLU A 14  ? 0.3458 0.3859 0.2870 -0.1000 0.0339  -0.1004 273  GLU A O   
86  C CB  . GLU A 14  ? 0.3686 0.4555 0.3658 -0.0324 0.0232  -0.0168 273  GLU A CB  
87  C CG  . GLU A 14  ? 0.4814 0.5475 0.5000 -0.0098 -0.0063 0.0021  273  GLU A CG  
88  C CD  . GLU A 14  ? 0.5166 0.5533 0.5318 -0.0027 0.0057  0.0228  273  GLU A CD  
89  O OE1 . GLU A 14  ? 0.6243 0.6739 0.5955 -0.0327 0.0464  0.0270  273  GLU A OE1 
90  O OE2 . GLU A 14  ? 0.5828 0.6274 0.6427 -0.0092 0.0493  -0.0133 273  GLU A OE2 
91  N N   . LYS A 15  ? 0.2531 0.3122 0.1700 -0.0786 0.0446  -0.0226 274  LYS A N   
92  C CA  . LYS A 15  ? 0.2259 0.3044 0.1476 -0.0382 0.0795  -0.0082 274  LYS A CA  
93  C C   . LYS A 15  ? 0.2271 0.2861 0.2003 -0.0541 0.0500  0.0063  274  LYS A C   
94  O O   . LYS A 15  ? 0.2710 0.3111 0.2469 -0.0369 0.1553  0.0335  274  LYS A O   
95  C CB  . LYS A 15  ? 0.1749 0.3032 0.1239 -0.0309 0.0081  0.0083  274  LYS A CB  
96  C CG  . LYS A 15  ? 0.1766 0.2800 0.1700 -0.0401 0.0231  0.0096  274  LYS A CG  
97  C CD  . LYS A 15  ? 0.1957 0.2767 0.1642 -0.0341 -0.0307 0.0158  274  LYS A CD  
98  C CE  . LYS A 15  ? 0.1951 0.3111 0.2282 -0.0271 -0.0447 -0.0009 274  LYS A CE  
99  N NZ  . LYS A 15  ? 0.3188 0.3179 0.2454 -0.0809 -0.0685 -0.0497 274  LYS A NZ  
100 N N   . TYR A 16  ? 0.2308 0.3120 0.1716 -0.0622 0.1264  -0.0024 275  TYR A N   
101 C CA  . TYR A 16  ? 0.2916 0.2714 0.2116 -0.0599 0.0440  0.0142  275  TYR A CA  
102 C C   . TYR A 16  ? 0.3000 0.3233 0.2624 -0.0659 0.0806  -0.0033 275  TYR A C   
103 O O   . TYR A 16  ? 0.3295 0.3209 0.4039 -0.0728 0.0800  0.0558  275  TYR A O   
104 C CB  . TYR A 16  ? 0.2259 0.2974 0.1657 -0.0549 0.0581  0.0255  275  TYR A CB  
105 C CG  . TYR A 16  ? 0.1856 0.2931 0.1667 -0.0464 0.0202  0.0387  275  TYR A CG  
106 C CD1 . TYR A 16  ? 0.1852 0.2743 0.1632 -0.0279 0.0280  0.0363  275  TYR A CD1 
107 C CD2 . TYR A 16  ? 0.2031 0.3067 0.1524 0.0120  0.0169  0.0339  275  TYR A CD2 
108 C CE1 . TYR A 16  ? 0.1687 0.2896 0.1564 -0.0469 -0.0315 0.0269  275  TYR A CE1 
109 C CE2 . TYR A 16  ? 0.1823 0.2965 0.1402 -0.0086 0.0186  0.0308  275  TYR A CE2 
110 C CZ  . TYR A 16  ? 0.1928 0.2853 0.1809 -0.0434 -0.0012 0.0165  275  TYR A CZ  
111 O OH  . TYR A 16  ? 0.1904 0.3407 0.2293 -0.0853 -0.0724 0.0371  275  TYR A OH  
112 N N   . ASN A 17  ? 0.3161 0.3683 0.1486 -0.0721 0.0914  0.0115  276  ASN A N   
113 C CA  . ASN A 17  ? 0.3703 0.3060 0.2220 -0.0557 0.0574  -0.0055 276  ASN A CA  
114 C C   . ASN A 17  ? 0.3317 0.2769 0.2061 -0.1100 -0.0010 -0.0335 276  ASN A C   
115 O O   . ASN A 17  ? 0.4527 0.3862 0.2504 -0.1626 0.0171  -0.1013 276  ASN A O   
116 C CB  . ASN A 17  ? 0.4040 0.3592 0.3604 -0.0580 0.0577  0.0244  276  ASN A CB  
117 C CG  . ASN A 17  ? 0.4396 0.4419 0.3586 -0.0291 0.0604  0.0153  276  ASN A CG  
118 O OD1 . ASN A 17  ? 0.5523 0.4916 0.3822 0.0054  0.0391  -0.0014 276  ASN A OD1 
119 N ND2 . ASN A 17  ? 0.4772 0.4959 0.4442 -0.0383 0.0480  0.0149  276  ASN A ND2 
120 N N   . PHE A 18  ? 0.2711 0.2525 0.1167 -0.0421 0.0358  -0.0433 277  PHE A N   
121 C CA  . PHE A 18  ? 0.1951 0.2218 0.1705 -0.0515 0.0172  -0.0364 277  PHE A CA  
122 C C   . PHE A 18  ? 0.1979 0.2012 0.1055 -0.0400 0.0309  -0.0172 277  PHE A C   
123 O O   . PHE A 18  ? 0.1774 0.1977 0.1277 -0.0827 0.0165  -0.0175 277  PHE A O   
124 C CB  . PHE A 18  ? 0.2129 0.2075 0.1882 -0.0509 0.0404  -0.0242 277  PHE A CB  
125 C CG  . PHE A 18  ? 0.1967 0.2260 0.1471 -0.0181 0.0487  -0.0295 277  PHE A CG  
126 C CD1 . PHE A 18  ? 0.2234 0.2653 0.1741 -0.0551 0.0617  -0.0129 277  PHE A CD1 
127 C CD2 . PHE A 18  ? 0.2152 0.2449 0.1713 -0.0163 0.0372  -0.0163 277  PHE A CD2 
128 C CE1 . PHE A 18  ? 0.2023 0.2658 0.2364 -0.0429 0.0613  -0.0044 277  PHE A CE1 
129 C CE2 . PHE A 18  ? 0.2268 0.2519 0.2005 0.0122  0.0308  -0.0200 277  PHE A CE2 
130 C CZ  . PHE A 18  ? 0.2207 0.2280 0.2388 -0.0275 -0.0009 -0.0359 277  PHE A CZ  
131 N N   . LEU A 19  ? 0.1421 0.2053 0.1051 -0.0696 -0.0026 -0.0063 278  LEU A N   
132 C CA  . LEU A 19  ? 0.1369 0.2075 0.1565 -0.0460 0.0283  0.0192  278  LEU A CA  
133 C C   . LEU A 19  ? 0.1250 0.1785 0.1365 -0.0678 0.0334  0.0055  278  LEU A C   
134 O O   . LEU A 19  ? 0.1564 0.1895 0.1233 -0.0725 0.0178  -0.0046 278  LEU A O   
135 C CB  . LEU A 19  ? 0.1740 0.2329 0.2519 -0.0582 0.0415  -0.0020 278  LEU A CB  
136 C CG  . LEU A 19  ? 0.2429 0.3169 0.1518 -0.0766 0.0150  -0.0184 278  LEU A CG  
137 C CD1 . LEU A 19  ? 0.2204 0.3152 0.2590 -0.0268 0.0252  0.0634  278  LEU A CD1 
138 C CD2 . LEU A 19  ? 0.1390 0.3672 0.3023 -0.0596 0.0594  -0.0028 278  LEU A CD2 
139 N N   . GLY A 20  ? 0.1211 0.1578 0.1038 -0.0530 0.0182  0.0104  279  GLY A N   
140 C CA  . GLY A 20  ? 0.1227 0.1806 0.1089 -0.0570 0.0252  0.0107  279  GLY A CA  
141 C C   . GLY A 20  ? 0.1318 0.1856 0.1038 -0.0768 0.0135  0.0266  279  GLY A C   
142 O O   . GLY A 20  ? 0.1178 0.2293 0.1267 -0.1018 0.0009  0.0001  279  GLY A O   
143 N N   . ILE A 21  ? 0.1245 0.2007 0.0614 -0.0881 0.0091  0.0115  280  ILE A N   
144 C CA  . ILE A 21  ? 0.1287 0.1856 0.0821 -0.0855 0.0003  -0.0111 280  ILE A CA  
145 C C   . ILE A 21  ? 0.1116 0.1561 0.0864 -0.0801 0.0083  -0.0136 280  ILE A C   
146 O O   . ILE A 21  ? 0.1398 0.1800 0.0776 -0.0822 -0.0056 -0.0070 280  ILE A O   
147 C CB  . ILE A 21  ? 0.1184 0.2015 0.0754 -0.0691 0.0120  0.0081  280  ILE A CB  
148 C CG1 . ILE A 21  ? 0.1251 0.2153 0.1009 -0.0883 0.0074  -0.0156 280  ILE A CG1 
149 C CG2 . ILE A 21  ? 0.1767 0.1747 0.1426 -0.1199 0.0058  0.0131  280  ILE A CG2 
150 C CD1 . ILE A 21  ? 0.1481 0.2181 0.1312 -0.0488 0.0038  -0.0170 280  ILE A CD1 
151 N N   . SER A 22  ? 0.1088 0.1804 0.0748 -0.0750 -0.0056 -0.0061 281  SER A N   
152 C CA  . SER A 22  ? 0.0863 0.1688 0.0940 -0.0624 -0.0006 -0.0072 281  SER A CA  
153 C C   . SER A 22  ? 0.1216 0.1406 0.0805 -0.0650 0.0094  0.0301  281  SER A C   
154 O O   . SER A 22  ? 0.1174 0.1601 0.0934 -0.0632 0.0066  0.0105  281  SER A O   
155 C CB  . SER A 22  ? 0.0837 0.1577 0.1233 -0.0517 -0.0072 0.0080  281  SER A CB  
156 O OG  . SER A 22  ? 0.1353 0.1863 0.1071 -0.0821 -0.0324 0.0019  281  SER A OG  
157 N N   . ILE A 23  ? 0.1295 0.1430 0.0802 -0.0646 0.0228  0.0173  282  ILE A N   
158 C CA  . ILE A 23  ? 0.1015 0.1473 0.0645 -0.0616 0.0230  0.0091  282  ILE A CA  
159 C C   . ILE A 23  ? 0.0894 0.1243 0.1018 -0.0360 0.0128  -0.0065 282  ILE A C   
160 O O   . ILE A 23  ? 0.1451 0.1532 0.0794 -0.0361 0.0309  -0.0018 282  ILE A O   
161 C CB  . ILE A 23  ? 0.1326 0.1591 0.0744 -0.0431 -0.0351 0.0003  282  ILE A CB  
162 C CG1 . ILE A 23  ? 0.1063 0.1836 0.0853 -0.0373 -0.0009 -0.0027 282  ILE A CG1 
163 C CG2 . ILE A 23  ? 0.1614 0.2049 0.1044 -0.0275 -0.0135 0.0562  282  ILE A CG2 
164 C CD1 . ILE A 23  ? 0.1218 0.2438 0.1274 -0.0061 -0.0375 -0.0465 282  ILE A CD1 
165 N N   . VAL A 24  ? 0.1078 0.1433 0.0836 -0.0315 0.0254  0.0005  283  VAL A N   
166 C CA  . VAL A 24  ? 0.1226 0.1355 0.0782 -0.0504 0.0315  0.0113  283  VAL A CA  
167 C C   . VAL A 24  ? 0.1156 0.1313 0.0713 -0.0475 0.0114  0.0207  283  VAL A C   
168 O O   . VAL A 24  ? 0.0985 0.1582 0.0802 -0.0471 0.0054  0.0255  283  VAL A O   
169 C CB  . VAL A 24  ? 0.1016 0.1849 0.0754 -0.0459 0.0039  0.0429  283  VAL A CB  
170 C CG1 . VAL A 24  ? 0.1214 0.2084 0.1531 -0.0229 0.0080  0.0075  283  VAL A CG1 
171 C CG2 . VAL A 24  ? 0.1390 0.1803 0.1068 -0.0411 0.0123  -0.0210 283  VAL A CG2 
172 N N   . GLY A 25  ? 0.1117 0.1513 0.0860 -0.0714 0.0022  0.0189  284  GLY A N   
173 C CA  . GLY A 25  ? 0.1010 0.1901 0.0786 -0.0561 0.0177  0.0260  284  GLY A CA  
174 C C   . GLY A 25  ? 0.0896 0.1746 0.0950 -0.0293 0.0055  0.0197  284  GLY A C   
175 O O   . GLY A 25  ? 0.0917 0.2287 0.1350 -0.0609 0.0154  -0.0189 284  GLY A O   
176 N N   . GLN A 26  ? 0.0948 0.1958 0.0974 -0.0395 -0.0006 -0.0166 285  GLN A N   
177 C CA  . GLN A 26  ? 0.1093 0.2360 0.1095 -0.0518 -0.0078 0.0006  285  GLN A CA  
178 C C   . GLN A 26  ? 0.0877 0.2237 0.0924 -0.0379 0.0015  0.0252  285  GLN A C   
179 O O   . GLN A 26  ? 0.1218 0.2261 0.0662 -0.0348 0.0087  0.0154  285  GLN A O   
180 C CB  . GLN A 26  ? 0.1654 0.2240 0.1759 -0.0501 -0.0337 -0.0258 285  GLN A CB  
181 C CG  . GLN A 26  ? 0.1026 0.2272 0.1513 -0.1017 -0.0111 0.0332  285  GLN A CG  
182 C CD  . GLN A 26  ? 0.1372 0.2250 0.2394 -0.1156 -0.0105 0.0212  285  GLN A CD  
183 O OE1 . GLN A 26  ? 0.2449 0.2497 0.2440 -0.0380 0.0309  0.0042  285  GLN A OE1 
184 N NE2 . GLN A 26  ? 0.1428 0.2746 0.2430 -0.0975 -0.0091 0.0139  285  GLN A NE2 
185 N N   . SER A 27  ? 0.1156 0.2778 0.0629 -0.0439 -0.0094 0.0211  286  SER A N   
186 C CA  . SER A 27  ? 0.1147 0.2804 0.1411 -0.0132 -0.0101 0.0424  286  SER A CA  
187 C C   . SER A 27  ? 0.1469 0.3219 0.1113 -0.0411 -0.0036 0.0554  286  SER A C   
188 O O   . SER A 27  ? 0.1685 0.3404 0.1965 -0.0084 -0.0300 0.0505  286  SER A O   
189 C CB  . SER A 27  ? 0.1995 0.2960 0.1107 -0.0405 -0.0455 0.0526  286  SER A CB  
190 O OG  . SER A 27  ? 0.1970 0.3559 0.0912 -0.0140 -0.0069 0.0186  286  SER A OG  
191 N N   . ASN A 28  ? 0.1279 0.3571 0.1177 -0.0311 -0.0142 -0.0297 287  ASN A N   
192 C CA  . ASN A 28  ? 0.1563 0.3917 0.1351 -0.0513 -0.0205 -0.0135 287  ASN A CA  
193 C C   . ASN A 28  ? 0.0949 0.4139 0.1159 -0.0439 -0.0520 0.0112  287  ASN A C   
194 O O   . ASN A 28  ? 0.2296 0.5795 0.2098 -0.0151 -0.0032 0.0198  287  ASN A O   
195 C CB  . ASN A 28  ? 0.1307 0.3694 0.1960 -0.1150 -0.0356 -0.0344 287  ASN A CB  
196 C CG  . ASN A 28  ? 0.1937 0.3416 0.1702 -0.0874 -0.0258 -0.0552 287  ASN A CG  
197 O OD1 . ASN A 28  ? 0.1520 0.4225 0.1875 -0.0776 0.0059  -0.0475 287  ASN A OD1 
198 N ND2 . ASN A 28  ? 0.3045 0.3997 0.2767 -0.1394 -0.0083 -0.0822 287  ASN A ND2 
199 N N   . GLU A 29  ? 0.1265 0.3648 0.1312 -0.0436 -0.0113 -0.0210 288  GLU A N   
200 C CA  . GLU A 29  ? 0.1148 0.3852 0.1556 -0.0654 -0.0193 -0.0224 288  GLU A CA  
201 C C   . GLU A 29  ? 0.1468 0.4219 0.1787 -0.0628 -0.0058 -0.0257 288  GLU A C   
202 O O   . GLU A 29  ? 0.1509 0.3568 0.1123 -0.0200 -0.0136 -0.0167 288  GLU A O   
203 C CB  . GLU A 29  ? 0.2286 0.3488 0.2549 -0.0494 0.0356  -0.0156 288  GLU A CB  
204 C CG  . GLU A 29  ? 0.2866 0.3712 0.3103 -0.0392 0.0066  0.0109  288  GLU A CG  
205 C CD  . GLU A 29  ? 0.3432 0.3680 0.3203 -0.0685 -0.0486 0.0062  288  GLU A CD  
206 O OE1 . GLU A 29  ? 0.3316 0.4052 0.2967 -0.1474 -0.0348 0.0723  288  GLU A OE1 
207 O OE2 . GLU A 29  ? 0.5380 0.4587 0.4010 -0.0296 -0.0644 -0.0541 288  GLU A OE2 
208 N N   . ARG A 30  ? 0.1399 0.4401 0.1384 -0.0348 -0.0210 -0.0271 289  ARG A N   
209 C CA  . ARG A 30  ? 0.1787 0.3684 0.1565 -0.0459 -0.0473 -0.0091 289  ARG A CA  
210 C C   . ARG A 30  ? 0.1393 0.3194 0.1366 -0.0303 0.0080  0.0014  289  ARG A C   
211 O O   . ARG A 30  ? 0.1810 0.3635 0.1689 -0.0535 0.0182  -0.0105 289  ARG A O   
212 C CB  . ARG A 30  ? 0.2297 0.4175 0.2991 -0.0277 -0.0009 -0.0010 289  ARG A CB  
213 C CG  . ARG A 30  ? 0.2877 0.4438 0.3166 -0.0182 0.0031  -0.0027 289  ARG A CG  
214 C CD  . ARG A 30  ? 0.4085 0.5279 0.4759 0.0026  0.0317  -0.0092 289  ARG A CD  
215 N NE  . ARG A 30  ? 0.5282 0.5495 0.5244 0.0129  0.0143  -0.0277 289  ARG A NE  
216 C CZ  . ARG A 30  ? 0.6510 0.6102 0.6133 0.0190  0.0050  -0.0030 289  ARG A CZ  
217 N NH1 . ARG A 30  ? 0.6807 0.6766 0.6364 0.0114  0.0235  0.0051  289  ARG A NH1 
218 N NH2 . ARG A 30  ? 0.6421 0.6156 0.6120 0.0207  0.0068  -0.0197 289  ARG A NH2 
219 N N   . GLY A 31  ? 0.1137 0.2927 0.1417 -0.0162 0.0053  -0.0194 290  GLY A N   
220 C CA  . GLY A 31  ? 0.1093 0.2934 0.1027 -0.0449 -0.0319 -0.0127 290  GLY A CA  
221 C C   . GLY A 31  ? 0.1187 0.2669 0.0944 -0.0585 0.0311  0.0043  290  GLY A C   
222 O O   . GLY A 31  ? 0.1344 0.2797 0.0882 -0.0634 -0.0134 0.0135  290  GLY A O   
223 N N   . ASP A 32  ? 0.1086 0.2200 0.0751 -0.0378 0.0034  0.0182  291  ASP A N   
224 C CA  . ASP A 32  ? 0.0950 0.1976 0.0960 -0.0397 0.0159  0.0250  291  ASP A CA  
225 C C   . ASP A 32  ? 0.1278 0.2159 0.1021 -0.0055 0.0066  0.0050  291  ASP A C   
226 O O   . ASP A 32  ? 0.1280 0.2472 0.1281 -0.0427 0.0078  0.0072  291  ASP A O   
227 C CB  . ASP A 32  ? 0.1163 0.2517 0.0760 -0.0366 0.0200  0.0063  291  ASP A CB  
228 C CG  . ASP A 32  ? 0.1097 0.2715 0.0967 -0.0268 -0.0194 -0.0049 291  ASP A CG  
229 O OD1 . ASP A 32  ? 0.1449 0.2306 0.1023 -0.0425 -0.0259 0.0148  291  ASP A OD1 
230 O OD2 . ASP A 32  ? 0.1155 0.2899 0.0977 -0.0310 -0.0268 -0.0033 291  ASP A OD2 
231 N N   . GLY A 33  ? 0.1133 0.1863 0.0886 -0.0269 0.0022  0.0339  292  GLY A N   
232 C CA  . GLY A 33  ? 0.1161 0.2124 0.0955 -0.0677 0.0057  0.0303  292  GLY A CA  
233 C C   . GLY A 33  ? 0.0983 0.1864 0.0882 -0.0272 0.0185  0.0094  292  GLY A C   
234 O O   . GLY A 33  ? 0.1165 0.1753 0.1045 -0.0397 0.0221  0.0105  292  GLY A O   
235 N N   . GLY A 34  ? 0.1173 0.1912 0.0664 -0.0309 0.0252  0.0222  293  GLY A N   
236 C CA  . GLY A 34  ? 0.0978 0.1955 0.0828 -0.0330 -0.0061 0.0205  293  GLY A CA  
237 C C   . GLY A 34  ? 0.0941 0.1764 0.0859 -0.0308 0.0037  0.0128  293  GLY A C   
238 O O   . GLY A 34  ? 0.1046 0.1755 0.0853 -0.0390 0.0098  0.0170  293  GLY A O   
239 N N   . ILE A 35  ? 0.0978 0.1696 0.0550 -0.0188 -0.0023 0.0218  294  ILE A N   
240 C CA  . ILE A 35  ? 0.1085 0.1858 0.0861 -0.0324 -0.0025 0.0237  294  ILE A CA  
241 C C   . ILE A 35  ? 0.1204 0.1693 0.0693 -0.0262 0.0354  0.0324  294  ILE A C   
242 O O   . ILE A 35  ? 0.1304 0.1809 0.0908 -0.0322 0.0053  0.0386  294  ILE A O   
243 C CB  . ILE A 35  ? 0.1112 0.2126 0.0700 -0.0179 -0.0109 0.0107  294  ILE A CB  
244 C CG1 . ILE A 35  ? 0.1137 0.2350 0.1218 -0.0510 -0.0106 -0.0128 294  ILE A CG1 
245 C CG2 . ILE A 35  ? 0.1297 0.2336 0.0822 -0.0223 0.0062  -0.0011 294  ILE A CG2 
246 C CD1 . ILE A 35  ? 0.2084 0.2771 0.0683 -0.0084 -0.0231 0.0106  294  ILE A CD1 
247 N N   . TYR A 36  ? 0.1010 0.1538 0.0788 -0.0341 0.0053  0.0296  295  TYR A N   
248 C CA  . TYR A 36  ? 0.1157 0.1706 0.0940 -0.0367 0.0302  0.0213  295  TYR A CA  
249 C C   . TYR A 36  ? 0.1047 0.1736 0.0535 -0.0537 -0.0052 0.0132  295  TYR A C   
250 O O   . TYR A 36  ? 0.1050 0.1556 0.0935 -0.0619 0.0128  0.0016  295  TYR A O   
251 C CB  . TYR A 36  ? 0.1032 0.1803 0.0526 -0.0369 0.0046  0.0272  295  TYR A CB  
252 C CG  . TYR A 36  ? 0.0829 0.1616 0.0602 -0.0465 -0.0010 0.0221  295  TYR A CG  
253 C CD1 . TYR A 36  ? 0.1171 0.1423 0.0650 -0.0480 -0.0096 0.0181  295  TYR A CD1 
254 C CD2 . TYR A 36  ? 0.1125 0.1654 0.0493 -0.0518 0.0134  0.0140  295  TYR A CD2 
255 C CE1 . TYR A 36  ? 0.1204 0.1673 0.0719 -0.0563 0.0329  -0.0020 295  TYR A CE1 
256 C CE2 . TYR A 36  ? 0.1323 0.1369 0.0671 -0.0496 0.0129  0.0158  295  TYR A CE2 
257 C CZ  . TYR A 36  ? 0.1296 0.1537 0.0648 -0.0541 0.0221  0.0276  295  TYR A CZ  
258 O OH  . TYR A 36  ? 0.1116 0.1874 0.0927 -0.0244 0.0209  0.0220  295  TYR A OH  
259 N N   . ILE A 37  ? 0.1015 0.1462 0.0950 -0.0533 0.0142  0.0275  296  ILE A N   
260 C CA  . ILE A 37  ? 0.0866 0.1572 0.0731 -0.0393 0.0000  0.0065  296  ILE A CA  
261 C C   . ILE A 37  ? 0.1059 0.1604 0.0952 -0.0470 0.0062  0.0072  296  ILE A C   
262 O O   . ILE A 37  ? 0.1544 0.1867 0.0739 -0.0543 0.0044  -0.0061 296  ILE A O   
263 C CB  . ILE A 37  ? 0.1137 0.1892 0.1102 -0.0511 -0.0054 0.0137  296  ILE A CB  
264 C CG1 . ILE A 37  ? 0.1070 0.1883 0.1192 -0.0352 0.0296  0.0109  296  ILE A CG1 
265 C CG2 . ILE A 37  ? 0.0802 0.2294 0.1522 -0.0374 0.0136  -0.0055 296  ILE A CG2 
266 C CD1 . ILE A 37  ? 0.1855 0.2208 0.1084 -0.0196 -0.0058 0.0080  296  ILE A CD1 
267 N N   . GLY A 38  ? 0.1181 0.1447 0.0870 -0.0385 -0.0004 0.0071  297  GLY A N   
268 C CA  . GLY A 38  ? 0.1277 0.1122 0.0985 -0.0559 -0.0011 -0.0080 297  GLY A CA  
269 C C   . GLY A 38  ? 0.1297 0.1670 0.0781 -0.0636 -0.0176 -0.0008 297  GLY A C   
270 O O   . GLY A 38  ? 0.1327 0.2715 0.0948 -0.0885 -0.0099 -0.0204 297  GLY A O   
271 N N   . SER A 39  ? 0.1000 0.1950 0.0878 -0.0786 -0.0019 0.0293  298  SER A N   
272 C CA  . SER A 39  ? 0.1304 0.1907 0.0783 -0.0635 -0.0120 0.0172  298  SER A CA  
273 C C   . SER A 39  ? 0.0916 0.2059 0.1075 -0.0934 0.0007  -0.0093 298  SER A C   
274 O O   . SER A 39  ? 0.1034 0.1899 0.1161 -0.0846 -0.0092 0.0041  298  SER A O   
275 C CB  . SER A 39  ? 0.1104 0.1908 0.1336 -0.0771 -0.0064 -0.0005 298  SER A CB  
276 O OG  . SER A 39  ? 0.1817 0.2232 0.1568 -0.0352 -0.0155 0.0380  298  SER A OG  
277 N N   . ILE A 40  ? 0.0774 0.1893 0.0953 -0.0697 -0.0202 0.0095  299  ILE A N   
278 C CA  . ILE A 40  ? 0.0899 0.1956 0.0677 -0.0566 -0.0087 0.0138  299  ILE A CA  
279 C C   . ILE A 40  ? 0.1359 0.1757 0.0947 -0.0576 0.0222  0.0069  299  ILE A C   
280 O O   . ILE A 40  ? 0.1111 0.2163 0.1647 -0.0463 -0.0097 0.0165  299  ILE A O   
281 C CB  . ILE A 40  ? 0.1042 0.1856 0.0890 -0.0712 -0.0153 0.0144  299  ILE A CB  
282 C CG1 . ILE A 40  ? 0.1101 0.1909 0.1027 -0.0468 -0.0020 0.0187  299  ILE A CG1 
283 C CG2 . ILE A 40  ? 0.1144 0.2055 0.1133 -0.0645 -0.0149 0.0481  299  ILE A CG2 
284 C CD1 . ILE A 40  ? 0.1835 0.1772 0.1029 -0.0417 0.0095  0.0140  299  ILE A CD1 
285 N N   . MET A 41  ? 0.1102 0.1803 0.1007 -0.0601 0.0125  -0.0130 300  MET A N   
286 C CA  A MET A 41  ? 0.1466 0.1680 0.1585 -0.0398 0.0242  0.0102  300  MET A CA  
287 C CA  B MET A 41  ? 0.1282 0.1529 0.1377 -0.0380 0.0185  0.0122  300  MET A CA  
288 C C   . MET A 41  ? 0.0960 0.1485 0.1252 -0.0241 0.0148  0.0126  300  MET A C   
289 O O   . MET A 41  ? 0.0965 0.1697 0.1632 -0.0321 0.0035  0.0221  300  MET A O   
290 C CB  A MET A 41  ? 0.1834 0.1628 0.1968 -0.0467 0.0318  -0.0132 300  MET A CB  
291 C CB  B MET A 41  ? 0.1672 0.1561 0.1812 -0.0438 0.0411  -0.0145 300  MET A CB  
292 C CG  A MET A 41  ? 0.2250 0.2016 0.2279 -0.0414 0.0341  -0.0167 300  MET A CG  
293 C CG  B MET A 41  ? 0.2042 0.1768 0.2192 -0.0349 0.0329  -0.0128 300  MET A CG  
294 S SD  A MET A 41  ? 0.3316 0.2336 0.2496 -0.0483 0.0542  -0.0320 300  MET A SD  
295 S SD  B MET A 41  ? 0.2511 0.2182 0.2676 -0.0144 0.0511  0.0231  300  MET A SD  
296 C CE  A MET A 41  ? 0.3681 0.3362 0.2549 -0.0472 0.0487  0.0022  300  MET A CE  
297 C CE  B MET A 41  ? 0.3138 0.2157 0.2875 -0.0140 0.0872  0.0435  300  MET A CE  
298 N N   . LYS A 42  ? 0.1029 0.1707 0.1739 -0.0396 0.0083  0.0351  301  LYS A N   
299 C CA  . LYS A 42  ? 0.0885 0.1775 0.1471 -0.0438 0.0146  0.0247  301  LYS A CA  
300 C C   . LYS A 42  ? 0.0931 0.1646 0.1521 -0.0485 0.0220  -0.0002 301  LYS A C   
301 O O   . LYS A 42  ? 0.1256 0.1622 0.1788 -0.0437 0.0180  -0.0118 301  LYS A O   
302 C CB  . LYS A 42  ? 0.1291 0.2417 0.2226 -0.0709 0.0139  0.0191  301  LYS A CB  
303 C CG  . LYS A 42  ? 0.1818 0.2647 0.2627 -0.0437 0.0118  0.0215  301  LYS A CG  
304 C CD  . LYS A 42  ? 0.2238 0.2885 0.3354 -0.0143 -0.0092 0.0553  301  LYS A CD  
305 C CE  . LYS A 42  ? 0.2927 0.3476 0.3923 0.0027  0.0041  0.0156  301  LYS A CE  
306 N NZ  . LYS A 42  ? 0.3346 0.3958 0.4360 -0.0087 -0.0453 0.0502  301  LYS A NZ  
307 N N   . GLY A 43  ? 0.1152 0.1642 0.1464 -0.0486 0.0043  0.0123  302  GLY A N   
308 C CA  . GLY A 43  ? 0.1469 0.1972 0.1352 -0.0362 0.0349  0.0187  302  GLY A CA  
309 C C   . GLY A 43  ? 0.1387 0.2069 0.1485 -0.0467 0.0291  0.0150  302  GLY A C   
310 O O   . GLY A 43  ? 0.1541 0.2374 0.1527 -0.0446 0.0223  0.0280  302  GLY A O   
311 N N   . GLY A 44  ? 0.1275 0.1736 0.1507 -0.0275 -0.0019 0.0018  303  GLY A N   
312 C CA  . GLY A 44  ? 0.1327 0.1752 0.1226 -0.0271 0.0105  0.0262  303  GLY A CA  
313 C C   . GLY A 44  ? 0.1254 0.1594 0.0796 -0.0049 0.0098  0.0322  303  GLY A C   
314 O O   . GLY A 44  ? 0.1281 0.1869 0.1142 -0.0499 0.0089  0.0058  303  GLY A O   
315 N N   . ALA A 45  ? 0.1135 0.1769 0.0935 -0.0482 -0.0081 0.0098  304  ALA A N   
316 C CA  . ALA A 45  ? 0.1324 0.1756 0.0679 -0.0492 0.0127  0.0220  304  ALA A CA  
317 C C   . ALA A 45  ? 0.1186 0.1666 0.0556 -0.0224 -0.0067 0.0406  304  ALA A C   
318 O O   . ALA A 45  ? 0.1295 0.1500 0.1042 -0.0346 0.0004  0.0198  304  ALA A O   
319 C CB  . ALA A 45  ? 0.1401 0.2173 0.0669 -0.0517 -0.0310 -0.0265 304  ALA A CB  
320 N N   . VAL A 46  ? 0.1049 0.1740 0.0505 -0.0463 -0.0039 0.0179  305  VAL A N   
321 C CA  . VAL A 46  ? 0.1152 0.1453 0.0462 -0.0482 -0.0143 0.0207  305  VAL A CA  
322 C C   . VAL A 46  ? 0.1120 0.1556 0.0657 -0.0532 -0.0124 -0.0191 305  VAL A C   
323 O O   . VAL A 46  ? 0.1067 0.1674 0.0716 -0.0414 -0.0057 -0.0018 305  VAL A O   
324 C CB  . VAL A 46  ? 0.0993 0.1663 0.0770 -0.0438 0.0015  0.0163  305  VAL A CB  
325 C CG1 . VAL A 46  ? 0.1311 0.1985 0.0363 -0.0432 -0.0043 -0.0071 305  VAL A CG1 
326 C CG2 . VAL A 46  ? 0.0911 0.2019 0.0954 -0.0652 -0.0399 -0.0040 305  VAL A CG2 
327 N N   . ALA A 47  ? 0.0950 0.1500 0.0690 -0.0419 0.0054  0.0159  306  ALA A N   
328 C CA  . ALA A 47  ? 0.0957 0.1771 0.0630 -0.0559 -0.0178 0.0237  306  ALA A CA  
329 C C   . ALA A 47  ? 0.0841 0.1696 0.0873 -0.0302 -0.0196 0.0382  306  ALA A C   
330 O O   . ALA A 47  ? 0.1124 0.1696 0.0956 -0.0583 -0.0034 0.0127  306  ALA A O   
331 C CB  . ALA A 47  ? 0.1003 0.1567 0.1010 -0.0253 -0.0083 0.0194  306  ALA A CB  
332 N N   . ALA A 48  ? 0.1254 0.1701 0.0714 -0.0730 -0.0179 0.0151  307  ALA A N   
333 C CA  . ALA A 48  ? 0.1185 0.1544 0.1047 -0.0703 0.0108  0.0181  307  ALA A CA  
334 C C   . ALA A 48  ? 0.1308 0.1659 0.0585 -0.0646 -0.0260 0.0343  307  ALA A C   
335 O O   . ALA A 48  ? 0.1453 0.1736 0.1082 -0.0864 0.0074  0.0289  307  ALA A O   
336 C CB  . ALA A 48  ? 0.2253 0.2156 0.0832 -0.0855 0.0511  0.0196  307  ALA A CB  
337 N N   . ASP A 49  ? 0.1109 0.1944 0.1195 -0.0692 -0.0012 0.0325  308  ASP A N   
338 C CA  . ASP A 49  ? 0.1355 0.1676 0.0950 -0.0573 -0.0296 0.0263  308  ASP A CA  
339 C C   . ASP A 49  ? 0.1245 0.1379 0.1294 -0.0405 -0.0140 0.0224  308  ASP A C   
340 O O   . ASP A 49  ? 0.1307 0.1793 0.0965 -0.0597 -0.0224 0.0246  308  ASP A O   
341 C CB  . ASP A 49  ? 0.1430 0.1766 0.1237 -0.0496 -0.0302 0.0168  308  ASP A CB  
342 C CG  . ASP A 49  ? 0.1411 0.2123 0.1340 -0.0350 -0.0302 0.0203  308  ASP A CG  
343 O OD1 . ASP A 49  ? 0.2300 0.2319 0.1646 0.0125  -0.0599 0.0457  308  ASP A OD1 
344 O OD2 . ASP A 49  ? 0.1311 0.2117 0.1396 -0.0503 -0.0206 0.0497  308  ASP A OD2 
345 N N   . GLY A 50  ? 0.1152 0.1561 0.1217 -0.0613 -0.0331 0.0344  309  GLY A N   
346 C CA  . GLY A 50  ? 0.1129 0.1980 0.1031 -0.0780 -0.0311 0.0216  309  GLY A CA  
347 C C   . GLY A 50  ? 0.1323 0.1762 0.1311 -0.0615 -0.0417 0.0569  309  GLY A C   
348 O O   . GLY A 50  ? 0.1450 0.1988 0.1094 -0.0671 -0.0392 0.0216  309  GLY A O   
349 N N   . ARG A 51  ? 0.1232 0.1695 0.0811 -0.0599 -0.0241 0.0292  310  ARG A N   
350 C CA  . ARG A 51  ? 0.1441 0.1562 0.0997 -0.0565 -0.0233 0.0198  310  ARG A CA  
351 C C   . ARG A 51  ? 0.1450 0.1629 0.1206 -0.0671 0.0001  0.0013  310  ARG A C   
352 O O   . ARG A 51  ? 0.3706 0.2217 0.1237 -0.1499 0.0751  -0.0311 310  ARG A O   
353 C CB  . ARG A 51  ? 0.1298 0.1729 0.1423 -0.0600 -0.0138 0.0324  310  ARG A CB  
354 C CG  . ARG A 51  ? 0.1796 0.1919 0.1681 -0.0289 -0.0273 0.0593  310  ARG A CG  
355 C CD  . ARG A 51  ? 0.2603 0.1690 0.1922 -0.0446 -0.0126 0.0579  310  ARG A CD  
356 N NE  . ARG A 51  ? 0.2046 0.2654 0.1752 -0.0031 -0.0292 0.0303  310  ARG A NE  
357 C CZ  . ARG A 51  ? 0.2927 0.2392 0.2337 0.0392  -0.0367 0.0098  310  ARG A CZ  
358 N NH1 . ARG A 51  ? 0.4007 0.3070 0.2798 0.0825  -0.0355 0.0355  310  ARG A NH1 
359 N NH2 . ARG A 51  ? 0.2477 0.2475 0.2084 0.0090  -0.0043 0.0006  310  ARG A NH2 
360 N N   . ILE A 52  ? 0.1632 0.1463 0.0764 -0.0510 0.0286  0.0169  311  ILE A N   
361 C CA  . ILE A 52  ? 0.1517 0.1589 0.0384 -0.0549 -0.0082 0.0262  311  ILE A CA  
362 C C   . ILE A 52  ? 0.1350 0.1955 0.0694 -0.0665 -0.0006 0.0035  311  ILE A C   
363 O O   . ILE A 52  ? 0.1421 0.2037 0.0895 -0.0653 0.0095  0.0314  311  ILE A O   
364 C CB  . ILE A 52  ? 0.1496 0.1673 0.0574 -0.0525 -0.0296 0.0093  311  ILE A CB  
365 C CG1 . ILE A 52  ? 0.1642 0.2140 0.1033 -0.0844 -0.0348 0.0105  311  ILE A CG1 
366 C CG2 . ILE A 52  ? 0.1576 0.1532 0.1304 -0.0671 0.0100  0.0227  311  ILE A CG2 
367 C CD1 . ILE A 52  ? 0.1905 0.2693 0.1608 -0.0804 -0.0466 0.0063  311  ILE A CD1 
368 N N   . GLU A 53  ? 0.1178 0.1952 0.0854 -0.0281 0.0149  0.0446  312  GLU A N   
369 C CA  . GLU A 53  ? 0.1168 0.1551 0.0834 -0.0597 -0.0095 -0.0049 312  GLU A CA  
370 C C   . GLU A 53  ? 0.1347 0.1433 0.0733 -0.0549 -0.0182 0.0116  312  GLU A C   
371 O O   . GLU A 53  ? 0.1298 0.1849 0.0866 -0.0466 -0.0053 0.0235  312  GLU A O   
372 C CB  . GLU A 53  ? 0.1790 0.1749 0.0945 -0.0758 -0.0169 0.0070  312  GLU A CB  
373 C CG  . GLU A 53  ? 0.2496 0.1643 0.1284 -0.0938 -0.0269 0.0213  312  GLU A CG  
374 C CD  . GLU A 53  ? 0.2036 0.2245 0.1891 -0.0808 0.0276  -0.0017 312  GLU A CD  
375 O OE1 . GLU A 53  ? 0.2564 0.2785 0.2323 -0.0488 -0.0238 -0.0314 312  GLU A OE1 
376 O OE2 . GLU A 53  ? 0.3088 0.3249 0.2011 -0.0514 -0.0470 -0.0138 312  GLU A OE2 
377 N N   . PRO A 54  ? 0.1142 0.1578 0.0865 -0.0621 -0.0022 0.0436  313  PRO A N   
378 C CA  . PRO A 54  ? 0.1122 0.1800 0.0783 -0.0643 -0.0202 0.0256  313  PRO A CA  
379 C C   . PRO A 54  ? 0.1378 0.1525 0.0719 -0.0516 -0.0268 0.0327  313  PRO A C   
380 O O   . PRO A 54  ? 0.1599 0.1685 0.0890 -0.0721 0.0091  0.0056  313  PRO A O   
381 C CB  . PRO A 54  ? 0.1325 0.2036 0.1183 -0.0510 -0.0499 0.0410  313  PRO A CB  
382 C CG  . PRO A 54  ? 0.1554 0.2588 0.1955 -0.0527 -0.0427 0.0549  313  PRO A CG  
383 C CD  . PRO A 54  ? 0.1285 0.2056 0.0991 -0.0293 0.0106  0.0281  313  PRO A CD  
384 N N   . GLY A 55  ? 0.1176 0.1913 0.0826 -0.0695 -0.0101 0.0249  314  GLY A N   
385 C CA  . GLY A 55  ? 0.1307 0.1676 0.0600 -0.0717 -0.0228 0.0310  314  GLY A CA  
386 C C   . GLY A 55  ? 0.1473 0.1568 0.0852 -0.0563 -0.0208 0.0205  314  GLY A C   
387 O O   . GLY A 55  ? 0.1513 0.1935 0.0894 -0.0548 0.0027  0.0146  314  GLY A O   
388 N N   . ASP A 56  ? 0.1493 0.1799 0.0667 -0.0760 -0.0060 0.0463  315  ASP A N   
389 C CA  . ASP A 56  ? 0.1448 0.1612 0.0623 -0.0533 -0.0136 0.0195  315  ASP A CA  
390 C C   . ASP A 56  ? 0.1314 0.1539 0.0782 -0.0328 0.0159  0.0259  315  ASP A C   
391 O O   . ASP A 56  ? 0.1249 0.1599 0.0957 -0.0276 0.0104  0.0190  315  ASP A O   
392 C CB  . ASP A 56  ? 0.1351 0.1542 0.0727 -0.0517 0.0078  0.0280  315  ASP A CB  
393 C CG  . ASP A 56  ? 0.1684 0.1856 0.0727 -0.0529 0.0178  -0.0145 315  ASP A CG  
394 O OD1 . ASP A 56  ? 0.1877 0.1793 0.0872 -0.0702 0.0046  0.0173  315  ASP A OD1 
395 O OD2 . ASP A 56  ? 0.1567 0.2018 0.1100 -0.0489 0.0205  0.0408  315  ASP A OD2 
396 N N   . MET A 57  ? 0.1208 0.1535 0.0819 -0.0199 0.0059  0.0182  316  MET A N   
397 C CA  . MET A 57  ? 0.1133 0.1956 0.1010 -0.0280 0.0031  0.0340  316  MET A CA  
398 C C   . MET A 57  ? 0.1586 0.1573 0.0748 -0.0288 0.0057  0.0141  316  MET A C   
399 O O   . MET A 57  ? 0.2125 0.1597 0.1003 -0.0253 0.0114  0.0231  316  MET A O   
400 C CB  . MET A 57  ? 0.1152 0.2055 0.1198 -0.0397 0.0124  0.0450  316  MET A CB  
401 C CG  . MET A 57  ? 0.1585 0.2372 0.1069 -0.0152 0.0256  0.0775  316  MET A CG  
402 S SD  . MET A 57  ? 0.1740 0.3343 0.1354 0.0096  0.0397  0.0453  316  MET A SD  
403 C CE  . MET A 57  ? 0.2657 0.2503 0.2397 -0.0676 0.0596  0.0449  316  MET A CE  
404 N N   . LEU A 58  ? 0.1351 0.1404 0.0750 -0.0401 -0.0060 0.0260  317  LEU A N   
405 C CA  . LEU A 58  ? 0.1569 0.1536 0.0768 -0.0317 -0.0050 0.0186  317  LEU A CA  
406 C C   . LEU A 58  ? 0.1701 0.1564 0.0735 -0.0309 -0.0014 0.0451  317  LEU A C   
407 O O   . LEU A 58  ? 0.1639 0.1781 0.1227 -0.0632 -0.0107 0.0680  317  LEU A O   
408 C CB  . LEU A 58  ? 0.2113 0.1715 0.0995 -0.0130 -0.0314 0.0346  317  LEU A CB  
409 C CG  . LEU A 58  ? 0.2258 0.2152 0.1060 -0.0041 -0.0238 0.0264  317  LEU A CG  
410 C CD1 . LEU A 58  ? 0.2489 0.2157 0.1104 -0.0333 0.0231  0.0381  317  LEU A CD1 
411 C CD2 . LEU A 58  ? 0.2746 0.1894 0.1404 0.0218  -0.0127 -0.0018 317  LEU A CD2 
412 N N   . LEU A 59  ? 0.1544 0.1617 0.0914 -0.0231 0.0336  0.0392  318  LEU A N   
413 C CA  . LEU A 59  ? 0.1203 0.1828 0.1263 -0.0079 0.0197  0.0329  318  LEU A CA  
414 C C   . LEU A 59  ? 0.1329 0.1469 0.1383 -0.0272 -0.0050 0.0305  318  LEU A C   
415 O O   . LEU A 59  ? 0.1292 0.1945 0.1496 -0.0332 -0.0126 0.0552  318  LEU A O   
416 C CB  . LEU A 59  ? 0.1673 0.2008 0.1274 -0.0006 0.0206  0.0320  318  LEU A CB  
417 C CG  . LEU A 59  ? 0.2121 0.2091 0.1118 -0.0342 0.0211  0.0146  318  LEU A CG  
418 C CD1 . LEU A 59  ? 0.2121 0.2058 0.1553 0.0022  -0.0164 -0.0024 318  LEU A CD1 
419 C CD2 . LEU A 59  ? 0.3237 0.2596 0.1245 -0.0398 0.0549  0.0272  318  LEU A CD2 
420 N N   . GLN A 60  ? 0.1407 0.2065 0.1035 -0.0440 0.0161  0.0201  319  GLN A N   
421 C CA  . GLN A 60  ? 0.1309 0.1750 0.1113 -0.0363 -0.0090 0.0353  319  GLN A CA  
422 C C   . GLN A 60  ? 0.1264 0.1784 0.0593 -0.0420 -0.0137 0.0300  319  GLN A C   
423 O O   . GLN A 60  ? 0.1172 0.1904 0.1143 -0.0342 -0.0154 0.0042  319  GLN A O   
424 C CB  . GLN A 60  ? 0.2048 0.2098 0.2257 0.0118  0.0151  0.0171  319  GLN A CB  
425 C CG  . GLN A 60  ? 0.2729 0.2695 0.2142 0.0070  -0.0427 0.0029  319  GLN A CG  
426 C CD  . GLN A 60  ? 0.1459 0.1665 0.1633 0.0002  -0.0543 0.0515  319  GLN A CD  
427 O OE1 . GLN A 60  ? 0.1856 0.2783 0.1977 -0.0054 -0.0214 0.0474  319  GLN A OE1 
428 N NE2 . GLN A 60  ? 0.1441 0.2020 0.2175 -0.0342 -0.0150 0.0399  319  GLN A NE2 
429 N N   . VAL A 61  ? 0.1117 0.1851 0.0788 -0.0558 -0.0175 -0.0042 320  VAL A N   
430 C CA  . VAL A 61  ? 0.1121 0.1886 0.1141 -0.0156 -0.0139 0.0038  320  VAL A CA  
431 C C   . VAL A 61  ? 0.1391 0.1556 0.1023 -0.0506 -0.0274 0.0121  320  VAL A C   
432 O O   . VAL A 61  ? 0.1396 0.1838 0.1096 -0.0637 -0.0336 0.0020  320  VAL A O   
433 C CB  . VAL A 61  ? 0.1446 0.2104 0.1508 0.0284  -0.0090 -0.0087 320  VAL A CB  
434 C CG1 . VAL A 61  ? 0.1727 0.2784 0.1647 0.0193  0.0126  -0.0027 320  VAL A CG1 
435 C CG2 . VAL A 61  ? 0.2021 0.3001 0.2109 0.0472  -0.0349 0.0580  320  VAL A CG2 
436 N N   . ASN A 62  ? 0.1096 0.1593 0.1108 -0.0539 -0.0559 0.0182  321  ASN A N   
437 C CA  . ASN A 62  ? 0.1352 0.1752 0.1134 -0.0517 -0.0268 0.0175  321  ASN A CA  
438 C C   . ASN A 62  ? 0.1517 0.2085 0.1013 0.0037  -0.0318 0.0368  321  ASN A C   
439 O O   . ASN A 62  ? 0.1640 0.1838 0.1764 -0.0439 0.0228  0.0320  321  ASN A O   
440 C CB  . ASN A 62  ? 0.1347 0.2460 0.1134 -0.0583 -0.0330 -0.0268 321  ASN A CB  
441 C CG  . ASN A 62  ? 0.1079 0.2689 0.1130 -0.0656 -0.0148 -0.0170 321  ASN A CG  
442 O OD1 . ASN A 62  ? 0.1503 0.2694 0.0972 -0.0859 -0.0307 -0.0032 321  ASN A OD1 
443 N ND2 . ASN A 62  ? 0.2038 0.3550 0.1613 -0.0834 -0.0045 -0.0813 321  ASN A ND2 
444 N N   . ASP A 63  ? 0.1349 0.2438 0.1578 -0.0205 -0.0213 0.0533  322  ASP A N   
445 C CA  . ASP A 63  ? 0.1342 0.2214 0.1819 0.0115  -0.0272 0.0615  322  ASP A CA  
446 C C   . ASP A 63  ? 0.1268 0.2376 0.2106 -0.0333 0.0039  0.0502  322  ASP A C   
447 O O   . ASP A 63  ? 0.1237 0.3513 0.3363 0.0111  0.0136  0.1286  322  ASP A O   
448 C CB  . ASP A 63  ? 0.1377 0.2772 0.2052 0.0052  -0.0525 0.0511  322  ASP A CB  
449 C CG  . ASP A 63  ? 0.2474 0.2874 0.2076 0.0364  -0.1040 0.0288  322  ASP A CG  
450 O OD1 . ASP A 63  ? 0.3069 0.3229 0.3419 -0.0348 -0.1055 -0.0036 322  ASP A OD1 
451 O OD2 . ASP A 63  ? 0.3026 0.4540 0.2229 0.0392  -0.1032 -0.0295 322  ASP A OD2 
452 N N   . MET A 64  ? 0.1448 0.2189 0.1546 -0.0305 -0.0075 0.0205  323  MET A N   
453 C CA  A MET A 64  ? 0.1514 0.2278 0.1886 -0.0421 -0.0082 0.0024  323  MET A CA  
454 C CA  B MET A 64  ? 0.1098 0.2127 0.1730 -0.0526 -0.0148 -0.0048 323  MET A CA  
455 C C   . MET A 64  ? 0.1847 0.1886 0.1442 -0.0510 -0.0118 0.0177  323  MET A C   
456 O O   . MET A 64  ? 0.1506 0.2315 0.1470 -0.0586 -0.0370 0.0466  323  MET A O   
457 C CB  A MET A 64  ? 0.1568 0.2468 0.2261 -0.0467 0.0274  -0.0029 323  MET A CB  
458 C CB  B MET A 64  ? 0.1756 0.2469 0.2130 -0.0508 -0.0068 -0.0056 323  MET A CB  
459 C CG  A MET A 64  ? 0.2290 0.2519 0.2503 -0.0344 -0.0039 0.0089  323  MET A CG  
460 C CG  B MET A 64  ? 0.2376 0.3099 0.2492 -0.0406 -0.0041 -0.0044 323  MET A CG  
461 S SD  A MET A 64  ? 0.2789 0.2659 0.2932 -0.0266 -0.0020 -0.0197 323  MET A SD  
462 S SD  B MET A 64  ? 0.2212 0.4122 0.2746 -0.0334 -0.0446 -0.0365 323  MET A SD  
463 C CE  A MET A 64  ? 0.2434 0.2117 0.3165 0.0189  0.0283  -0.0274 323  MET A CE  
464 C CE  B MET A 64  ? 0.1692 0.2941 0.3247 -0.0970 -0.0039 -0.0083 323  MET A CE  
465 N N   . ASN A 65  ? 0.1331 0.2458 0.1874 -0.0569 -0.0067 -0.0085 324  ASN A N   
466 C CA  . ASN A 65  ? 0.1403 0.2089 0.1794 -0.0225 -0.0044 -0.0109 324  ASN A CA  
467 C C   . ASN A 65  ? 0.1764 0.1857 0.2768 -0.0235 0.0112  0.0050  324  ASN A C   
468 O O   . ASN A 65  ? 0.1360 0.2152 0.4966 -0.0823 -0.0416 0.0222  324  ASN A O   
469 C CB  . ASN A 65  ? 0.1706 0.3179 0.2341 0.0295  -0.0101 0.0177  324  ASN A CB  
470 C CG  . ASN A 65  ? 0.1910 0.3509 0.2634 0.0163  0.0213  -0.0154 324  ASN A CG  
471 O OD1 . ASN A 65  ? 0.2809 0.3275 0.2066 0.0231  0.0620  0.0351  324  ASN A OD1 
472 N ND2 . ASN A 65  ? 0.2426 0.4588 0.3132 0.0421  0.0278  -0.0052 324  ASN A ND2 
473 N N   . PHE A 66  ? 0.1932 0.1915 0.1493 -0.0390 0.0263  0.0512  325  PHE A N   
474 C CA  . PHE A 66  ? 0.2269 0.2333 0.1438 -0.0115 0.0565  0.0323  325  PHE A CA  
475 C C   . PHE A 66  ? 0.2652 0.2513 0.1909 0.0367  0.0273  0.0387  325  PHE A C   
476 O O   . PHE A 66  ? 0.2157 0.2792 0.1675 -0.0012 -0.0097 0.0608  325  PHE A O   
477 C CB  . PHE A 66  ? 0.2307 0.2125 0.1701 0.0087  0.0067  0.0427  325  PHE A CB  
478 C CG  . PHE A 66  ? 0.2017 0.1968 0.1595 0.0265  0.0359  0.0437  325  PHE A CG  
479 C CD1 . PHE A 66  ? 0.2151 0.2592 0.1604 0.0263  0.0258  0.0412  325  PHE A CD1 
480 C CD2 . PHE A 66  ? 0.2630 0.2202 0.1919 0.0091  0.0603  0.0751  325  PHE A CD2 
481 C CE1 . PHE A 66  ? 0.2583 0.2757 0.1852 0.0263  0.0185  0.0042  325  PHE A CE1 
482 C CE2 . PHE A 66  ? 0.2199 0.2051 0.2160 0.0011  0.0543  0.0550  325  PHE A CE2 
483 C CZ  . PHE A 66  ? 0.2358 0.2412 0.1783 0.0051  0.0260  0.0206  325  PHE A CZ  
484 N N   . GLU A 67  ? 0.2644 0.2968 0.1771 0.0506  0.0497  0.0486  326  GLU A N   
485 C CA  . GLU A 67  ? 0.2614 0.3230 0.1421 0.0073  0.0273  0.0368  326  GLU A CA  
486 C C   . GLU A 67  ? 0.2171 0.3307 0.1792 0.0107  -0.0073 0.0101  326  GLU A C   
487 O O   . GLU A 67  ? 0.2213 0.3890 0.1329 0.0236  0.0086  0.0365  326  GLU A O   
488 C CB  . GLU A 67  ? 0.2791 0.2990 0.2015 0.0132  0.0261  0.0401  326  GLU A CB  
489 C CG  . GLU A 67  ? 0.3109 0.3265 0.2626 -0.0129 0.0079  0.0215  326  GLU A CG  
490 C CD  . GLU A 67  ? 0.3662 0.3623 0.2604 0.0180  0.0245  0.0270  326  GLU A CD  
491 O OE1 . GLU A 67  ? 0.3681 0.3965 0.2836 0.0256  0.0115  0.0921  326  GLU A OE1 
492 O OE2 . GLU A 67  ? 0.3936 0.4117 0.2889 0.0316  0.0269  0.0648  326  GLU A OE2 
493 N N   . ASN A 68  ? 0.2004 0.3788 0.1333 0.0167  0.0440  0.0377  327  ASN A N   
494 C CA  . ASN A 68  ? 0.1419 0.3654 0.1544 0.0349  -0.0605 0.0011  327  ASN A CA  
495 C C   . ASN A 68  ? 0.2222 0.4088 0.1795 0.0399  -0.0475 -0.0218 327  ASN A C   
496 O O   . ASN A 68  ? 0.2853 0.4734 0.2136 0.0229  -0.1186 -0.0324 327  ASN A O   
497 C CB  . ASN A 68  ? 0.2966 0.3902 0.2334 0.0182  -0.1026 -0.0039 327  ASN A CB  
498 C CG  . ASN A 68  ? 0.2881 0.4335 0.3445 -0.0143 -0.0703 0.0124  327  ASN A CG  
499 O OD1 . ASN A 68  ? 0.2001 0.5064 0.3882 0.0033  -0.0753 0.0187  327  ASN A OD1 
500 N ND2 . ASN A 68  ? 0.3419 0.5170 0.3323 -0.0006 -0.0953 0.0368  327  ASN A ND2 
501 N N   . MET A 69  ? 0.1650 0.3142 0.1430 0.0096  -0.0361 0.0090  328  MET A N   
502 C CA  A MET A 69  ? 0.2058 0.3196 0.1492 -0.0121 -0.0258 -0.0188 328  MET A CA  
503 C CA  B MET A 69  ? 0.1811 0.3080 0.1206 -0.0224 -0.0196 -0.0100 328  MET A CA  
504 C C   . MET A 69  ? 0.1564 0.2888 0.1039 -0.0255 0.0032  -0.0080 328  MET A C   
505 O O   . MET A 69  ? 0.1612 0.2811 0.0805 -0.0392 -0.0018 -0.0098 328  MET A O   
506 C CB  A MET A 69  ? 0.2872 0.3533 0.2161 -0.0103 -0.0128 0.0309  328  MET A CB  
507 C CB  B MET A 69  ? 0.2322 0.2920 0.1177 -0.0114 -0.0263 0.0691  328  MET A CB  
508 C CG  A MET A 69  ? 0.3281 0.3825 0.2399 -0.0139 0.0066  0.0189  328  MET A CG  
509 C CG  B MET A 69  ? 0.2233 0.2977 0.1575 -0.0274 0.0101  0.0444  328  MET A CG  
510 S SD  A MET A 69  ? 0.3601 0.4260 0.1525 -0.0081 0.0177  -0.0378 328  MET A SD  
511 S SD  B MET A 69  ? 0.1375 0.2774 0.1523 -0.0568 -0.0047 0.0210  328  MET A SD  
512 C CE  A MET A 69  ? 0.2390 0.3775 0.1892 -0.0192 -0.0068 0.0151  328  MET A CE  
513 C CE  B MET A 69  ? 0.3252 0.3853 0.3305 -0.0234 -0.0110 -0.0333 328  MET A CE  
514 N N   . SER A 70  ? 0.1124 0.3190 0.1027 -0.0468 0.0064  -0.0345 329  SER A N   
515 C CA  . SER A 70  ? 0.1504 0.2714 0.1472 -0.0455 -0.0004 -0.0330 329  SER A CA  
516 C C   . SER A 70  ? 0.1480 0.2574 0.0915 -0.0450 -0.0017 -0.0119 329  SER A C   
517 O O   . SER A 70  ? 0.1210 0.2524 0.1092 -0.0311 -0.0099 -0.0281 329  SER A O   
518 C CB  . SER A 70  ? 0.1914 0.2826 0.1519 -0.0672 0.0467  -0.0196 329  SER A CB  
519 O OG  . SER A 70  ? 0.1912 0.3151 0.1446 -0.1191 0.0468  -0.0429 329  SER A OG  
520 N N   . ASN A 71  ? 0.1618 0.2123 0.1129 -0.0346 -0.0235 -0.0161 330  ASN A N   
521 C CA  . ASN A 71  ? 0.1457 0.2168 0.0948 -0.0224 -0.0096 -0.0430 330  ASN A CA  
522 C C   . ASN A 71  ? 0.1211 0.1948 0.1480 -0.0322 -0.0163 -0.0320 330  ASN A C   
523 O O   . ASN A 71  ? 0.1258 0.2134 0.1439 -0.0607 -0.0011 -0.0227 330  ASN A O   
524 C CB  . ASN A 71  ? 0.2020 0.2176 0.1634 -0.0018 -0.0169 -0.0186 330  ASN A CB  
525 C CG  . ASN A 71  ? 0.2006 0.2823 0.1474 0.0323  -0.0613 -0.0245 330  ASN A CG  
526 O OD1 . ASN A 71  ? 0.2483 0.3608 0.1976 0.0641  -0.0266 -0.0841 330  ASN A OD1 
527 N ND2 . ASN A 71  ? 0.1621 0.3000 0.1184 -0.0150 -0.0198 -0.0410 330  ASN A ND2 
528 N N   . ASP A 72  ? 0.1579 0.2264 0.1099 -0.0793 -0.0114 -0.0357 331  ASP A N   
529 C CA  . ASP A 72  ? 0.1818 0.2286 0.1246 -0.0631 -0.0286 -0.0359 331  ASP A CA  
530 C C   . ASP A 72  ? 0.1646 0.2445 0.1245 -0.0730 -0.0043 -0.0437 331  ASP A C   
531 O O   . ASP A 72  ? 0.1503 0.2453 0.1196 -0.0667 0.0049  -0.0385 331  ASP A O   
532 C CB  . ASP A 72  ? 0.2268 0.1995 0.1665 -0.0757 0.0078  -0.0383 331  ASP A CB  
533 C CG  . ASP A 72  ? 0.3163 0.2571 0.1961 -0.0739 0.0179  -0.0186 331  ASP A CG  
534 O OD1 . ASP A 72  ? 0.3217 0.2421 0.2383 -0.0586 0.0342  0.0002  331  ASP A OD1 
535 O OD2 . ASP A 72  ? 0.3684 0.2650 0.3193 -0.1016 0.0473  0.0075  331  ASP A OD2 
536 N N   . ASP A 73  ? 0.1592 0.2332 0.1310 -0.0813 -0.0086 -0.0068 332  ASP A N   
537 C CA  . ASP A 73  ? 0.1579 0.2652 0.0989 -0.0455 -0.0307 -0.0264 332  ASP A CA  
538 C C   . ASP A 73  ? 0.1432 0.2513 0.0981 -0.0291 -0.0264 -0.0196 332  ASP A C   
539 O O   . ASP A 73  ? 0.1689 0.2992 0.0835 -0.0471 -0.0145 -0.0166 332  ASP A O   
540 C CB  . ASP A 73  ? 0.1737 0.3040 0.2134 -0.0162 -0.0008 0.0033  332  ASP A CB  
541 C CG  . ASP A 73  ? 0.3218 0.4263 0.4182 -0.0182 -0.0345 -0.0285 332  ASP A CG  
542 O OD1 . ASP A 73  ? 0.3137 0.4488 0.5655 -0.0924 -0.0986 -0.0185 332  ASP A OD1 
543 O OD2 . ASP A 73  ? 0.3520 0.5614 0.4545 -0.0460 -0.0371 -0.0700 332  ASP A OD2 
544 N N   . ALA A 74  ? 0.1335 0.2284 0.0856 -0.0277 -0.0162 -0.0151 333  ALA A N   
545 C CA  . ALA A 74  ? 0.1472 0.1807 0.1103 -0.0190 0.0032  -0.0114 333  ALA A CA  
546 C C   . ALA A 74  ? 0.1176 0.1894 0.0757 -0.0209 -0.0283 -0.0129 333  ALA A C   
547 O O   . ALA A 74  ? 0.1301 0.2129 0.0965 -0.0293 -0.0112 0.0186  333  ALA A O   
548 C CB  . ALA A 74  ? 0.1555 0.2225 0.0874 -0.0370 -0.0025 -0.0431 333  ALA A CB  
549 N N   . VAL A 75  ? 0.1119 0.1863 0.1060 -0.0349 -0.0097 -0.0069 334  VAL A N   
550 C CA  . VAL A 75  ? 0.1179 0.1582 0.1225 -0.0339 -0.0158 -0.0172 334  VAL A CA  
551 C C   . VAL A 75  ? 0.1099 0.1848 0.1206 -0.0587 -0.0191 -0.0112 334  VAL A C   
552 O O   . VAL A 75  ? 0.1219 0.2151 0.1248 -0.0486 0.0102  0.0067  334  VAL A O   
553 C CB  . VAL A 75  ? 0.1204 0.1597 0.1391 -0.0497 0.0003  0.0022  334  VAL A CB  
554 C CG1 . VAL A 75  ? 0.1807 0.1873 0.1592 0.0171  0.0552  -0.0007 334  VAL A CG1 
555 C CG2 . VAL A 75  ? 0.1325 0.1972 0.0871 -0.0491 -0.0150 0.0016  334  VAL A CG2 
556 N N   . ARG A 76  ? 0.1415 0.2028 0.0998 -0.0699 0.0064  -0.0135 335  ARG A N   
557 C CA  A ARG A 76  ? 0.1453 0.2334 0.1131 -0.0626 -0.0016 -0.0229 335  ARG A CA  
558 C CA  B ARG A 76  ? 0.1489 0.2320 0.1113 -0.0486 -0.0057 -0.0214 335  ARG A CA  
559 C C   . ARG A 76  ? 0.1259 0.2352 0.1546 -0.0410 -0.0382 -0.0414 335  ARG A C   
560 O O   . ARG A 76  ? 0.1852 0.2653 0.1108 -0.0560 0.0082  -0.0334 335  ARG A O   
561 C CB  A ARG A 76  ? 0.1410 0.2381 0.1218 -0.0471 0.0018  -0.0267 335  ARG A CB  
562 C CB  B ARG A 76  ? 0.1672 0.2105 0.0975 -0.0439 -0.0110 -0.0311 335  ARG A CB  
563 C CG  A ARG A 76  ? 0.1691 0.2559 0.1428 -0.0744 0.0535  -0.0326 335  ARG A CG  
564 C CG  B ARG A 76  ? 0.1844 0.1883 0.1232 -0.0347 -0.0048 -0.0406 335  ARG A CG  
565 C CD  A ARG A 76  ? 0.2428 0.2338 0.2072 -0.0852 -0.0020 -0.0415 335  ARG A CD  
566 C CD  B ARG A 76  ? 0.2111 0.2296 0.2239 -0.0366 0.0058  -0.0125 335  ARG A CD  
567 N NE  A ARG A 76  ? 0.2666 0.2716 0.2996 -0.0995 0.0054  -0.0276 335  ARG A NE  
568 N NE  B ARG A 76  ? 0.2456 0.2197 0.1581 -0.0253 -0.0277 -0.0066 335  ARG A NE  
569 C CZ  A ARG A 76  ? 0.2810 0.3087 0.2231 -0.0483 -0.0113 -0.0475 335  ARG A CZ  
570 C CZ  B ARG A 76  ? 0.2255 0.2765 0.1941 -0.0205 -0.0354 -0.0082 335  ARG A CZ  
571 N NH1 A ARG A 76  ? 0.3194 0.3243 0.2606 -0.0256 0.0147  -0.0280 335  ARG A NH1 
572 N NH1 B ARG A 76  ? 0.2099 0.2708 0.1887 -0.0311 -0.0754 0.0017  335  ARG A NH1 
573 N NH2 A ARG A 76  ? 0.3032 0.3507 0.3277 -0.0145 -0.0066 -0.0194 335  ARG A NH2 
574 N NH2 B ARG A 76  ? 0.2944 0.2865 0.2253 -0.0141 0.0343  0.0027  335  ARG A NH2 
575 N N   . VAL A 77  ? 0.1374 0.2840 0.0987 -0.0530 -0.0149 -0.0280 336  VAL A N   
576 C CA  . VAL A 77  ? 0.1495 0.2728 0.1459 -0.0060 -0.0669 -0.0092 336  VAL A CA  
577 C C   . VAL A 77  ? 0.1564 0.2427 0.1066 -0.0331 -0.0491 -0.0146 336  VAL A C   
578 O O   . VAL A 77  ? 0.2176 0.2635 0.0930 -0.0217 -0.0192 0.0280  336  VAL A O   
579 C CB  . VAL A 77  ? 0.2011 0.2553 0.1794 0.0198  -0.0334 0.0148  336  VAL A CB  
580 C CG1 . VAL A 77  ? 0.2357 0.3055 0.1999 0.0257  -0.0337 0.0318  336  VAL A CG1 
581 C CG2 . VAL A 77  ? 0.1551 0.2865 0.2136 -0.0312 -0.0144 0.0221  336  VAL A CG2 
582 N N   . LEU A 78  ? 0.1670 0.2419 0.1035 -0.0067 -0.0365 -0.0041 337  LEU A N   
583 C CA  . LEU A 78  ? 0.1722 0.1824 0.1236 -0.0138 -0.0305 -0.0138 337  LEU A CA  
584 C C   . LEU A 78  ? 0.1555 0.1620 0.1208 -0.0603 -0.0410 -0.0207 337  LEU A C   
585 O O   . LEU A 78  ? 0.2291 0.1767 0.1436 -0.0764 0.0053  0.0207  337  LEU A O   
586 C CB  . LEU A 78  ? 0.1625 0.1837 0.1123 -0.0220 -0.0110 -0.0075 337  LEU A CB  
587 C CG  . LEU A 78  ? 0.1783 0.1824 0.1596 0.0027  -0.0263 -0.0130 337  LEU A CG  
588 C CD1 . LEU A 78  ? 0.1549 0.2578 0.1405 0.0068  -0.0698 -0.0273 337  LEU A CD1 
589 C CD2 . LEU A 78  ? 0.2984 0.2005 0.2164 -0.0335 -0.0242 -0.0322 337  LEU A CD2 
590 N N   . ARG A 79  ? 0.1359 0.1700 0.1080 -0.0497 -0.0011 -0.0102 338  ARG A N   
591 C CA  . ARG A 79  ? 0.1145 0.1839 0.1067 -0.0482 -0.0099 -0.0071 338  ARG A CA  
592 C C   . ARG A 79  ? 0.1616 0.1792 0.1060 -0.0603 -0.0198 0.0263  338  ARG A C   
593 O O   . ARG A 79  ? 0.1918 0.2515 0.1173 -0.0574 0.0214  0.0199  338  ARG A O   
594 C CB  . ARG A 79  ? 0.1111 0.1813 0.0895 -0.0425 -0.0037 0.0030  338  ARG A CB  
595 C CG  . ARG A 79  ? 0.1426 0.1982 0.0940 -0.0341 -0.0117 -0.0013 338  ARG A CG  
596 C CD  . ARG A 79  ? 0.1073 0.1523 0.1344 -0.0442 -0.0051 0.0054  338  ARG A CD  
597 N NE  . ARG A 79  ? 0.1140 0.1808 0.0902 -0.0371 -0.0318 -0.0021 338  ARG A NE  
598 C CZ  . ARG A 79  ? 0.1365 0.2052 0.0868 -0.0374 -0.0233 0.0326  338  ARG A CZ  
599 N NH1 . ARG A 79  ? 0.1336 0.1669 0.1164 -0.0614 -0.0409 0.0037  338  ARG A NH1 
600 N NH2 . ARG A 79  ? 0.1593 0.1915 0.0934 -0.0541 -0.0137 0.0202  338  ARG A NH2 
601 N N   . ASP A 80  ? 0.1639 0.1827 0.1154 -0.0508 -0.0130 0.0150  339  ASP A N   
602 C CA  . ASP A 80  ? 0.1996 0.1894 0.0992 -0.0488 -0.0406 0.0105  339  ASP A CA  
603 C C   . ASP A 80  ? 0.2908 0.2225 0.1271 -0.0582 -0.0319 -0.0054 339  ASP A C   
604 O O   . ASP A 80  ? 0.4206 0.2470 0.1169 -0.0274 0.0018  0.0238  339  ASP A O   
605 C CB  . ASP A 80  ? 0.1628 0.2002 0.0925 -0.0178 -0.0408 -0.0085 339  ASP A CB  
606 C CG  . ASP A 80  ? 0.1493 0.2113 0.1357 0.0019  -0.0201 -0.0033 339  ASP A CG  
607 O OD1 . ASP A 80  ? 0.1604 0.1800 0.1200 -0.0444 -0.0293 0.0028  339  ASP A OD1 
608 O OD2 . ASP A 80  ? 0.1510 0.2465 0.1409 -0.0004 -0.0009 -0.0057 339  ASP A OD2 
609 N N   . ILE A 81  ? 0.2860 0.1937 0.1111 -0.0593 -0.0359 0.0145  340  ILE A N   
610 C CA  . ILE A 81  ? 0.2849 0.2177 0.1779 -0.0361 -0.0233 0.0280  340  ILE A CA  
611 C C   . ILE A 81  ? 0.2945 0.1967 0.1693 -0.0039 -0.0156 0.0199  340  ILE A C   
612 O O   . ILE A 81  ? 0.4259 0.2049 0.1995 -0.0855 0.0071  0.0191  340  ILE A O   
613 C CB  . ILE A 81  ? 0.2975 0.2005 0.3134 -0.0084 0.0173  0.0233  340  ILE A CB  
614 C CG1 . ILE A 81  ? 0.2800 0.2683 0.3310 -0.0025 -0.0157 -0.0009 340  ILE A CG1 
615 C CG2 . ILE A 81  ? 0.4001 0.2689 0.3367 -0.0546 -0.0027 0.0067  340  ILE A CG2 
616 C CD1 . ILE A 81  ? 0.3319 0.3246 0.3169 -0.0149 0.0105  -0.0341 340  ILE A CD1 
617 N N   . VAL A 82  ? 0.2104 0.2232 0.1682 -0.0906 -0.0281 0.0053  341  VAL A N   
618 C CA  . VAL A 82  ? 0.2555 0.2357 0.1716 -0.0970 0.0142  -0.0094 341  VAL A CA  
619 C C   . VAL A 82  ? 0.2768 0.2638 0.1880 -0.1055 -0.0146 -0.0294 341  VAL A C   
620 O O   . VAL A 82  ? 0.3778 0.3100 0.2052 -0.1301 0.0313  0.0030  341  VAL A O   
621 C CB  . VAL A 82  ? 0.2669 0.3164 0.1900 -0.0670 0.0143  -0.0091 341  VAL A CB  
622 C CG1 . VAL A 82  ? 0.3342 0.3671 0.1888 -0.1123 0.0157  0.0305  341  VAL A CG1 
623 C CG2 . VAL A 82  ? 0.2649 0.3181 0.1915 -0.0998 -0.0190 0.0115  341  VAL A CG2 
624 N N   . HIS A 83  ? 0.3213 0.2346 0.1604 -0.1069 -0.0114 -0.0167 342  HIS A N   
625 C CA  . HIS A 83  ? 0.3319 0.2504 0.1608 -0.0418 -0.0068 -0.0231 342  HIS A CA  
626 C C   . HIS A 83  ? 0.3748 0.3118 0.1811 -0.0179 -0.0560 -0.0154 342  HIS A C   
627 O O   . HIS A 83  ? 0.5650 0.3422 0.1999 -0.0114 0.0093  -0.0154 342  HIS A O   
628 C CB  . HIS A 83  ? 0.2893 0.2242 0.1967 -0.0666 -0.0226 -0.0356 342  HIS A CB  
629 C CG  . HIS A 83  ? 0.2898 0.2360 0.2142 -0.0587 -0.0096 -0.0159 342  HIS A CG  
630 N ND1 . HIS A 83  ? 0.2658 0.2669 0.1619 -0.0579 -0.0056 0.0292  342  HIS A ND1 
631 C CD2 . HIS A 83  ? 0.2317 0.2512 0.1428 -0.0723 0.0277  -0.0013 342  HIS A CD2 
632 C CE1 . HIS A 83  ? 0.1993 0.3442 0.1759 -0.0534 0.0089  0.0166  342  HIS A CE1 
633 N NE2 . HIS A 83  ? 0.1799 0.3359 0.1982 -0.0852 0.0157  -0.0273 342  HIS A NE2 
634 N N   . LYS A 84  ? 0.4188 0.3317 0.1994 0.0096  -0.0415 0.0192  343  LYS A N   
635 C CA  . LYS A 84  ? 0.4476 0.3776 0.2633 0.0096  -0.0542 0.0039  343  LYS A CA  
636 C C   . LYS A 84  ? 0.5104 0.4418 0.2825 -0.0241 -0.0453 0.0151  343  LYS A C   
637 O O   . LYS A 84  ? 0.6010 0.3823 0.2093 -0.0791 0.0044  0.0335  343  LYS A O   
638 C CB  . LYS A 84  ? 0.4808 0.4476 0.3944 0.0120  -0.0303 0.0004  343  LYS A CB  
639 C CG  . LYS A 84  ? 0.5086 0.4829 0.4440 0.0022  -0.0149 0.0049  343  LYS A CG  
640 C CD  . LYS A 84  ? 0.4985 0.4994 0.4815 0.0016  -0.0142 0.0072  343  LYS A CD  
641 C CE  . LYS A 84  ? 0.5129 0.5121 0.5275 -0.0026 -0.0031 -0.0041 343  LYS A CE  
642 N NZ  . LYS A 84  ? 0.5598 0.5717 0.5517 0.0187  -0.0009 0.0066  343  LYS A NZ  
643 N N   . PRO A 85  ? 0.5448 0.4738 0.3590 -0.0207 0.0048  0.0055  344  PRO A N   
644 C CA  . PRO A 85  ? 0.5324 0.4988 0.3777 -0.0090 0.0233  0.0017  344  PRO A CA  
645 C C   . PRO A 85  ? 0.4947 0.4712 0.4055 -0.0092 0.0026  0.0288  344  PRO A C   
646 O O   . PRO A 85  ? 0.5256 0.5437 0.4630 -0.0056 -0.0375 0.0371  344  PRO A O   
647 C CB  . PRO A 85  ? 0.5347 0.4901 0.3658 -0.0079 0.0048  0.0124  344  PRO A CB  
648 C CG  . PRO A 85  ? 0.5481 0.5326 0.4241 -0.0149 -0.0063 0.0061  344  PRO A CG  
649 C CD  . PRO A 85  ? 0.5694 0.5310 0.4498 -0.0096 -0.0081 0.0007  344  PRO A CD  
650 N N   . GLY A 86  ? 0.4953 0.4524 0.3407 -0.0261 0.0097  0.0045  345  GLY A N   
651 C CA  . GLY A 86  ? 0.4190 0.4660 0.2982 -0.0095 -0.0217 -0.0017 345  GLY A CA  
652 C C   . GLY A 86  ? 0.3302 0.3951 0.2465 -0.0276 -0.0463 -0.0040 345  GLY A C   
653 O O   . GLY A 86  ? 0.4028 0.4663 0.2689 0.0392  0.0172  -0.0109 345  GLY A O   
654 N N   . PRO A 87  ? 0.3252 0.4375 0.2169 -0.0294 -0.0297 -0.0399 346  PRO A N   
655 C CA  . PRO A 87  ? 0.2891 0.3829 0.2210 -0.0561 -0.0220 -0.0395 346  PRO A CA  
656 C C   . PRO A 87  ? 0.3008 0.3464 0.1944 -0.0747 0.0312  0.0198  346  PRO A C   
657 O O   . PRO A 87  ? 0.2642 0.5945 0.1593 -0.0984 0.0292  0.0040  346  PRO A O   
658 C CB  . PRO A 87  ? 0.3677 0.4124 0.2844 -0.0036 -0.0294 -0.0025 346  PRO A CB  
659 C CG  . PRO A 87  ? 0.3745 0.4483 0.3461 0.0037  -0.0078 -0.0313 346  PRO A CG  
660 C CD  . PRO A 87  ? 0.3935 0.4123 0.3243 -0.0090 -0.0290 -0.0209 346  PRO A CD  
661 N N   . ILE A 88  ? 0.3177 0.2572 0.2895 -0.0581 0.0270  -0.0185 347  ILE A N   
662 C CA  . ILE A 88  ? 0.1914 0.2124 0.1912 -0.0552 0.0473  -0.0005 347  ILE A CA  
663 C C   . ILE A 88  ? 0.1476 0.1954 0.1056 -0.0624 0.0088  0.0278  347  ILE A C   
664 O O   . ILE A 88  ? 0.1219 0.2207 0.1881 -0.0499 0.0337  -0.0085 347  ILE A O   
665 C CB  . ILE A 88  ? 0.1340 0.2554 0.2007 -0.0597 0.0507  -0.0355 347  ILE A CB  
666 C CG1 . ILE A 88  ? 0.1988 0.2522 0.3101 -0.0432 0.0297  -0.0281 347  ILE A CG1 
667 C CG2 . ILE A 88  ? 0.2048 0.2517 0.2206 -0.0215 0.0093  0.0342  347  ILE A CG2 
668 C CD1 . ILE A 88  ? 0.2788 0.2345 0.3866 -0.0116 0.0652  -0.0273 347  ILE A CD1 
669 N N   . VAL A 89  ? 0.1102 0.2056 0.0911 -0.0563 -0.0059 0.0101  348  VAL A N   
670 C CA  . VAL A 89  ? 0.1110 0.1784 0.0926 -0.0486 -0.0102 0.0075  348  VAL A CA  
671 C C   . VAL A 89  ? 0.1128 0.2133 0.0998 -0.0436 -0.0385 0.0262  348  VAL A C   
672 O O   . VAL A 89  ? 0.1431 0.3288 0.1240 -0.1441 -0.0476 0.0498  348  VAL A O   
673 C CB  . VAL A 89  ? 0.0866 0.1815 0.1155 -0.0434 -0.0028 0.0085  348  VAL A CB  
674 C CG1 . VAL A 89  ? 0.1587 0.1636 0.1518 -0.0210 -0.0225 -0.0297 348  VAL A CG1 
675 C CG2 . VAL A 89  ? 0.1235 0.2444 0.0891 -0.0569 -0.0131 0.0345  348  VAL A CG2 
676 N N   . LEU A 90  ? 0.0662 0.2005 0.1125 -0.0499 -0.0279 0.0046  349  LEU A N   
677 C CA  . LEU A 90  ? 0.1134 0.1872 0.0745 -0.0157 0.0147  0.0194  349  LEU A CA  
678 C C   . LEU A 90  ? 0.1002 0.1833 0.0708 -0.0274 -0.0197 0.0278  349  LEU A C   
679 O O   . LEU A 90  ? 0.1196 0.1833 0.1343 -0.0492 0.0074  0.0060  349  LEU A O   
680 C CB  . LEU A 90  ? 0.1268 0.2013 0.1425 -0.0127 -0.0229 0.0227  349  LEU A CB  
681 C CG  . LEU A 90  ? 0.1829 0.2474 0.1489 0.0328  -0.0094 0.0350  349  LEU A CG  
682 C CD1 . LEU A 90  ? 0.2091 0.2766 0.1854 0.0504  -0.0569 0.0008  349  LEU A CD1 
683 C CD2 . LEU A 90  ? 0.2875 0.2274 0.2469 -0.0057 -0.0841 -0.0185 349  LEU A CD2 
684 N N   . THR A 91  ? 0.1106 0.1689 0.0906 -0.0342 0.0074  0.0236  350  THR A N   
685 C CA  . THR A 91  ? 0.1280 0.1541 0.0902 -0.0337 -0.0053 0.0272  350  THR A CA  
686 C C   . THR A 91  ? 0.1312 0.1719 0.0840 -0.0340 0.0104  0.0109  350  THR A C   
687 O O   . THR A 91  ? 0.1244 0.1771 0.0997 -0.0463 0.0010  0.0192  350  THR A O   
688 C CB  . THR A 91  ? 0.1141 0.1648 0.1159 -0.0201 -0.0131 0.0226  350  THR A CB  
689 O OG1 . THR A 91  ? 0.1318 0.1903 0.0861 -0.0220 -0.0236 0.0346  350  THR A OG1 
690 C CG2 . THR A 91  ? 0.1381 0.1795 0.0896 -0.0193 0.0017  0.0244  350  THR A CG2 
691 N N   . VAL A 92  ? 0.1714 0.1263 0.0796 -0.0498 0.0114  0.0141  351  VAL A N   
692 C CA  . VAL A 92  ? 0.1365 0.1603 0.0755 -0.0302 -0.0023 0.0129  351  VAL A CA  
693 C C   . VAL A 92  ? 0.1331 0.1530 0.1071 -0.0221 -0.0194 0.0319  351  VAL A C   
694 O O   . VAL A 92  ? 0.2103 0.1552 0.0794 -0.0361 -0.0052 0.0224  351  VAL A O   
695 C CB  . VAL A 92  ? 0.1688 0.1674 0.0798 -0.0191 -0.0049 0.0209  351  VAL A CB  
696 C CG1 . VAL A 92  ? 0.1665 0.1765 0.1101 -0.0304 0.0035  -0.0144 351  VAL A CG1 
697 C CG2 . VAL A 92  ? 0.1730 0.1672 0.1377 -0.0486 -0.0019 0.0275  351  VAL A CG2 
698 N N   . ALA A 93  ? 0.2158 0.1421 0.0890 -0.0249 -0.0055 0.0335  352  ALA A N   
699 C CA  . ALA A 93  ? 0.2164 0.1552 0.0931 -0.0140 -0.0177 0.0018  352  ALA A CA  
700 C C   . ALA A 93  ? 0.1895 0.1501 0.1041 -0.0160 0.0146  -0.0062 352  ALA A C   
701 O O   . ALA A 93  ? 0.1852 0.1769 0.1223 -0.0193 -0.0115 0.0017  352  ALA A O   
702 C CB  . ALA A 93  ? 0.1836 0.2137 0.1039 -0.0310 0.0295  0.0145  352  ALA A CB  
703 N N   . LYS A 94  ? 0.2128 0.1509 0.1294 -0.0283 -0.0107 -0.0015 353  LYS A N   
704 C CA  . LYS A 94  ? 0.2165 0.1905 0.1234 -0.0189 0.0099  0.0089  353  LYS A CA  
705 C C   . LYS A 94  ? 0.2501 0.2352 0.1539 -0.0553 0.0258  0.0266  353  LYS A C   
706 O O   . LYS A 94  ? 0.3538 0.2490 0.1463 -0.0597 0.0151  0.0000  353  LYS A O   
707 C CB  . LYS A 94  ? 0.2477 0.2273 0.1450 -0.0523 0.0054  -0.0022 353  LYS A CB  
708 C CG  . LYS A 94  ? 0.2192 0.1882 0.1518 -0.0389 -0.0071 -0.0030 353  LYS A CG  
709 C CD  . LYS A 94  ? 0.2132 0.1903 0.1194 -0.0351 -0.0201 0.0199  353  LYS A CD  
710 C CE  . LYS A 94  ? 0.2282 0.1860 0.1091 -0.0620 -0.0406 0.0068  353  LYS A CE  
711 N NZ  . LYS A 94  ? 0.2249 0.1868 0.1199 -0.0482 0.0322  -0.0148 353  LYS A NZ  
712 N N   . SER A 95  ? 0.2246 0.2465 0.1345 -0.0536 0.0099  0.0148  354  SER A N   
713 C CA  . SER A 95  ? 0.2239 0.2133 0.1206 -0.0375 0.0075  0.0420  354  SER A CA  
714 C C   . SER A 95  ? 0.2347 0.2656 0.0868 -0.0515 -0.0246 0.0247  354  SER A C   
715 O O   . SER A 95  ? 0.3323 0.2582 0.1377 -0.0605 -0.0700 0.0194  354  SER A O   
716 C CB  . SER A 95  ? 0.2022 0.3047 0.1656 -0.0778 0.0071  -0.0225 354  SER A CB  
717 O OG  . SER A 95  ? 0.1971 0.2572 0.1490 -0.0762 0.0055  0.0097  354  SER A OG  
718 N N   . GLY A 96  ? 0.2317 0.2192 0.1136 -0.0365 0.0017  0.0159  355  GLY A N   
719 C CA  . GLY A 96  ? 0.2469 0.2046 0.1690 -0.0266 -0.0127 0.0380  355  GLY A CA  
720 C C   . GLY A 96  ? 0.2395 0.2586 0.2176 -0.0357 -0.0368 0.0622  355  GLY A C   
721 O O   . GLY A 96  ? 0.2573 0.3362 0.2585 -0.0043 0.0040  0.0699  355  GLY A O   
722 N N   . GLY A 97  ? 0.1889 0.2846 0.2746 -0.0623 -0.0358 -0.0096 356  GLY A N   
723 C CA  . GLY A 97  ? 0.2772 0.3284 0.2329 -0.0519 -0.0315 0.0201  356  GLY A CA  
724 C C   . GLY A 97  ? 0.3475 0.3372 0.2045 0.0390  0.0034  0.0110  356  GLY A C   
725 O O   . GLY A 97  ? 0.3109 0.3289 0.2774 -0.0576 -0.0170 -0.0040 356  GLY A O   
726 N N   . SER A 99  ? 0.2392 0.3360 0.2202 -0.1111 0.0756  0.0235  358  SER A N   
727 C CA  . SER A 99  ? 0.2580 0.2688 0.2283 -0.0846 0.0407  0.0699  358  SER A CA  
728 C C   . SER A 99  ? 0.2590 0.2790 0.1772 -0.0375 0.0435  -0.0310 358  SER A C   
729 O O   . SER A 99  ? 0.3356 0.3299 0.2665 -0.1108 0.0318  -0.0486 358  SER A O   
730 C CB  . SER A 99  ? 0.2277 0.2720 0.2391 -0.0621 0.0146  0.0763  358  SER A CB  
731 O OG  . SER A 99  ? 0.2561 0.3098 0.2001 -0.0724 -0.0201 0.0402  358  SER A OG  
732 N N   . GLY A 100 ? 0.2509 0.2276 0.1789 -0.0351 0.0271  0.0059  359  GLY A N   
733 C CA  . GLY A 100 ? 0.2084 0.2074 0.1598 -0.0222 0.0074  0.0186  359  GLY A CA  
734 C C   . GLY A 100 ? 0.1859 0.2107 0.1331 -0.0540 -0.0075 0.0137  359  GLY A C   
735 O O   . GLY A 100 ? 0.1673 0.2100 0.1211 -0.0358 0.0071  0.0047  359  GLY A O   
736 N N   . ASN A 101 ? 0.2011 0.2400 0.2101 -0.0311 0.0651  0.0346  360  ASN A N   
737 C CA  . ASN A 101 ? 0.2125 0.2401 0.1919 0.0066  0.0489  0.0697  360  ASN A CA  
738 C C   . ASN A 101 ? 0.1686 0.3190 0.1643 -0.0361 0.0388  0.0326  360  ASN A C   
739 O O   . ASN A 101 ? 0.2193 0.2851 0.1639 -0.0893 0.0192  -0.0023 360  ASN A O   
740 C CB  . ASN A 101 ? 0.2307 0.2720 0.3278 -0.0162 0.0926  0.0741  360  ASN A CB  
741 C CG  . ASN A 101 ? 0.3038 0.3913 0.3609 -0.0199 0.0715  0.0287  360  ASN A CG  
742 O OD1 . ASN A 101 ? 0.3038 0.4951 0.4445 -0.0271 0.0444  0.0331  360  ASN A OD1 
743 N ND2 . ASN A 101 ? 0.3732 0.4424 0.3879 -0.0561 0.0482  -0.0033 360  ASN A ND2 
744 N N   . GLU A 102 ? 0.1138 0.2756 0.2050 -0.0883 -0.0112 0.0133  361  GLU A N   
745 C CA  . GLU A 102 ? 0.1422 0.2150 0.1440 -0.0470 -0.0028 0.0204  361  GLU A CA  
746 C C   . GLU A 102 ? 0.1487 0.2131 0.1690 -0.0239 -0.0031 0.0275  361  GLU A C   
747 O O   . GLU A 102 ? 0.1724 0.2112 0.2364 -0.0188 -0.0031 0.0194  361  GLU A O   
748 C CB  . GLU A 102 ? 0.2270 0.2116 0.1848 -0.0279 -0.0155 0.0183  361  GLU A CB  
749 C CG  . GLU A 102 ? 0.1705 0.2978 0.1321 -0.0685 0.0000  0.0033  361  GLU A CG  
750 C CD  . GLU A 102 ? 0.1571 0.3432 0.1930 -0.0352 -0.0453 0.0652  361  GLU A CD  
751 O OE1 . GLU A 102 ? 0.2060 0.5248 0.2621 -0.0275 -0.0525 0.0799  361  GLU A OE1 
752 O OE2 . GLU A 102 ? 0.1504 0.3455 0.1497 -0.0449 -0.0057 0.0594  361  GLU A OE2 
753 N N   . VAL A 103 ? 0.1145 0.1621 0.1243 -0.0384 -0.0012 -0.0050 362  VAL A N   
754 C CA  . VAL A 103 ? 0.1328 0.1601 0.1102 -0.0344 -0.0011 -0.0100 362  VAL A CA  
755 C C   . VAL A 103 ? 0.1278 0.1475 0.1134 -0.0325 -0.0008 -0.0367 362  VAL A C   
756 O O   . VAL A 103 ? 0.1403 0.1578 0.1073 -0.0459 0.0130  0.0124  362  VAL A O   
757 C CB  . VAL A 103 ? 0.1640 0.2162 0.0903 -0.0639 -0.0270 0.0223  362  VAL A CB  
758 C CG1 . VAL A 103 ? 0.2278 0.1884 0.1118 -0.0979 0.0024  -0.0327 362  VAL A CG1 
759 C CG2 . VAL A 103 ? 0.1791 0.2311 0.1694 -0.0785 0.0472  0.0115  362  VAL A CG2 
760 N N   . TRP A 104 ? 0.1199 0.1693 0.1156 -0.0287 0.0101  0.0004  363  TRP A N   
761 C CA  . TRP A 104 ? 0.1373 0.1478 0.1067 -0.0324 0.0048  -0.0027 363  TRP A CA  
762 C C   . TRP A 104 ? 0.1428 0.1505 0.1052 -0.0482 0.0040  0.0025  363  TRP A C   
763 O O   . TRP A 104 ? 0.1779 0.1861 0.1129 -0.0384 0.0218  -0.0099 363  TRP A O   
764 C CB  . TRP A 104 ? 0.1894 0.1708 0.1006 -0.0334 0.0091  0.0127  363  TRP A CB  
765 C CG  . TRP A 104 ? 0.1513 0.1770 0.1243 -0.0471 0.0003  0.0078  363  TRP A CG  
766 C CD1 . TRP A 104 ? 0.2220 0.2448 0.0993 -0.0022 0.0210  0.0054  363  TRP A CD1 
767 C CD2 . TRP A 104 ? 0.1389 0.1690 0.1162 -0.0348 -0.0134 0.0256  363  TRP A CD2 
768 N NE1 . TRP A 104 ? 0.1926 0.2733 0.1471 -0.0109 -0.0345 -0.0108 363  TRP A NE1 
769 C CE2 . TRP A 104 ? 0.1834 0.2002 0.1358 -0.0215 -0.0057 0.0104  363  TRP A CE2 
770 C CE3 . TRP A 104 ? 0.1604 0.2052 0.1317 -0.0489 0.0062  0.0338  363  TRP A CE3 
771 C CZ2 . TRP A 104 ? 0.2039 0.2227 0.0980 -0.0160 -0.0238 0.0348  363  TRP A CZ2 
772 C CZ3 . TRP A 104 ? 0.1729 0.2286 0.1294 -0.0376 0.0263  0.0349  363  TRP A CZ3 
773 C CH2 . TRP A 104 ? 0.1895 0.2297 0.1116 -0.0319 0.0070  0.0005  363  TRP A CH2 
774 N N   . ILE A 105 ? 0.1564 0.1596 0.0764 -0.0408 0.0158  -0.0045 364  ILE A N   
775 C CA  . ILE A 105 ? 0.1526 0.1587 0.1315 -0.0687 0.0102  0.0077  364  ILE A CA  
776 C C   . ILE A 105 ? 0.1255 0.1859 0.0908 -0.0372 -0.0044 -0.0059 364  ILE A C   
777 O O   . ILE A 105 ? 0.1394 0.1927 0.1134 -0.0708 0.0095  -0.0133 364  ILE A O   
778 C CB  . ILE A 105 ? 0.1469 0.1699 0.0823 -0.0373 0.0099  0.0173  364  ILE A CB  
779 C CG1 . ILE A 105 ? 0.1715 0.1404 0.0990 -0.0284 -0.0008 0.0205  364  ILE A CG1 
780 C CG2 . ILE A 105 ? 0.1475 0.2132 0.1019 -0.0682 -0.0148 0.0130  364  ILE A CG2 
781 C CD1 . ILE A 105 ? 0.1973 0.1864 0.0794 -0.0569 0.0223  0.0431  364  ILE A CD1 
782 N N   . ASP A 106 ? 0.1901 0.1491 0.1276 -0.0827 0.0347  0.0106  365  ASP A N   
783 C CA  . ASP A 106 ? 0.1901 0.1904 0.1399 -0.0331 0.0627  0.0050  365  ASP A CA  
784 C C   . ASP A 106 ? 0.2567 0.2157 0.2605 -0.0416 0.0795  0.0226  365  ASP A C   
785 O O   . ASP A 106 ? 0.2693 0.2863 0.2617 -0.0223 0.0497  0.1405  365  ASP A O   
786 C CB  . ASP A 106 ? 0.1908 0.1710 0.1745 -0.0615 0.0385  -0.0287 365  ASP A CB  
787 C CG  . ASP A 106 ? 0.1923 0.2476 0.1377 -0.0589 0.0455  -0.0205 365  ASP A CG  
788 O OD1 . ASP A 106 ? 0.2210 0.2400 0.1155 -0.0661 0.0222  -0.0189 365  ASP A OD1 
789 O OD2 . ASP A 106 ? 0.1885 0.2878 0.1346 -0.0525 0.0234  -0.0329 365  ASP A OD2 
790 N N   . GLY A 107 ? 0.3202 0.2269 0.3078 -0.0193 0.1158  0.0475  366  GLY A N   
791 C CA  . GLY A 107 ? 0.3020 0.2904 0.3253 0.0174  0.0610  0.0265  366  GLY A CA  
792 C C   . GLY A 107 ? 0.2442 0.2347 0.2193 -0.0458 0.0211  0.0097  366  GLY A C   
793 O O   . GLY A 107 ? 0.3590 0.2775 0.2510 -0.0192 0.0946  0.0324  366  GLY A O   
794 N N   . PRO A 108 ? 0.3404 0.2645 0.2505 0.0242  -0.0015 0.0089  367  PRO A N   
795 C CA  . PRO A 108 ? 0.3020 0.3312 0.2802 -0.0080 0.0188  0.0295  367  PRO A CA  
796 C C   . PRO A 108 ? 0.3523 0.3784 0.3581 0.0000  0.0302  0.0042  367  PRO A C   
797 O O   . PRO A 108 ? 0.4206 0.4704 0.4121 -0.0629 -0.0065 0.0149  367  PRO A O   
798 C CB  . PRO A 108 ? 0.3809 0.3130 0.2273 -0.0096 0.0114  0.0417  367  PRO A CB  
799 C CG  . PRO A 108 ? 0.3364 0.2517 0.3243 -0.0422 0.0397  0.0723  367  PRO A CG  
800 C CD  . PRO A 108 ? 0.3027 0.2181 0.1939 0.0222  -0.0136 0.0197  367  PRO A CD  
801 O OXT . PRO A 108 ? 0.4351 0.3951 0.2697 0.0012  0.0769  0.0327  367  PRO A OXT 
802 P P   . PO4 B .   ? 0.2958 0.2729 0.2258 -0.0557 -0.0261 0.0216  2001 PO4 A P   
803 O O1  . PO4 B .   ? 0.3818 0.2403 0.3470 -0.0377 -0.0131 0.0828  2001 PO4 A O1  
804 O O2  . PO4 B .   ? 0.1835 0.1940 0.2755 -0.0442 0.0096  0.0495  2001 PO4 A O2  
805 O O3  . PO4 B .   ? 0.3275 0.2872 0.4532 -0.0460 0.0619  -0.0053 2001 PO4 A O3  
806 O O4  . PO4 B .   ? 0.3988 0.3702 0.2645 -0.0848 -0.0604 -0.0145 2001 PO4 A O4  
807 C C1  . EDO C .   ? 0.3312 0.2804 0.2996 0.0119  0.0494  0.0733  2002 EDO A C1  
808 O O1  . EDO C .   ? 0.2781 0.2410 0.2364 -0.0130 0.0039  0.0700  2002 EDO A O1  
809 C C2  . EDO C .   ? 0.3057 0.2432 0.2688 -0.0649 -0.1348 0.0304  2002 EDO A C2  
810 O O2  . EDO C .   ? 0.2784 0.2168 0.1422 -0.0768 -0.0619 0.0225  2002 EDO A O2  
811 C C1  . EDO D .   ? 0.3591 0.3421 0.4332 0.0049  -0.0051 0.0536  2003 EDO A C1  
812 O O1  . EDO D .   ? 0.2470 0.3369 0.3843 -0.0249 0.0201  0.1031  2003 EDO A O1  
813 C C2  . EDO D .   ? 0.3767 0.3436 0.3925 0.0102  -0.0107 0.0155  2003 EDO A C2  
814 O O2  . EDO D .   ? 0.2865 0.3191 0.4194 0.0104  -0.0397 0.0360  2003 EDO A O2  
815 O O   . HOH E .   ? 0.1168 0.2222 0.1005 -0.0078 -0.0099 0.0273  1001 HOH A O   
816 O O   . HOH E .   ? 0.1662 0.2395 0.1410 -0.0422 -0.0277 0.0418  1002 HOH A O   
817 O O   . HOH E .   ? 0.1218 0.2409 0.1662 -0.0312 -0.0026 0.0344  1003 HOH A O   
818 O O   . HOH E .   ? 0.1455 0.1483 0.1318 -0.0541 0.0004  0.0152  1004 HOH A O   
819 O O   . HOH E .   ? 0.1316 0.2371 0.1278 0.0076  0.0022  0.0690  1005 HOH A O   
820 O O   . HOH E .   ? 0.1254 0.2373 0.0973 -0.0693 -0.0078 0.0293  1006 HOH A O   
821 O O   . HOH E .   ? 0.2188 0.2437 0.1794 -0.0588 -0.0022 0.0176  1007 HOH A O   
822 O O   . HOH E .   ? 0.2307 0.2602 0.3075 0.0262  0.0846  0.0409  1008 HOH A O   
823 O O   . HOH E .   ? 0.1657 0.3387 0.1673 -0.0789 0.0295  0.0075  1009 HOH A O   
824 O O   . HOH E .   ? 0.4484 0.2506 0.1906 -0.0640 0.0908  0.0076  1010 HOH A O   
825 O O   . HOH E .   ? 0.1953 0.3873 0.2023 0.0228  0.0592  0.0633  1011 HOH A O   
826 O O   . HOH E .   ? 0.3450 0.3051 0.1731 -0.1631 -0.0253 0.0175  1012 HOH A O   
827 O O   . HOH E .   ? 0.3009 0.3511 0.1684 -0.0627 0.0031  0.0360  1013 HOH A O   
828 O O   . HOH E .   ? 0.2414 0.3626 0.3231 -0.0842 -0.0523 0.0384  1014 HOH A O   
829 O O   . HOH E .   ? 0.2336 0.4663 0.1732 -0.0675 -0.0351 -0.0295 1015 HOH A O   
830 O O   . HOH E .   ? 0.2792 0.3592 0.1443 -0.1883 0.0685  -0.0379 1016 HOH A O   
831 O O   . HOH E .   ? 0.3403 0.3746 0.5206 -0.0247 0.0495  0.0876  1017 HOH A O   
832 O O   . HOH E .   ? 0.2378 0.2519 0.2090 -0.0234 0.0111  -0.0176 1018 HOH A O   
833 O O   . HOH E .   ? 0.3786 0.4857 0.2885 -0.0795 0.0394  0.0347  1019 HOH A O   
834 O O   . HOH E .   ? 0.1920 0.3868 0.3781 -0.1109 0.0261  -0.0120 1020 HOH A O   
835 O O   . HOH E .   ? 0.1888 0.3037 0.3153 -0.0770 -0.0306 0.0636  1021 HOH A O   
836 O O   . HOH E .   ? 0.2632 0.3729 0.3085 -0.0657 0.0193  -0.0984 1022 HOH A O   
837 O O   . HOH E .   ? 0.3694 0.3345 0.1982 -0.0337 0.0660  0.0116  1023 HOH A O   
838 O O   . HOH E .   ? 0.2642 0.3634 0.5672 -0.0869 0.0297  0.1199  1024 HOH A O   
839 O O   . HOH E .   ? 0.3493 0.5135 0.4879 -0.1064 0.0040  0.0045  1025 HOH A O   
840 O O   . HOH E .   ? 0.3841 0.2592 0.4201 -0.1070 -0.1301 0.0554  1026 HOH A O   
841 O O   . HOH E .   ? 0.5391 0.3718 0.3633 0.0980  -0.1098 0.0712  1027 HOH A O   
842 O O   . HOH E .   ? 0.3654 0.4067 0.1696 0.0180  0.0447  0.0452  1028 HOH A O   
843 O O   . HOH E .   ? 0.4096 0.3972 0.3449 -0.1345 0.0623  -0.1136 1029 HOH A O   
844 O O   . HOH E .   ? 0.5288 0.3214 0.2496 -0.0885 -0.0436 0.0421  1030 HOH A O   
845 O O   . HOH E .   ? 0.3782 0.3903 0.6035 -0.0128 -0.0091 0.0507  1031 HOH A O   
846 O O   . HOH E .   ? 0.5325 0.5095 0.4061 0.0538  -0.0724 -0.0246 1032 HOH A O   
847 O O   . HOH E .   ? 0.3186 0.4124 0.5124 0.0532  0.0090  0.0509  1033 HOH A O   
848 O O   . HOH E .   ? 0.4993 0.4071 0.3514 -0.1702 0.0283  -0.0198 1034 HOH A O   
849 O O   . HOH E .   ? 0.2664 0.5212 0.4299 -0.0633 -0.0342 0.1911  1035 HOH A O   
850 O O   . HOH E .   ? 0.3488 0.3735 0.2777 -0.0038 -0.1205 -0.0224 1036 HOH A O   
851 O O   . HOH E .   ? 0.3580 0.4471 0.4175 -0.1546 0.0326  -0.0689 1037 HOH A O   
852 O O   . HOH E .   ? 0.5585 0.3651 0.5009 0.0952  -0.0458 -0.1624 1038 HOH A O   
853 O O   . HOH E .   ? 0.4050 0.4142 0.4805 -0.0491 0.0476  0.0113  1039 HOH A O   
854 O O   . HOH E .   ? 0.2038 0.4119 0.3666 -0.0911 -0.0541 0.0929  1040 HOH A O   
855 O O   . HOH E .   ? 0.4552 0.4574 0.3591 -0.0423 -0.1037 -0.0583 1041 HOH A O   
856 O O   . HOH E .   ? 0.4763 0.4647 0.3786 0.0123  -0.0771 -0.0163 1042 HOH A O   
857 O O   . HOH E .   ? 0.6471 0.6402 0.5747 0.0254  -0.0101 -0.0670 1043 HOH A O   
858 O O   . HOH E .   ? 0.3381 0.5553 0.5469 -0.0485 0.0455  -0.0303 1044 HOH A O   
859 O O   . HOH E .   ? 0.5609 0.5347 0.4977 -0.0028 0.0025  0.0605  1045 HOH A O   
860 O O   . HOH E .   ? 0.5391 0.4111 0.3517 -0.0186 0.0819  -0.0192 1046 HOH A O   
861 O O   . HOH E .   ? 0.5084 0.4494 0.3489 -0.0040 0.0415  -0.0065 1047 HOH A O   
862 O O   . HOH E .   ? 0.3291 0.4667 0.3383 -0.1094 -0.0292 -0.0427 1048 HOH A O   
863 O O   . HOH E .   ? 0.3725 0.5705 0.6105 -0.1134 0.0514  -0.0305 1049 HOH A O   
864 O O   . HOH E .   ? 0.3018 0.4704 0.2383 -0.0633 0.0252  -0.0287 1050 HOH A O   
865 O O   . HOH E .   ? 0.4900 0.3882 0.4111 -0.0295 -0.0343 -0.1426 1051 HOH A O   
866 O O   . HOH E .   ? 0.3753 0.5974 0.3245 0.0545  0.0072  -0.0054 1052 HOH A O   
867 O O   . HOH E .   ? 0.7486 0.6862 0.6414 0.0004  0.0545  -0.0585 1053 HOH A O   
868 O O   . HOH E .   ? 0.3480 0.4034 0.5017 -0.0909 -0.0121 -0.1036 1054 HOH A O   
869 O O   . HOH E .   ? 0.4422 0.5483 0.3702 -0.0199 -0.0599 -0.0410 1055 HOH A O   
870 O O   . HOH E .   ? 0.6302 0.5996 0.6919 0.0520  0.0065  -0.0159 1056 HOH A O   
871 O O   . HOH E .   ? 0.4118 0.6416 0.4963 0.0392  -0.1750 0.0178  1057 HOH A O   
872 O O   . HOH E .   ? 0.6879 0.7500 0.7038 -0.0411 -0.0161 0.0032  1058 HOH A O   
873 O O   . HOH E .   ? 0.7051 0.6294 0.5956 0.0334  -0.0410 -0.0095 1059 HOH A O   
874 O O   . HOH E .   ? 0.5417 0.5554 0.5948 -0.0790 -0.0181 -0.0273 1060 HOH A O   
875 O O   . HOH E .   ? 0.5339 0.3738 0.3536 -0.0928 -0.1281 0.0366  1061 HOH A O   
876 O O   . HOH E .   ? 0.6703 0.6300 0.6098 0.0603  0.0002  0.0424  1062 HOH A O   
877 O O   . HOH E .   ? 0.3794 0.5490 0.4558 0.0485  -0.1516 0.0024  1063 HOH A O   
878 O O   . HOH E .   ? 0.5049 0.5315 0.4286 -0.0134 -0.0815 -0.0488 1064 HOH A O   
879 O O   . HOH E .   ? 0.2407 0.6713 0.4502 -0.0837 0.0286  -0.0557 1065 HOH A O   
880 O O   . HOH E .   ? 0.5624 0.5523 0.5554 -0.0954 -0.0325 -0.0954 1066 HOH A O   
881 O O   . HOH E .   ? 0.5210 0.5432 0.3227 0.0164  -0.0452 0.0182  1067 HOH A O   
882 O O   . HOH E .   ? 0.4594 0.5730 0.6550 -0.1146 0.0699  0.0775  1068 HOH A O   
883 O O   . HOH E .   ? 0.6205 0.6519 0.6858 0.0097  -0.0131 0.0280  1069 HOH A O   
884 O O   . HOH E .   ? 0.5093 0.4434 0.5493 -0.0541 0.0532  0.0350  1070 HOH A O   
885 O O   . HOH E .   ? 0.5740 0.5756 0.5538 -0.1014 -0.0959 -0.0382 1071 HOH A O   
886 O O   . HOH E .   ? 0.5191 0.5258 0.4054 -0.0951 -0.0992 0.0372  1072 HOH A O   
887 O O   . HOH E .   ? 0.3736 0.4041 0.3237 -0.0711 -0.0212 -0.0500 1073 HOH A O   
888 O O   . HOH E .   ? 0.3755 0.3271 0.3115 -0.1046 0.0539  0.0407  1074 HOH A O   
889 O O   . HOH E .   ? 0.4621 0.6260 0.4024 0.0371  -0.0750 0.0281  1075 HOH A O   
890 O O   . HOH E .   ? 0.4938 0.4378 0.4073 -0.0561 -0.0942 0.0567  1076 HOH A O   
891 O O   . HOH E .   ? 0.5529 0.5661 0.4614 0.0368  -0.0868 0.0767  1077 HOH A O   
892 O O   . HOH E .   ? 0.5229 0.4489 0.6183 -0.0878 -0.0416 -0.1003 1078 HOH A O   
893 O O   . HOH E .   ? 0.4263 0.4575 0.5383 0.0752  0.0357  -0.0741 1079 HOH A O   
894 O O   . HOH E .   ? 0.3218 0.6293 0.5203 0.0131  -0.1560 0.0288  1080 HOH A O   
895 O O   . HOH E .   ? 0.5221 0.6144 0.6078 0.0037  0.0137  -0.0214 1081 HOH A O   
896 O O   . HOH E .   ? 0.4587 0.5214 0.4947 -0.0619 -0.0522 -0.0248 1082 HOH A O   
897 O O   . HOH E .   ? 0.5953 0.6041 0.6568 -0.0499 -0.0342 -0.0101 1083 HOH A O   
898 O O   . HOH E .   ? 0.4937 0.6781 0.3694 -0.0431 -0.1753 -0.0664 1085 HOH A O   
899 O O   . HOH E .   ? 0.4429 0.4626 0.2731 -0.2220 -0.0799 0.0976  1086 HOH A O   
900 O O   . HOH E .   ? 0.3994 0.6055 0.2634 0.0578  0.0144  0.1074  1087 HOH A O   
901 O O   . HOH E .   ? 0.4792 0.5180 0.3321 0.1312  -0.0831 0.0593  1088 HOH A O   
# 
loop_
_pdbx_poly_seq_scheme.asym_id 
_pdbx_poly_seq_scheme.entity_id 
_pdbx_poly_seq_scheme.seq_id 
_pdbx_poly_seq_scheme.mon_id 
_pdbx_poly_seq_scheme.ndb_seq_num 
_pdbx_poly_seq_scheme.pdb_seq_num 
_pdbx_poly_seq_scheme.auth_seq_num 
_pdbx_poly_seq_scheme.pdb_mon_id 
_pdbx_poly_seq_scheme.auth_mon_id 
_pdbx_poly_seq_scheme.pdb_strand_id 
_pdbx_poly_seq_scheme.pdb_ins_code 
_pdbx_poly_seq_scheme.hetero 
A 1 1   GLY 1   260 ?   ?   ?   A . n 
A 1 2   SER 2   261 ?   ?   ?   A . n 
A 1 3   HIS 3   262 ?   ?   ?   A . n 
A 1 4   MET 4   263 263 MET MET A . n 
A 1 5   ASN 5   264 264 ASN ASN A . n 
A 1 6   ILE 6   265 265 ILE ILE A . n 
A 1 7   ILE 7   266 266 ILE ILE A . n 
A 1 8   THR 8   267 267 THR THR A . n 
A 1 9   VAL 9   268 268 VAL VAL A . n 
A 1 10  THR 10  269 269 THR THR A . n 
A 1 11  LEU 11  270 270 LEU LEU A . n 
A 1 12  ASN 12  271 271 ASN ASN A . n 
A 1 13  MET 13  272 272 MET MET A . n 
A 1 14  GLU 14  273 273 GLU GLU A . n 
A 1 15  LYS 15  274 274 LYS LYS A . n 
A 1 16  TYR 16  275 275 TYR TYR A . n 
A 1 17  ASN 17  276 276 ASN ASN A . n 
A 1 18  PHE 18  277 277 PHE PHE A . n 
A 1 19  LEU 19  278 278 LEU LEU A . n 
A 1 20  GLY 20  279 279 GLY GLY A . n 
A 1 21  ILE 21  280 280 ILE ILE A . n 
A 1 22  SER 22  281 281 SER SER A . n 
A 1 23  ILE 23  282 282 ILE ILE A . n 
A 1 24  VAL 24  283 283 VAL VAL A . n 
A 1 25  GLY 25  284 284 GLY GLY A . n 
A 1 26  GLN 26  285 285 GLN GLN A . n 
A 1 27  SER 27  286 286 SER SER A . n 
A 1 28  ASN 28  287 287 ASN ASN A . n 
A 1 29  GLU 29  288 288 GLU GLU A . n 
A 1 30  ARG 30  289 289 ARG ARG A . n 
A 1 31  GLY 31  290 290 GLY GLY A . n 
A 1 32  ASP 32  291 291 ASP ASP A . n 
A 1 33  GLY 33  292 292 GLY GLY A . n 
A 1 34  GLY 34  293 293 GLY GLY A . n 
A 1 35  ILE 35  294 294 ILE ILE A . n 
A 1 36  TYR 36  295 295 TYR TYR A . n 
A 1 37  ILE 37  296 296 ILE ILE A . n 
A 1 38  GLY 38  297 297 GLY GLY A . n 
A 1 39  SER 39  298 298 SER SER A . n 
A 1 40  ILE 40  299 299 ILE ILE A . n 
A 1 41  MET 41  300 300 MET MET A . n 
A 1 42  LYS 42  301 301 LYS LYS A . n 
A 1 43  GLY 43  302 302 GLY GLY A . n 
A 1 44  GLY 44  303 303 GLY GLY A . n 
A 1 45  ALA 45  304 304 ALA ALA A . n 
A 1 46  VAL 46  305 305 VAL VAL A . n 
A 1 47  ALA 47  306 306 ALA ALA A . n 
A 1 48  ALA 48  307 307 ALA ALA A . n 
A 1 49  ASP 49  308 308 ASP ASP A . n 
A 1 50  GLY 50  309 309 GLY GLY A . n 
A 1 51  ARG 51  310 310 ARG ARG A . n 
A 1 52  ILE 52  311 311 ILE ILE A . n 
A 1 53  GLU 53  312 312 GLU GLU A . n 
A 1 54  PRO 54  313 313 PRO PRO A . n 
A 1 55  GLY 55  314 314 GLY GLY A . n 
A 1 56  ASP 56  315 315 ASP ASP A . n 
A 1 57  MET 57  316 316 MET MET A . n 
A 1 58  LEU 58  317 317 LEU LEU A . n 
A 1 59  LEU 59  318 318 LEU LEU A . n 
A 1 60  GLN 60  319 319 GLN GLN A . n 
A 1 61  VAL 61  320 320 VAL VAL A . n 
A 1 62  ASN 62  321 321 ASN ASN A . n 
A 1 63  ASP 63  322 322 ASP ASP A . n 
A 1 64  MET 64  323 323 MET MET A . n 
A 1 65  ASN 65  324 324 ASN ASN A . n 
A 1 66  PHE 66  325 325 PHE PHE A . n 
A 1 67  GLU 67  326 326 GLU GLU A . n 
A 1 68  ASN 68  327 327 ASN ASN A . n 
A 1 69  MET 69  328 328 MET MET A . n 
A 1 70  SER 70  329 329 SER SER A . n 
A 1 71  ASN 71  330 330 ASN ASN A . n 
A 1 72  ASP 72  331 331 ASP ASP A . n 
A 1 73  ASP 73  332 332 ASP ASP A . n 
A 1 74  ALA 74  333 333 ALA ALA A . n 
A 1 75  VAL 75  334 334 VAL VAL A . n 
A 1 76  ARG 76  335 335 ARG ARG A . n 
A 1 77  VAL 77  336 336 VAL VAL A . n 
A 1 78  LEU 78  337 337 LEU LEU A . n 
A 1 79  ARG 79  338 338 ARG ARG A . n 
A 1 80  ASP 80  339 339 ASP ASP A . n 
A 1 81  ILE 81  340 340 ILE ILE A . n 
A 1 82  VAL 82  341 341 VAL VAL A . n 
A 1 83  HIS 83  342 342 HIS HIS A . n 
A 1 84  LYS 84  343 343 LYS LYS A . n 
A 1 85  PRO 85  344 344 PRO PRO A . n 
A 1 86  GLY 86  345 345 GLY GLY A . n 
A 1 87  PRO 87  346 346 PRO PRO A . n 
A 1 88  ILE 88  347 347 ILE ILE A . n 
A 1 89  VAL 89  348 348 VAL VAL A . n 
A 1 90  LEU 90  349 349 LEU LEU A . n 
A 1 91  THR 91  350 350 THR THR A . n 
A 1 92  VAL 92  351 351 VAL VAL A . n 
A 1 93  ALA 93  352 352 ALA ALA A . n 
A 1 94  LYS 94  353 353 LYS LYS A . n 
A 1 95  SER 95  354 354 SER SER A . n 
A 1 96  GLY 96  355 355 GLY GLY A . n 
A 1 97  GLY 97  356 356 GLY GLY A . n 
A 1 98  GLY 98  357 ?   ?   ?   A . n 
A 1 99  SER 99  358 358 SER SER A . n 
A 1 100 GLY 100 359 359 GLY GLY A . n 
A 1 101 ASN 101 360 360 ASN ASN A . n 
A 1 102 GLU 102 361 361 GLU GLU A . n 
A 1 103 VAL 103 362 362 VAL VAL A . n 
A 1 104 TRP 104 363 363 TRP TRP A . n 
A 1 105 ILE 105 364 364 ILE ILE A . n 
A 1 106 ASP 106 365 365 ASP ASP A . n 
A 1 107 GLY 107 366 366 GLY GLY A . n 
A 1 108 PRO 108 367 367 PRO PRO A . n 
# 
loop_
_pdbx_nonpoly_scheme.asym_id 
_pdbx_nonpoly_scheme.entity_id 
_pdbx_nonpoly_scheme.mon_id 
_pdbx_nonpoly_scheme.ndb_seq_num 
_pdbx_nonpoly_scheme.pdb_seq_num 
_pdbx_nonpoly_scheme.auth_seq_num 
_pdbx_nonpoly_scheme.pdb_mon_id 
_pdbx_nonpoly_scheme.auth_mon_id 
_pdbx_nonpoly_scheme.pdb_strand_id 
_pdbx_nonpoly_scheme.pdb_ins_code 
B 2 PO4 1  2001 2001 PO4 PO4 A . 
C 3 EDO 1  2002 2002 EDO EDO A . 
D 3 EDO 1  2003 2003 EDO EDO A . 
E 4 HOH 1  1001 1001 HOH HOH A . 
E 4 HOH 2  1002 1002 HOH HOH A . 
E 4 HOH 3  1003 1003 HOH HOH A . 
E 4 HOH 4  1004 1004 HOH HOH A . 
E 4 HOH 5  1005 1005 HOH HOH A . 
E 4 HOH 6  1006 1006 HOH HOH A . 
E 4 HOH 7  1007 1007 HOH HOH A . 
E 4 HOH 8  1008 1008 HOH HOH A . 
E 4 HOH 9  1009 1009 HOH HOH A . 
E 4 HOH 10 1010 1010 HOH HOH A . 
E 4 HOH 11 1011 1011 HOH HOH A . 
E 4 HOH 12 1012 1012 HOH HOH A . 
E 4 HOH 13 1013 1013 HOH HOH A . 
E 4 HOH 14 1014 1014 HOH HOH A . 
E 4 HOH 15 1015 1015 HOH HOH A . 
E 4 HOH 16 1016 1016 HOH HOH A . 
E 4 HOH 17 1017 1017 HOH HOH A . 
E 4 HOH 18 1018 1018 HOH HOH A . 
E 4 HOH 19 1019 1019 HOH HOH A . 
E 4 HOH 20 1020 1020 HOH HOH A . 
E 4 HOH 21 1021 1021 HOH HOH A . 
E 4 HOH 22 1022 1022 HOH HOH A . 
E 4 HOH 23 1023 1023 HOH HOH A . 
E 4 HOH 24 1024 1024 HOH HOH A . 
E 4 HOH 25 1025 1025 HOH HOH A . 
E 4 HOH 26 1026 1026 HOH HOH A . 
E 4 HOH 27 1027 1027 HOH HOH A . 
E 4 HOH 28 1028 1028 HOH HOH A . 
E 4 HOH 29 1029 1029 HOH HOH A . 
E 4 HOH 30 1030 1030 HOH HOH A . 
E 4 HOH 31 1031 1031 HOH HOH A . 
E 4 HOH 32 1032 1032 HOH HOH A . 
E 4 HOH 33 1033 1033 HOH HOH A . 
E 4 HOH 34 1034 1034 HOH HOH A . 
E 4 HOH 35 1035 1035 HOH HOH A . 
E 4 HOH 36 1036 1036 HOH HOH A . 
E 4 HOH 37 1037 1037 HOH HOH A . 
E 4 HOH 38 1038 1038 HOH HOH A . 
E 4 HOH 39 1039 1039 HOH HOH A . 
E 4 HOH 40 1040 1040 HOH HOH A . 
E 4 HOH 41 1041 1041 HOH HOH A . 
E 4 HOH 42 1042 1042 HOH HOH A . 
E 4 HOH 43 1043 1043 HOH HOH A . 
E 4 HOH 44 1044 1044 HOH HOH A . 
E 4 HOH 45 1045 1045 HOH HOH A . 
E 4 HOH 46 1046 1046 HOH HOH A . 
E 4 HOH 47 1047 1047 HOH HOH A . 
E 4 HOH 48 1048 1048 HOH HOH A . 
E 4 HOH 49 1049 1049 HOH HOH A . 
E 4 HOH 50 1050 1050 HOH HOH A . 
E 4 HOH 51 1051 1051 HOH HOH A . 
E 4 HOH 52 1052 1052 HOH HOH A . 
E 4 HOH 53 1053 1053 HOH HOH A . 
E 4 HOH 54 1054 1054 HOH HOH A . 
E 4 HOH 55 1055 1055 HOH HOH A . 
E 4 HOH 56 1056 1056 HOH HOH A . 
E 4 HOH 57 1057 1057 HOH HOH A . 
E 4 HOH 58 1058 1058 HOH HOH A . 
E 4 HOH 59 1059 1059 HOH HOH A . 
E 4 HOH 60 1060 1060 HOH HOH A . 
E 4 HOH 61 1061 1061 HOH HOH A . 
E 4 HOH 62 1062 1062 HOH HOH A . 
E 4 HOH 63 1063 1063 HOH HOH A . 
E 4 HOH 64 1064 1064 HOH HOH A . 
E 4 HOH 65 1065 1065 HOH HOH A . 
E 4 HOH 66 1066 1066 HOH HOH A . 
E 4 HOH 67 1067 1067 HOH HOH A . 
E 4 HOH 68 1068 1068 HOH HOH A . 
E 4 HOH 69 1069 1069 HOH HOH A . 
E 4 HOH 70 1070 1070 HOH HOH A . 
E 4 HOH 71 1071 1071 HOH HOH A . 
E 4 HOH 72 1072 1072 HOH HOH A . 
E 4 HOH 73 1073 1073 HOH HOH A . 
E 4 HOH 74 1074 1074 HOH HOH A . 
E 4 HOH 75 1075 1075 HOH HOH A . 
E 4 HOH 76 1076 1076 HOH HOH A . 
E 4 HOH 77 1077 1077 HOH HOH A . 
E 4 HOH 78 1078 1078 HOH HOH A . 
E 4 HOH 79 1079 1079 HOH HOH A . 
E 4 HOH 80 1080 1080 HOH HOH A . 
E 4 HOH 81 1081 1081 HOH HOH A . 
E 4 HOH 82 1082 1082 HOH HOH A . 
E 4 HOH 83 1083 1083 HOH HOH A . 
E 4 HOH 84 1085 1085 HOH HOH A . 
E 4 HOH 85 1086 1086 HOH HOH A . 
E 4 HOH 86 1087 1087 HOH HOH A . 
E 4 HOH 87 1088 1088 HOH HOH A . 
# 
_pdbx_struct_assembly.id                   1 
_pdbx_struct_assembly.details              software_defined_assembly 
_pdbx_struct_assembly.method_details       PISA 
_pdbx_struct_assembly.oligomeric_details   monomeric 
_pdbx_struct_assembly.oligomeric_count     1 
# 
_pdbx_struct_assembly_gen.assembly_id       1 
_pdbx_struct_assembly_gen.oper_expression   1 
_pdbx_struct_assembly_gen.asym_id_list      A,B,C,D,E 
# 
_pdbx_struct_oper_list.id                   1 
_pdbx_struct_oper_list.type                 'identity operation' 
_pdbx_struct_oper_list.name                 1_555 
_pdbx_struct_oper_list.symmetry_operation   x,y,z 
_pdbx_struct_oper_list.matrix[1][1]         1.0000000000 
_pdbx_struct_oper_list.matrix[1][2]         0.0000000000 
_pdbx_struct_oper_list.matrix[1][3]         0.0000000000 
_pdbx_struct_oper_list.vector[1]            0.0000000000 
_pdbx_struct_oper_list.matrix[2][1]         0.0000000000 
_pdbx_struct_oper_list.matrix[2][2]         1.0000000000 
_pdbx_struct_oper_list.matrix[2][3]         0.0000000000 
_pdbx_struct_oper_list.vector[2]            0.0000000000 
_pdbx_struct_oper_list.matrix[3][1]         0.0000000000 
_pdbx_struct_oper_list.matrix[3][2]         0.0000000000 
_pdbx_struct_oper_list.matrix[3][3]         1.0000000000 
_pdbx_struct_oper_list.vector[3]            0.0000000000 
# 
loop_
_pdbx_audit_revision_history.ordinal 
_pdbx_audit_revision_history.data_content_type 
_pdbx_audit_revision_history.major_revision 
_pdbx_audit_revision_history.minor_revision 
_pdbx_audit_revision_history.revision_date 
1 'Structure model' 1 0 2009-03-03 
2 'Structure model' 1 1 2011-07-13 
3 'Structure model' 1 2 2017-10-25 
4 'Structure model' 1 3 2021-10-20 
5 'Structure model' 1 4 2023-08-30 
# 
_pdbx_audit_revision_details.ordinal             1 
_pdbx_audit_revision_details.revision_ordinal    1 
_pdbx_audit_revision_details.data_content_type   'Structure model' 
_pdbx_audit_revision_details.provider            repository 
_pdbx_audit_revision_details.type                'Initial release' 
_pdbx_audit_revision_details.description         ? 
_pdbx_audit_revision_details.details             ? 
# 
loop_
_pdbx_audit_revision_group.ordinal 
_pdbx_audit_revision_group.revision_ordinal 
_pdbx_audit_revision_group.data_content_type 
_pdbx_audit_revision_group.group 
1 2 'Structure model' 'Version format compliance' 
2 3 'Structure model' 'Refinement description'    
3 4 'Structure model' 'Database references'       
4 5 'Structure model' 'Data collection'           
5 5 'Structure model' 'Refinement description'    
# 
loop_
_pdbx_audit_revision_category.ordinal 
_pdbx_audit_revision_category.revision_ordinal 
_pdbx_audit_revision_category.data_content_type 
_pdbx_audit_revision_category.category 
1 3 'Structure model' software                      
2 4 'Structure model' database_2                    
3 4 'Structure model' struct_ref_seq_dif            
4 5 'Structure model' chem_comp_atom                
5 5 'Structure model' chem_comp_bond                
6 5 'Structure model' pdbx_initial_refinement_model 
# 
loop_
_pdbx_audit_revision_item.ordinal 
_pdbx_audit_revision_item.revision_ordinal 
_pdbx_audit_revision_item.data_content_type 
_pdbx_audit_revision_item.item 
1 4 'Structure model' '_database_2.pdbx_DOI'                
2 4 'Structure model' '_database_2.pdbx_database_accession' 
3 4 'Structure model' '_struct_ref_seq_dif.details'         
# 
_phasing.method   MR 
# 
loop_
_software.name 
_software.version 
_software.date 
_software.type 
_software.contact_author 
_software.contact_author_email 
_software.classification 
_software.location 
_software.language 
_software.citation_id 
_software.pdbx_ordinal 
DENZO       .     ?                    package 'Zbyszek Otwinowski' zbyszek@mix.swmed.edu       'data reduction'  
http://www.lnls.br/infra/linhasluz/denzo-hkl.htm ?          ? 1 
SCALEPACK   .     ?                    package 'Zbyszek Otwinowski' zbyszek@mix.swmed.edu       'data scaling'    
http://www.lnls.br/infra/linhasluz/denzo-hkl.htm ?          ? 2 
PHASER      .     ?                    other   'R. J. Read'         cimr-phaser@lists.cam.ac.uk phasing           
http://www-structmed.cimr.cam.ac.uk/phaser/      ?          ? 3 
REFMAC      .     ?                    program 'Murshudov, G.N.'    ccp4@dl.ac.uk               refinement        
http://www.ccp4.ac.uk/main.html                  Fortran_77 ? 4 
PDB_EXTRACT 3.004 'September 10, 2007' package PDB                  sw-help@rcsb.rutgers.edu    'data extraction' 
http://pdb.rutgers.edu/software/                 C++        ? 5 
# 
_pdbx_entry_details.entry_id                 3CBZ 
_pdbx_entry_details.sequence_details         'THE PEPTIDE LIGAND WAS FUSED TO THE C TERMINUS OF THE LINKER' 
_pdbx_entry_details.compound_details         ? 
_pdbx_entry_details.source_details           ? 
_pdbx_entry_details.nonpolymer_details       ? 
_pdbx_entry_details.has_ligand_of_interest   ? 
# 
_pdbx_validate_close_contact.id               1 
_pdbx_validate_close_contact.PDB_model_num    1 
_pdbx_validate_close_contact.auth_atom_id_1   O 
_pdbx_validate_close_contact.auth_asym_id_1   A 
_pdbx_validate_close_contact.auth_comp_id_1   GLY 
_pdbx_validate_close_contact.auth_seq_id_1    345 
_pdbx_validate_close_contact.PDB_ins_code_1   ? 
_pdbx_validate_close_contact.label_alt_id_1   ? 
_pdbx_validate_close_contact.auth_atom_id_2   O 
_pdbx_validate_close_contact.auth_asym_id_2   A 
_pdbx_validate_close_contact.auth_comp_id_2   HOH 
_pdbx_validate_close_contact.auth_seq_id_2    1082 
_pdbx_validate_close_contact.PDB_ins_code_2   ? 
_pdbx_validate_close_contact.label_alt_id_2   ? 
_pdbx_validate_close_contact.dist             2.14 
# 
loop_
_pdbx_validate_torsion.id 
_pdbx_validate_torsion.PDB_model_num 
_pdbx_validate_torsion.auth_comp_id 
_pdbx_validate_torsion.auth_asym_id 
_pdbx_validate_torsion.auth_seq_id 
_pdbx_validate_torsion.PDB_ins_code 
_pdbx_validate_torsion.label_alt_id 
_pdbx_validate_torsion.phi 
_pdbx_validate_torsion.psi 
1 1 ASN A 276 ? ? 79.97 -28.85  
2 1 ASN A 321 ? ? 52.50 -133.11 
# 
loop_
_pdbx_unobs_or_zero_occ_residues.id 
_pdbx_unobs_or_zero_occ_residues.PDB_model_num 
_pdbx_unobs_or_zero_occ_residues.polymer_flag 
_pdbx_unobs_or_zero_occ_residues.occupancy_flag 
_pdbx_unobs_or_zero_occ_residues.auth_asym_id 
_pdbx_unobs_or_zero_occ_residues.auth_comp_id 
_pdbx_unobs_or_zero_occ_residues.auth_seq_id 
_pdbx_unobs_or_zero_occ_residues.PDB_ins_code 
_pdbx_unobs_or_zero_occ_residues.label_asym_id 
_pdbx_unobs_or_zero_occ_residues.label_comp_id 
_pdbx_unobs_or_zero_occ_residues.label_seq_id 
1 1 Y 1 A GLY 260 ? A GLY 1  
2 1 Y 1 A SER 261 ? A SER 2  
3 1 Y 1 A HIS 262 ? A HIS 3  
4 1 Y 1 A GLY 357 ? A GLY 98 
# 
loop_
_chem_comp_atom.comp_id 
_chem_comp_atom.atom_id 
_chem_comp_atom.type_symbol 
_chem_comp_atom.pdbx_aromatic_flag 
_chem_comp_atom.pdbx_stereo_config 
_chem_comp_atom.pdbx_ordinal 
ALA N    N N N 1   
ALA CA   C N S 2   
ALA C    C N N 3   
ALA O    O N N 4   
ALA CB   C N N 5   
ALA OXT  O N N 6   
ALA H    H N N 7   
ALA H2   H N N 8   
ALA HA   H N N 9   
ALA HB1  H N N 10  
ALA HB2  H N N 11  
ALA HB3  H N N 12  
ALA HXT  H N N 13  
ARG N    N N N 14  
ARG CA   C N S 15  
ARG C    C N N 16  
ARG O    O N N 17  
ARG CB   C N N 18  
ARG CG   C N N 19  
ARG CD   C N N 20  
ARG NE   N N N 21  
ARG CZ   C N N 22  
ARG NH1  N N N 23  
ARG NH2  N N N 24  
ARG OXT  O N N 25  
ARG H    H N N 26  
ARG H2   H N N 27  
ARG HA   H N N 28  
ARG HB2  H N N 29  
ARG HB3  H N N 30  
ARG HG2  H N N 31  
ARG HG3  H N N 32  
ARG HD2  H N N 33  
ARG HD3  H N N 34  
ARG HE   H N N 35  
ARG HH11 H N N 36  
ARG HH12 H N N 37  
ARG HH21 H N N 38  
ARG HH22 H N N 39  
ARG HXT  H N N 40  
ASN N    N N N 41  
ASN CA   C N S 42  
ASN C    C N N 43  
ASN O    O N N 44  
ASN CB   C N N 45  
ASN CG   C N N 46  
ASN OD1  O N N 47  
ASN ND2  N N N 48  
ASN OXT  O N N 49  
ASN H    H N N 50  
ASN H2   H N N 51  
ASN HA   H N N 52  
ASN HB2  H N N 53  
ASN HB3  H N N 54  
ASN HD21 H N N 55  
ASN HD22 H N N 56  
ASN HXT  H N N 57  
ASP N    N N N 58  
ASP CA   C N S 59  
ASP C    C N N 60  
ASP O    O N N 61  
ASP CB   C N N 62  
ASP CG   C N N 63  
ASP OD1  O N N 64  
ASP OD2  O N N 65  
ASP OXT  O N N 66  
ASP H    H N N 67  
ASP H2   H N N 68  
ASP HA   H N N 69  
ASP HB2  H N N 70  
ASP HB3  H N N 71  
ASP HD2  H N N 72  
ASP HXT  H N N 73  
CYS N    N N N 74  
CYS CA   C N R 75  
CYS C    C N N 76  
CYS O    O N N 77  
CYS CB   C N N 78  
CYS SG   S N N 79  
CYS OXT  O N N 80  
CYS H    H N N 81  
CYS H2   H N N 82  
CYS HA   H N N 83  
CYS HB2  H N N 84  
CYS HB3  H N N 85  
CYS HG   H N N 86  
CYS HXT  H N N 87  
EDO C1   C N N 88  
EDO O1   O N N 89  
EDO C2   C N N 90  
EDO O2   O N N 91  
EDO H11  H N N 92  
EDO H12  H N N 93  
EDO HO1  H N N 94  
EDO H21  H N N 95  
EDO H22  H N N 96  
EDO HO2  H N N 97  
GLN N    N N N 98  
GLN CA   C N S 99  
GLN C    C N N 100 
GLN O    O N N 101 
GLN CB   C N N 102 
GLN CG   C N N 103 
GLN CD   C N N 104 
GLN OE1  O N N 105 
GLN NE2  N N N 106 
GLN OXT  O N N 107 
GLN H    H N N 108 
GLN H2   H N N 109 
GLN HA   H N N 110 
GLN HB2  H N N 111 
GLN HB3  H N N 112 
GLN HG2  H N N 113 
GLN HG3  H N N 114 
GLN HE21 H N N 115 
GLN HE22 H N N 116 
GLN HXT  H N N 117 
GLU N    N N N 118 
GLU CA   C N S 119 
GLU C    C N N 120 
GLU O    O N N 121 
GLU CB   C N N 122 
GLU CG   C N N 123 
GLU CD   C N N 124 
GLU OE1  O N N 125 
GLU OE2  O N N 126 
GLU OXT  O N N 127 
GLU H    H N N 128 
GLU H2   H N N 129 
GLU HA   H N N 130 
GLU HB2  H N N 131 
GLU HB3  H N N 132 
GLU HG2  H N N 133 
GLU HG3  H N N 134 
GLU HE2  H N N 135 
GLU HXT  H N N 136 
GLY N    N N N 137 
GLY CA   C N N 138 
GLY C    C N N 139 
GLY O    O N N 140 
GLY OXT  O N N 141 
GLY H    H N N 142 
GLY H2   H N N 143 
GLY HA2  H N N 144 
GLY HA3  H N N 145 
GLY HXT  H N N 146 
HIS N    N N N 147 
HIS CA   C N S 148 
HIS C    C N N 149 
HIS O    O N N 150 
HIS CB   C N N 151 
HIS CG   C Y N 152 
HIS ND1  N Y N 153 
HIS CD2  C Y N 154 
HIS CE1  C Y N 155 
HIS NE2  N Y N 156 
HIS OXT  O N N 157 
HIS H    H N N 158 
HIS H2   H N N 159 
HIS HA   H N N 160 
HIS HB2  H N N 161 
HIS HB3  H N N 162 
HIS HD1  H N N 163 
HIS HD2  H N N 164 
HIS HE1  H N N 165 
HIS HE2  H N N 166 
HIS HXT  H N N 167 
HOH O    O N N 168 
HOH H1   H N N 169 
HOH H2   H N N 170 
ILE N    N N N 171 
ILE CA   C N S 172 
ILE C    C N N 173 
ILE O    O N N 174 
ILE CB   C N S 175 
ILE CG1  C N N 176 
ILE CG2  C N N 177 
ILE CD1  C N N 178 
ILE OXT  O N N 179 
ILE H    H N N 180 
ILE H2   H N N 181 
ILE HA   H N N 182 
ILE HB   H N N 183 
ILE HG12 H N N 184 
ILE HG13 H N N 185 
ILE HG21 H N N 186 
ILE HG22 H N N 187 
ILE HG23 H N N 188 
ILE HD11 H N N 189 
ILE HD12 H N N 190 
ILE HD13 H N N 191 
ILE HXT  H N N 192 
LEU N    N N N 193 
LEU CA   C N S 194 
LEU C    C N N 195 
LEU O    O N N 196 
LEU CB   C N N 197 
LEU CG   C N N 198 
LEU CD1  C N N 199 
LEU CD2  C N N 200 
LEU OXT  O N N 201 
LEU H    H N N 202 
LEU H2   H N N 203 
LEU HA   H N N 204 
LEU HB2  H N N 205 
LEU HB3  H N N 206 
LEU HG   H N N 207 
LEU HD11 H N N 208 
LEU HD12 H N N 209 
LEU HD13 H N N 210 
LEU HD21 H N N 211 
LEU HD22 H N N 212 
LEU HD23 H N N 213 
LEU HXT  H N N 214 
LYS N    N N N 215 
LYS CA   C N S 216 
LYS C    C N N 217 
LYS O    O N N 218 
LYS CB   C N N 219 
LYS CG   C N N 220 
LYS CD   C N N 221 
LYS CE   C N N 222 
LYS NZ   N N N 223 
LYS OXT  O N N 224 
LYS H    H N N 225 
LYS H2   H N N 226 
LYS HA   H N N 227 
LYS HB2  H N N 228 
LYS HB3  H N N 229 
LYS HG2  H N N 230 
LYS HG3  H N N 231 
LYS HD2  H N N 232 
LYS HD3  H N N 233 
LYS HE2  H N N 234 
LYS HE3  H N N 235 
LYS HZ1  H N N 236 
LYS HZ2  H N N 237 
LYS HZ3  H N N 238 
LYS HXT  H N N 239 
MET N    N N N 240 
MET CA   C N S 241 
MET C    C N N 242 
MET O    O N N 243 
MET CB   C N N 244 
MET CG   C N N 245 
MET SD   S N N 246 
MET CE   C N N 247 
MET OXT  O N N 248 
MET H    H N N 249 
MET H2   H N N 250 
MET HA   H N N 251 
MET HB2  H N N 252 
MET HB3  H N N 253 
MET HG2  H N N 254 
MET HG3  H N N 255 
MET HE1  H N N 256 
MET HE2  H N N 257 
MET HE3  H N N 258 
MET HXT  H N N 259 
PHE N    N N N 260 
PHE CA   C N S 261 
PHE C    C N N 262 
PHE O    O N N 263 
PHE CB   C N N 264 
PHE CG   C Y N 265 
PHE CD1  C Y N 266 
PHE CD2  C Y N 267 
PHE CE1  C Y N 268 
PHE CE2  C Y N 269 
PHE CZ   C Y N 270 
PHE OXT  O N N 271 
PHE H    H N N 272 
PHE H2   H N N 273 
PHE HA   H N N 274 
PHE HB2  H N N 275 
PHE HB3  H N N 276 
PHE HD1  H N N 277 
PHE HD2  H N N 278 
PHE HE1  H N N 279 
PHE HE2  H N N 280 
PHE HZ   H N N 281 
PHE HXT  H N N 282 
PO4 P    P N N 283 
PO4 O1   O N N 284 
PO4 O2   O N N 285 
PO4 O3   O N N 286 
PO4 O4   O N N 287 
PRO N    N N N 288 
PRO CA   C N S 289 
PRO C    C N N 290 
PRO O    O N N 291 
PRO CB   C N N 292 
PRO CG   C N N 293 
PRO CD   C N N 294 
PRO OXT  O N N 295 
PRO H    H N N 296 
PRO HA   H N N 297 
PRO HB2  H N N 298 
PRO HB3  H N N 299 
PRO HG2  H N N 300 
PRO HG3  H N N 301 
PRO HD2  H N N 302 
PRO HD3  H N N 303 
PRO HXT  H N N 304 
SER N    N N N 305 
SER CA   C N S 306 
SER C    C N N 307 
SER O    O N N 308 
SER CB   C N N 309 
SER OG   O N N 310 
SER OXT  O N N 311 
SER H    H N N 312 
SER H2   H N N 313 
SER HA   H N N 314 
SER HB2  H N N 315 
SER HB3  H N N 316 
SER HG   H N N 317 
SER HXT  H N N 318 
THR N    N N N 319 
THR CA   C N S 320 
THR C    C N N 321 
THR O    O N N 322 
THR CB   C N R 323 
THR OG1  O N N 324 
THR CG2  C N N 325 
THR OXT  O N N 326 
THR H    H N N 327 
THR H2   H N N 328 
THR HA   H N N 329 
THR HB   H N N 330 
THR HG1  H N N 331 
THR HG21 H N N 332 
THR HG22 H N N 333 
THR HG23 H N N 334 
THR HXT  H N N 335 
TRP N    N N N 336 
TRP CA   C N S 337 
TRP C    C N N 338 
TRP O    O N N 339 
TRP CB   C N N 340 
TRP CG   C Y N 341 
TRP CD1  C Y N 342 
TRP CD2  C Y N 343 
TRP NE1  N Y N 344 
TRP CE2  C Y N 345 
TRP CE3  C Y N 346 
TRP CZ2  C Y N 347 
TRP CZ3  C Y N 348 
TRP CH2  C Y N 349 
TRP OXT  O N N 350 
TRP H    H N N 351 
TRP H2   H N N 352 
TRP HA   H N N 353 
TRP HB2  H N N 354 
TRP HB3  H N N 355 
TRP HD1  H N N 356 
TRP HE1  H N N 357 
TRP HE3  H N N 358 
TRP HZ2  H N N 359 
TRP HZ3  H N N 360 
TRP HH2  H N N 361 
TRP HXT  H N N 362 
TYR N    N N N 363 
TYR CA   C N S 364 
TYR C    C N N 365 
TYR O    O N N 366 
TYR CB   C N N 367 
TYR CG   C Y N 368 
TYR CD1  C Y N 369 
TYR CD2  C Y N 370 
TYR CE1  C Y N 371 
TYR CE2  C Y N 372 
TYR CZ   C Y N 373 
TYR OH   O N N 374 
TYR OXT  O N N 375 
TYR H    H N N 376 
TYR H2   H N N 377 
TYR HA   H N N 378 
TYR HB2  H N N 379 
TYR HB3  H N N 380 
TYR HD1  H N N 381 
TYR HD2  H N N 382 
TYR HE1  H N N 383 
TYR HE2  H N N 384 
TYR HH   H N N 385 
TYR HXT  H N N 386 
VAL N    N N N 387 
VAL CA   C N S 388 
VAL C    C N N 389 
VAL O    O N N 390 
VAL CB   C N N 391 
VAL CG1  C N N 392 
VAL CG2  C N N 393 
VAL OXT  O N N 394 
VAL H    H N N 395 
VAL H2   H N N 396 
VAL HA   H N N 397 
VAL HB   H N N 398 
VAL HG11 H N N 399 
VAL HG12 H N N 400 
VAL HG13 H N N 401 
VAL HG21 H N N 402 
VAL HG22 H N N 403 
VAL HG23 H N N 404 
VAL HXT  H N N 405 
# 
loop_
_chem_comp_bond.comp_id 
_chem_comp_bond.atom_id_1 
_chem_comp_bond.atom_id_2 
_chem_comp_bond.value_order 
_chem_comp_bond.pdbx_aromatic_flag 
_chem_comp_bond.pdbx_stereo_config 
_chem_comp_bond.pdbx_ordinal 
ALA N   CA   sing N N 1   
ALA N   H    sing N N 2   
ALA N   H2   sing N N 3   
ALA CA  C    sing N N 4   
ALA CA  CB   sing N N 5   
ALA CA  HA   sing N N 6   
ALA C   O    doub N N 7   
ALA C   OXT  sing N N 8   
ALA CB  HB1  sing N N 9   
ALA CB  HB2  sing N N 10  
ALA CB  HB3  sing N N 11  
ALA OXT HXT  sing N N 12  
ARG N   CA   sing N N 13  
ARG N   H    sing N N 14  
ARG N   H2   sing N N 15  
ARG CA  C    sing N N 16  
ARG CA  CB   sing N N 17  
ARG CA  HA   sing N N 18  
ARG C   O    doub N N 19  
ARG C   OXT  sing N N 20  
ARG CB  CG   sing N N 21  
ARG CB  HB2  sing N N 22  
ARG CB  HB3  sing N N 23  
ARG CG  CD   sing N N 24  
ARG CG  HG2  sing N N 25  
ARG CG  HG3  sing N N 26  
ARG CD  NE   sing N N 27  
ARG CD  HD2  sing N N 28  
ARG CD  HD3  sing N N 29  
ARG NE  CZ   sing N N 30  
ARG NE  HE   sing N N 31  
ARG CZ  NH1  sing N N 32  
ARG CZ  NH2  doub N N 33  
ARG NH1 HH11 sing N N 34  
ARG NH1 HH12 sing N N 35  
ARG NH2 HH21 sing N N 36  
ARG NH2 HH22 sing N N 37  
ARG OXT HXT  sing N N 38  
ASN N   CA   sing N N 39  
ASN N   H    sing N N 40  
ASN N   H2   sing N N 41  
ASN CA  C    sing N N 42  
ASN CA  CB   sing N N 43  
ASN CA  HA   sing N N 44  
ASN C   O    doub N N 45  
ASN C   OXT  sing N N 46  
ASN CB  CG   sing N N 47  
ASN CB  HB2  sing N N 48  
ASN CB  HB3  sing N N 49  
ASN CG  OD1  doub N N 50  
ASN CG  ND2  sing N N 51  
ASN ND2 HD21 sing N N 52  
ASN ND2 HD22 sing N N 53  
ASN OXT HXT  sing N N 54  
ASP N   CA   sing N N 55  
ASP N   H    sing N N 56  
ASP N   H2   sing N N 57  
ASP CA  C    sing N N 58  
ASP CA  CB   sing N N 59  
ASP CA  HA   sing N N 60  
ASP C   O    doub N N 61  
ASP C   OXT  sing N N 62  
ASP CB  CG   sing N N 63  
ASP CB  HB2  sing N N 64  
ASP CB  HB3  sing N N 65  
ASP CG  OD1  doub N N 66  
ASP CG  OD2  sing N N 67  
ASP OD2 HD2  sing N N 68  
ASP OXT HXT  sing N N 69  
CYS N   CA   sing N N 70  
CYS N   H    sing N N 71  
CYS N   H2   sing N N 72  
CYS CA  C    sing N N 73  
CYS CA  CB   sing N N 74  
CYS CA  HA   sing N N 75  
CYS C   O    doub N N 76  
CYS C   OXT  sing N N 77  
CYS CB  SG   sing N N 78  
CYS CB  HB2  sing N N 79  
CYS CB  HB3  sing N N 80  
CYS SG  HG   sing N N 81  
CYS OXT HXT  sing N N 82  
EDO C1  O1   sing N N 83  
EDO C1  C2   sing N N 84  
EDO C1  H11  sing N N 85  
EDO C1  H12  sing N N 86  
EDO O1  HO1  sing N N 87  
EDO C2  O2   sing N N 88  
EDO C2  H21  sing N N 89  
EDO C2  H22  sing N N 90  
EDO O2  HO2  sing N N 91  
GLN N   CA   sing N N 92  
GLN N   H    sing N N 93  
GLN N   H2   sing N N 94  
GLN CA  C    sing N N 95  
GLN CA  CB   sing N N 96  
GLN CA  HA   sing N N 97  
GLN C   O    doub N N 98  
GLN C   OXT  sing N N 99  
GLN CB  CG   sing N N 100 
GLN CB  HB2  sing N N 101 
GLN CB  HB3  sing N N 102 
GLN CG  CD   sing N N 103 
GLN CG  HG2  sing N N 104 
GLN CG  HG3  sing N N 105 
GLN CD  OE1  doub N N 106 
GLN CD  NE2  sing N N 107 
GLN NE2 HE21 sing N N 108 
GLN NE2 HE22 sing N N 109 
GLN OXT HXT  sing N N 110 
GLU N   CA   sing N N 111 
GLU N   H    sing N N 112 
GLU N   H2   sing N N 113 
GLU CA  C    sing N N 114 
GLU CA  CB   sing N N 115 
GLU CA  HA   sing N N 116 
GLU C   O    doub N N 117 
GLU C   OXT  sing N N 118 
GLU CB  CG   sing N N 119 
GLU CB  HB2  sing N N 120 
GLU CB  HB3  sing N N 121 
GLU CG  CD   sing N N 122 
GLU CG  HG2  sing N N 123 
GLU CG  HG3  sing N N 124 
GLU CD  OE1  doub N N 125 
GLU CD  OE2  sing N N 126 
GLU OE2 HE2  sing N N 127 
GLU OXT HXT  sing N N 128 
GLY N   CA   sing N N 129 
GLY N   H    sing N N 130 
GLY N   H2   sing N N 131 
GLY CA  C    sing N N 132 
GLY CA  HA2  sing N N 133 
GLY CA  HA3  sing N N 134 
GLY C   O    doub N N 135 
GLY C   OXT  sing N N 136 
GLY OXT HXT  sing N N 137 
HIS N   CA   sing N N 138 
HIS N   H    sing N N 139 
HIS N   H2   sing N N 140 
HIS CA  C    sing N N 141 
HIS CA  CB   sing N N 142 
HIS CA  HA   sing N N 143 
HIS C   O    doub N N 144 
HIS C   OXT  sing N N 145 
HIS CB  CG   sing N N 146 
HIS CB  HB2  sing N N 147 
HIS CB  HB3  sing N N 148 
HIS CG  ND1  sing Y N 149 
HIS CG  CD2  doub Y N 150 
HIS ND1 CE1  doub Y N 151 
HIS ND1 HD1  sing N N 152 
HIS CD2 NE2  sing Y N 153 
HIS CD2 HD2  sing N N 154 
HIS CE1 NE2  sing Y N 155 
HIS CE1 HE1  sing N N 156 
HIS NE2 HE2  sing N N 157 
HIS OXT HXT  sing N N 158 
HOH O   H1   sing N N 159 
HOH O   H2   sing N N 160 
ILE N   CA   sing N N 161 
ILE N   H    sing N N 162 
ILE N   H2   sing N N 163 
ILE CA  C    sing N N 164 
ILE CA  CB   sing N N 165 
ILE CA  HA   sing N N 166 
ILE C   O    doub N N 167 
ILE C   OXT  sing N N 168 
ILE CB  CG1  sing N N 169 
ILE CB  CG2  sing N N 170 
ILE CB  HB   sing N N 171 
ILE CG1 CD1  sing N N 172 
ILE CG1 HG12 sing N N 173 
ILE CG1 HG13 sing N N 174 
ILE CG2 HG21 sing N N 175 
ILE CG2 HG22 sing N N 176 
ILE CG2 HG23 sing N N 177 
ILE CD1 HD11 sing N N 178 
ILE CD1 HD12 sing N N 179 
ILE CD1 HD13 sing N N 180 
ILE OXT HXT  sing N N 181 
LEU N   CA   sing N N 182 
LEU N   H    sing N N 183 
LEU N   H2   sing N N 184 
LEU CA  C    sing N N 185 
LEU CA  CB   sing N N 186 
LEU CA  HA   sing N N 187 
LEU C   O    doub N N 188 
LEU C   OXT  sing N N 189 
LEU CB  CG   sing N N 190 
LEU CB  HB2  sing N N 191 
LEU CB  HB3  sing N N 192 
LEU CG  CD1  sing N N 193 
LEU CG  CD2  sing N N 194 
LEU CG  HG   sing N N 195 
LEU CD1 HD11 sing N N 196 
LEU CD1 HD12 sing N N 197 
LEU CD1 HD13 sing N N 198 
LEU CD2 HD21 sing N N 199 
LEU CD2 HD22 sing N N 200 
LEU CD2 HD23 sing N N 201 
LEU OXT HXT  sing N N 202 
LYS N   CA   sing N N 203 
LYS N   H    sing N N 204 
LYS N   H2   sing N N 205 
LYS CA  C    sing N N 206 
LYS CA  CB   sing N N 207 
LYS CA  HA   sing N N 208 
LYS C   O    doub N N 209 
LYS C   OXT  sing N N 210 
LYS CB  CG   sing N N 211 
LYS CB  HB2  sing N N 212 
LYS CB  HB3  sing N N 213 
LYS CG  CD   sing N N 214 
LYS CG  HG2  sing N N 215 
LYS CG  HG3  sing N N 216 
LYS CD  CE   sing N N 217 
LYS CD  HD2  sing N N 218 
LYS CD  HD3  sing N N 219 
LYS CE  NZ   sing N N 220 
LYS CE  HE2  sing N N 221 
LYS CE  HE3  sing N N 222 
LYS NZ  HZ1  sing N N 223 
LYS NZ  HZ2  sing N N 224 
LYS NZ  HZ3  sing N N 225 
LYS OXT HXT  sing N N 226 
MET N   CA   sing N N 227 
MET N   H    sing N N 228 
MET N   H2   sing N N 229 
MET CA  C    sing N N 230 
MET CA  CB   sing N N 231 
MET CA  HA   sing N N 232 
MET C   O    doub N N 233 
MET C   OXT  sing N N 234 
MET CB  CG   sing N N 235 
MET CB  HB2  sing N N 236 
MET CB  HB3  sing N N 237 
MET CG  SD   sing N N 238 
MET CG  HG2  sing N N 239 
MET CG  HG3  sing N N 240 
MET SD  CE   sing N N 241 
MET CE  HE1  sing N N 242 
MET CE  HE2  sing N N 243 
MET CE  HE3  sing N N 244 
MET OXT HXT  sing N N 245 
PHE N   CA   sing N N 246 
PHE N   H    sing N N 247 
PHE N   H2   sing N N 248 
PHE CA  C    sing N N 249 
PHE CA  CB   sing N N 250 
PHE CA  HA   sing N N 251 
PHE C   O    doub N N 252 
PHE C   OXT  sing N N 253 
PHE CB  CG   sing N N 254 
PHE CB  HB2  sing N N 255 
PHE CB  HB3  sing N N 256 
PHE CG  CD1  doub Y N 257 
PHE CG  CD2  sing Y N 258 
PHE CD1 CE1  sing Y N 259 
PHE CD1 HD1  sing N N 260 
PHE CD2 CE2  doub Y N 261 
PHE CD2 HD2  sing N N 262 
PHE CE1 CZ   doub Y N 263 
PHE CE1 HE1  sing N N 264 
PHE CE2 CZ   sing Y N 265 
PHE CE2 HE2  sing N N 266 
PHE CZ  HZ   sing N N 267 
PHE OXT HXT  sing N N 268 
PO4 P   O1   doub N N 269 
PO4 P   O2   sing N N 270 
PO4 P   O3   sing N N 271 
PO4 P   O4   sing N N 272 
PRO N   CA   sing N N 273 
PRO N   CD   sing N N 274 
PRO N   H    sing N N 275 
PRO CA  C    sing N N 276 
PRO CA  CB   sing N N 277 
PRO CA  HA   sing N N 278 
PRO C   O    doub N N 279 
PRO C   OXT  sing N N 280 
PRO CB  CG   sing N N 281 
PRO CB  HB2  sing N N 282 
PRO CB  HB3  sing N N 283 
PRO CG  CD   sing N N 284 
PRO CG  HG2  sing N N 285 
PRO CG  HG3  sing N N 286 
PRO CD  HD2  sing N N 287 
PRO CD  HD3  sing N N 288 
PRO OXT HXT  sing N N 289 
SER N   CA   sing N N 290 
SER N   H    sing N N 291 
SER N   H2   sing N N 292 
SER CA  C    sing N N 293 
SER CA  CB   sing N N 294 
SER CA  HA   sing N N 295 
SER C   O    doub N N 296 
SER C   OXT  sing N N 297 
SER CB  OG   sing N N 298 
SER CB  HB2  sing N N 299 
SER CB  HB3  sing N N 300 
SER OG  HG   sing N N 301 
SER OXT HXT  sing N N 302 
THR N   CA   sing N N 303 
THR N   H    sing N N 304 
THR N   H2   sing N N 305 
THR CA  C    sing N N 306 
THR CA  CB   sing N N 307 
THR CA  HA   sing N N 308 
THR C   O    doub N N 309 
THR C   OXT  sing N N 310 
THR CB  OG1  sing N N 311 
THR CB  CG2  sing N N 312 
THR CB  HB   sing N N 313 
THR OG1 HG1  sing N N 314 
THR CG2 HG21 sing N N 315 
THR CG2 HG22 sing N N 316 
THR CG2 HG23 sing N N 317 
THR OXT HXT  sing N N 318 
TRP N   CA   sing N N 319 
TRP N   H    sing N N 320 
TRP N   H2   sing N N 321 
TRP CA  C    sing N N 322 
TRP CA  CB   sing N N 323 
TRP CA  HA   sing N N 324 
TRP C   O    doub N N 325 
TRP C   OXT  sing N N 326 
TRP CB  CG   sing N N 327 
TRP CB  HB2  sing N N 328 
TRP CB  HB3  sing N N 329 
TRP CG  CD1  doub Y N 330 
TRP CG  CD2  sing Y N 331 
TRP CD1 NE1  sing Y N 332 
TRP CD1 HD1  sing N N 333 
TRP CD2 CE2  doub Y N 334 
TRP CD2 CE3  sing Y N 335 
TRP NE1 CE2  sing Y N 336 
TRP NE1 HE1  sing N N 337 
TRP CE2 CZ2  sing Y N 338 
TRP CE3 CZ3  doub Y N 339 
TRP CE3 HE3  sing N N 340 
TRP CZ2 CH2  doub Y N 341 
TRP CZ2 HZ2  sing N N 342 
TRP CZ3 CH2  sing Y N 343 
TRP CZ3 HZ3  sing N N 344 
TRP CH2 HH2  sing N N 345 
TRP OXT HXT  sing N N 346 
TYR N   CA   sing N N 347 
TYR N   H    sing N N 348 
TYR N   H2   sing N N 349 
TYR CA  C    sing N N 350 
TYR CA  CB   sing N N 351 
TYR CA  HA   sing N N 352 
TYR C   O    doub N N 353 
TYR C   OXT  sing N N 354 
TYR CB  CG   sing N N 355 
TYR CB  HB2  sing N N 356 
TYR CB  HB3  sing N N 357 
TYR CG  CD1  doub Y N 358 
TYR CG  CD2  sing Y N 359 
TYR CD1 CE1  sing Y N 360 
TYR CD1 HD1  sing N N 361 
TYR CD2 CE2  doub Y N 362 
TYR CD2 HD2  sing N N 363 
TYR CE1 CZ   doub Y N 364 
TYR CE1 HE1  sing N N 365 
TYR CE2 CZ   sing Y N 366 
TYR CE2 HE2  sing N N 367 
TYR CZ  OH   sing N N 368 
TYR OH  HH   sing N N 369 
TYR OXT HXT  sing N N 370 
VAL N   CA   sing N N 371 
VAL N   H    sing N N 372 
VAL N   H2   sing N N 373 
VAL CA  C    sing N N 374 
VAL CA  CB   sing N N 375 
VAL CA  HA   sing N N 376 
VAL C   O    doub N N 377 
VAL C   OXT  sing N N 378 
VAL CB  CG1  sing N N 379 
VAL CB  CG2  sing N N 380 
VAL CB  HB   sing N N 381 
VAL CG1 HG11 sing N N 382 
VAL CG1 HG12 sing N N 383 
VAL CG1 HG13 sing N N 384 
VAL CG2 HG21 sing N N 385 
VAL CG2 HG22 sing N N 386 
VAL CG2 HG23 sing N N 387 
VAL OXT HXT  sing N N 388 
# 
loop_
_pdbx_entity_nonpoly.entity_id 
_pdbx_entity_nonpoly.name 
_pdbx_entity_nonpoly.comp_id 
2 'PHOSPHATE ION' PO4 
3 1,2-ETHANEDIOL  EDO 
4 water           HOH 
# 
_pdbx_initial_refinement_model.id               1 
_pdbx_initial_refinement_model.entity_id_list   ? 
_pdbx_initial_refinement_model.type             'experimental model' 
_pdbx_initial_refinement_model.source_name      PDB 
_pdbx_initial_refinement_model.accession_code   3CBX 
_pdbx_initial_refinement_model.details          ? 
# 
